data_4GJJ
#
_entry.id   4GJJ
#
_cell.length_a   74.650
_cell.length_b   104.381
_cell.length_c   113.972
_cell.angle_alpha   90.00
_cell.angle_beta   107.91
_cell.angle_gamma   90.00
#
_symmetry.space_group_name_H-M   'P 1 21 1'
#
loop_
_entity.id
_entity.type
_entity.pdbx_description
1 polymer 'L-rhamnose isomerase'
2 non-polymer 'MANGANESE (II) ION'
3 non-polymer D-ALLOSE
4 non-polymer alpha-D-allopyranose
5 water water
#
_entity_poly.entity_id   1
_entity_poly.type   'polypeptide(L)'
_entity_poly.pdbx_seq_one_letter_code
;MAEFRIAQDVVARENDRRASALKEDYEALGANLARRGVDIEAVTAKVEKFFVAVPSWGVGTGGTRFARFPGTGEPRGIFD
KLDDCAVIQQLTRATPNVSLNIPWDKADPKELKARGDALGLGFDAMNSNTFSDAPGQAHSYKYGSLSHTNAATRAQAVEH
NLECIEIGKAIGSKALTVWIGDGSNFPGQSNFTRAFERYLSAMAEIYKGLPDDWKLFSEHKMYEPAFYSTVVQDWGTNYL
IAQTLGPKAQCLVDLGHHAPNTNIEMIVARLIQFGKLGGFHFNDSKYGDDDLDAGAIEPYRLFLVFNELVDAEARGVKGF
HPAHMIDQSHNVTDPIESLINSANEIRRAYAQALLVDRAALSGYQEDNDALMATETLKRAYRTDVEPILAEARRRTGGAV
DPVATYRASGYRARVAAERPASVAGGGGIIGSHHHHHH
;
_entity_poly.pdbx_strand_id   A,B,C,D
#
# COMPACT_ATOMS: atom_id res chain seq x y z
N PHE A 4 39.28 -8.33 25.02
CA PHE A 4 38.21 -7.43 25.55
C PHE A 4 38.20 -6.08 24.85
N ARG A 5 37.56 -6.05 23.68
CA ARG A 5 37.44 -4.84 22.85
C ARG A 5 37.15 -3.57 23.66
N ILE A 6 36.44 -3.73 24.77
CA ILE A 6 36.12 -2.61 25.66
C ILE A 6 36.74 -2.92 27.02
N ALA A 7 37.54 -1.99 27.54
CA ALA A 7 38.19 -2.21 28.84
C ALA A 7 37.20 -2.62 29.93
N GLN A 8 37.49 -3.72 30.61
CA GLN A 8 36.62 -4.21 31.67
C GLN A 8 36.34 -3.20 32.79
N ASP A 9 37.26 -2.27 33.04
CA ASP A 9 37.03 -1.29 34.09
C ASP A 9 36.01 -0.23 33.64
N VAL A 10 35.92 -0.01 32.33
CA VAL A 10 34.95 0.95 31.79
C VAL A 10 33.56 0.34 32.00
N VAL A 11 33.39 -0.87 31.49
CA VAL A 11 32.13 -1.58 31.63
C VAL A 11 31.73 -1.58 33.09
N ALA A 12 32.69 -1.90 33.96
CA ALA A 12 32.47 -1.95 35.39
C ALA A 12 32.03 -0.60 35.95
N ARG A 13 32.87 0.40 35.78
CA ARG A 13 32.59 1.74 36.27
C ARG A 13 31.20 2.20 35.85
N GLU A 14 30.86 1.93 34.59
CA GLU A 14 29.57 2.33 34.05
C GLU A 14 28.40 1.53 34.63
N ASN A 15 28.64 0.27 34.96
CA ASN A 15 27.60 -0.54 35.55
C ASN A 15 27.37 -0.07 36.99
N ASP A 16 28.45 0.28 37.68
CA ASP A 16 28.35 0.74 39.06
C ASP A 16 27.49 1.99 39.17
N ARG A 17 27.77 2.96 38.30
CA ARG A 17 27.05 4.22 38.29
C ARG A 17 25.55 4.05 38.05
N ARG A 18 25.14 2.90 37.52
CA ARG A 18 23.73 2.67 37.23
C ARG A 18 23.10 1.55 38.05
N ALA A 19 23.87 0.96 38.95
CA ALA A 19 23.40 -0.15 39.79
C ALA A 19 22.19 0.15 40.68
N SER A 20 22.25 1.26 41.41
CA SER A 20 21.18 1.66 42.31
C SER A 20 19.82 1.80 41.62
N ALA A 21 19.80 2.43 40.45
CA ALA A 21 18.55 2.60 39.72
C ALA A 21 18.05 1.26 39.17
N LEU A 22 18.96 0.44 38.64
CA LEU A 22 18.55 -0.85 38.11
C LEU A 22 17.91 -1.66 39.23
N LYS A 23 18.47 -1.56 40.43
CA LYS A 23 17.97 -2.26 41.60
C LYS A 23 16.53 -1.87 41.90
N GLU A 24 16.27 -0.57 41.93
CA GLU A 24 14.94 -0.06 42.22
C GLU A 24 13.92 -0.52 41.19
N ASP A 25 14.18 -0.22 39.92
CA ASP A 25 13.27 -0.60 38.86
C ASP A 25 13.07 -2.11 38.79
N TYR A 26 14.17 -2.86 38.85
CA TYR A 26 14.07 -4.32 38.76
C TYR A 26 13.19 -4.89 39.86
N GLU A 27 13.43 -4.48 41.10
CA GLU A 27 12.66 -4.96 42.24
C GLU A 27 11.23 -4.47 42.24
N ALA A 28 10.98 -3.35 41.55
CA ALA A 28 9.62 -2.81 41.46
C ALA A 28 8.90 -3.68 40.42
N LEU A 29 9.58 -3.93 39.31
CA LEU A 29 9.03 -4.75 38.25
C LEU A 29 8.81 -6.16 38.77
N GLY A 30 9.72 -6.62 39.62
CA GLY A 30 9.58 -7.95 40.18
C GLY A 30 8.33 -8.08 41.01
N ALA A 31 8.07 -7.07 41.85
CA ALA A 31 6.89 -7.08 42.71
C ALA A 31 5.65 -7.07 41.82
N ASN A 32 5.59 -6.08 40.94
CA ASN A 32 4.48 -5.92 40.01
C ASN A 32 4.21 -7.21 39.28
N LEU A 33 5.26 -7.82 38.73
CA LEU A 33 5.08 -9.08 38.01
C LEU A 33 4.59 -10.17 38.97
N ALA A 34 5.19 -10.25 40.15
CA ALA A 34 4.77 -11.27 41.13
C ALA A 34 3.26 -11.17 41.33
N ARG A 35 2.73 -9.96 41.32
CA ARG A 35 1.29 -9.77 41.48
C ARG A 35 0.50 -10.38 40.32
N ARG A 36 1.15 -10.60 39.18
CA ARG A 36 0.46 -11.19 38.04
C ARG A 36 0.84 -12.65 37.90
N GLY A 37 1.41 -13.23 38.94
CA GLY A 37 1.77 -14.62 38.86
C GLY A 37 2.87 -14.90 37.86
N VAL A 38 3.87 -14.03 37.82
CA VAL A 38 4.99 -14.22 36.94
C VAL A 38 6.29 -14.09 37.72
N ASP A 39 7.22 -15.00 37.41
CA ASP A 39 8.53 -15.02 38.07
C ASP A 39 9.52 -14.21 37.24
N ILE A 40 9.76 -12.98 37.67
CA ILE A 40 10.70 -12.13 36.94
C ILE A 40 12.01 -12.87 36.77
N GLU A 41 12.35 -13.64 37.79
CA GLU A 41 13.59 -14.40 37.80
C GLU A 41 13.64 -15.39 36.65
N ALA A 42 12.59 -16.19 36.51
CA ALA A 42 12.53 -17.18 35.44
C ALA A 42 12.58 -16.50 34.07
N VAL A 43 12.05 -15.28 33.99
CA VAL A 43 12.05 -14.54 32.73
C VAL A 43 13.46 -14.05 32.42
N THR A 44 14.12 -13.45 33.41
CA THR A 44 15.47 -12.97 33.21
C THR A 44 16.37 -14.09 32.74
N ALA A 45 16.26 -15.24 33.39
CA ALA A 45 17.08 -16.39 33.03
C ALA A 45 16.88 -16.79 31.55
N LYS A 46 15.65 -16.73 31.06
CA LYS A 46 15.37 -17.08 29.65
C LYS A 46 15.91 -15.99 28.73
N VAL A 47 15.66 -14.73 29.10
CA VAL A 47 16.13 -13.59 28.32
C VAL A 47 17.65 -13.72 28.11
N GLU A 48 18.35 -14.10 29.17
CA GLU A 48 19.80 -14.28 29.15
C GLU A 48 20.24 -15.17 27.99
N LYS A 49 19.43 -16.17 27.65
CA LYS A 49 19.80 -17.11 26.61
C LYS A 49 19.24 -16.86 25.23
N PHE A 50 18.67 -15.69 25.01
CA PHE A 50 18.13 -15.39 23.69
C PHE A 50 19.21 -14.70 22.86
N PHE A 51 19.63 -15.37 21.78
CA PHE A 51 20.67 -14.80 20.92
C PHE A 51 20.19 -14.55 19.49
N VAL A 52 20.69 -13.48 18.89
CA VAL A 52 20.34 -13.12 17.52
C VAL A 52 21.68 -12.86 16.83
N ALA A 53 21.83 -13.35 15.61
CA ALA A 53 23.08 -13.18 14.90
C ALA A 53 23.18 -11.81 14.25
N VAL A 54 24.37 -11.22 14.31
CA VAL A 54 24.61 -9.92 13.71
C VAL A 54 25.20 -10.14 12.32
N PRO A 55 24.77 -9.33 11.34
CA PRO A 55 25.27 -9.45 9.96
C PRO A 55 26.59 -8.70 9.85
N SER A 56 27.58 -9.33 9.24
CA SER A 56 28.88 -8.70 9.07
C SER A 56 28.75 -7.43 8.23
N TRP A 57 27.85 -7.50 7.25
CA TRP A 57 27.62 -6.38 6.34
C TRP A 57 26.85 -5.21 6.95
N GLY A 58 26.50 -5.33 8.22
CA GLY A 58 25.75 -4.26 8.86
C GLY A 58 26.59 -3.46 9.84
N VAL A 59 27.80 -3.92 10.12
CA VAL A 59 28.68 -3.23 11.06
C VAL A 59 29.39 -2.10 10.35
N GLY A 60 29.14 -1.98 9.05
CA GLY A 60 29.73 -0.91 8.29
C GLY A 60 28.59 -0.01 7.88
N THR A 61 28.85 1.28 7.68
CA THR A 61 27.78 2.19 7.29
C THR A 61 27.21 1.82 5.93
N GLY A 62 25.88 1.75 5.85
CA GLY A 62 25.23 1.41 4.59
C GLY A 62 24.72 2.65 3.87
N GLY A 63 24.29 2.49 2.63
CA GLY A 63 23.78 3.61 1.87
C GLY A 63 22.58 3.28 0.99
N THR A 64 22.28 4.17 0.05
CA THR A 64 21.16 3.99 -0.88
C THR A 64 21.76 4.19 -2.26
N ARG A 65 20.96 4.05 -3.31
CA ARG A 65 21.46 4.25 -4.67
C ARG A 65 21.85 5.70 -4.92
N PHE A 66 21.33 6.62 -4.11
CA PHE A 66 21.65 8.04 -4.26
C PHE A 66 23.00 8.43 -3.63
N ALA A 67 23.35 7.79 -2.52
CA ALA A 67 24.60 8.09 -1.85
C ALA A 67 24.89 7.19 -0.67
N ARG A 68 26.07 7.38 -0.12
CA ARG A 68 26.55 6.64 1.04
C ARG A 68 27.39 7.61 1.88
N PHE A 69 26.99 7.82 3.12
CA PHE A 69 27.72 8.74 4.00
C PHE A 69 28.46 8.00 5.10
N PRO A 70 29.66 7.47 4.78
CA PRO A 70 30.47 6.74 5.74
C PRO A 70 30.85 7.54 6.96
N GLY A 71 31.05 6.85 8.07
CA GLY A 71 31.46 7.51 9.30
C GLY A 71 32.94 7.28 9.48
N THR A 72 33.48 7.62 10.64
CA THR A 72 34.91 7.39 10.87
C THR A 72 35.10 5.94 11.28
N GLY A 73 36.35 5.47 11.28
CA GLY A 73 36.63 4.10 11.66
C GLY A 73 35.87 3.00 10.94
N GLU A 74 35.49 3.22 9.68
CA GLU A 74 34.80 2.16 8.95
C GLU A 74 35.70 0.92 8.94
N PRO A 75 35.12 -0.27 9.15
CA PRO A 75 35.96 -1.48 9.13
C PRO A 75 36.51 -1.76 7.74
N ARG A 76 37.80 -2.05 7.65
CA ARG A 76 38.42 -2.36 6.37
C ARG A 76 38.61 -3.87 6.29
N GLY A 77 37.56 -4.59 5.92
CA GLY A 77 37.68 -6.03 5.83
C GLY A 77 36.81 -6.79 6.83
N ILE A 78 36.87 -8.11 6.76
CA ILE A 78 36.09 -8.97 7.64
C ILE A 78 36.64 -9.03 9.07
N PHE A 79 37.96 -9.03 9.21
CA PHE A 79 38.57 -9.09 10.53
C PHE A 79 38.22 -7.87 11.37
N ASP A 80 38.16 -6.71 10.71
CA ASP A 80 37.79 -5.46 11.39
C ASP A 80 36.34 -5.58 11.84
N LYS A 81 35.48 -6.05 10.93
CA LYS A 81 34.06 -6.22 11.23
C LYS A 81 33.88 -7.15 12.42
N LEU A 82 34.59 -8.27 12.43
CA LEU A 82 34.49 -9.19 13.55
C LEU A 82 34.85 -8.46 14.84
N ASP A 83 35.95 -7.70 14.84
CA ASP A 83 36.35 -6.95 16.04
C ASP A 83 35.18 -6.10 16.54
N ASP A 84 34.48 -5.47 15.61
CA ASP A 84 33.35 -4.62 15.96
C ASP A 84 32.19 -5.47 16.45
N CYS A 85 32.03 -6.65 15.86
CA CYS A 85 30.96 -7.54 16.29
C CYS A 85 31.21 -7.97 17.73
N ALA A 86 32.48 -8.05 18.12
CA ALA A 86 32.85 -8.45 19.48
C ALA A 86 32.48 -7.34 20.47
N VAL A 87 32.48 -6.11 20.00
CA VAL A 87 32.10 -4.98 20.85
C VAL A 87 30.61 -5.14 21.17
N ILE A 88 29.84 -5.47 20.14
CA ILE A 88 28.40 -5.64 20.30
C ILE A 88 28.08 -6.79 21.25
N GLN A 89 28.73 -7.92 21.05
CA GLN A 89 28.50 -9.09 21.90
C GLN A 89 28.93 -8.90 23.36
N GLN A 90 30.07 -8.24 23.56
CA GLN A 90 30.56 -7.99 24.93
C GLN A 90 29.56 -7.16 25.74
N LEU A 91 29.07 -6.10 25.12
CA LEU A 91 28.15 -5.17 25.77
C LEU A 91 26.68 -5.63 25.91
N THR A 92 26.14 -6.31 24.90
CA THR A 92 24.76 -6.78 24.96
C THR A 92 24.67 -8.24 25.40
N ARG A 93 25.67 -9.03 25.03
CA ARG A 93 25.68 -10.46 25.39
C ARG A 93 24.51 -11.13 24.70
N ALA A 94 24.01 -10.53 23.63
CA ALA A 94 22.88 -11.09 22.90
C ALA A 94 23.27 -11.50 21.49
N THR A 95 24.54 -11.28 21.12
CA THR A 95 24.98 -11.61 19.77
C THR A 95 26.25 -12.44 19.66
N PRO A 96 26.23 -13.67 20.19
CA PRO A 96 27.43 -14.51 20.10
C PRO A 96 27.87 -14.85 18.68
N ASN A 97 26.96 -14.87 17.74
CA ASN A 97 27.34 -15.21 16.37
C ASN A 97 27.30 -14.08 15.37
N VAL A 98 27.96 -14.33 14.24
CA VAL A 98 28.04 -13.38 13.14
C VAL A 98 27.71 -14.11 11.85
N SER A 99 26.97 -13.44 10.96
CA SER A 99 26.59 -14.03 9.69
C SER A 99 27.53 -13.46 8.63
N LEU A 100 28.16 -14.35 7.86
CA LEU A 100 29.09 -13.91 6.83
C LEU A 100 28.47 -13.90 5.45
N ASN A 101 29.03 -13.07 4.57
CA ASN A 101 28.57 -12.99 3.20
C ASN A 101 29.75 -13.26 2.27
N ILE A 102 29.58 -14.25 1.40
CA ILE A 102 30.60 -14.60 0.43
C ILE A 102 30.13 -13.99 -0.89
N PRO A 103 31.04 -13.34 -1.63
CA PRO A 103 32.46 -13.17 -1.34
C PRO A 103 32.89 -11.92 -0.58
N TRP A 104 31.95 -11.13 -0.06
CA TRP A 104 32.38 -9.92 0.67
C TRP A 104 33.35 -10.24 1.81
N ASP A 105 33.02 -11.25 2.59
CA ASP A 105 33.85 -11.64 3.72
C ASP A 105 34.82 -12.78 3.47
N LYS A 106 34.93 -13.23 2.22
CA LYS A 106 35.84 -14.34 1.94
C LYS A 106 37.24 -14.09 2.48
N ALA A 107 37.78 -15.11 3.16
CA ALA A 107 39.10 -15.08 3.76
C ALA A 107 39.42 -16.53 4.12
N ASP A 108 40.65 -16.82 4.51
CA ASP A 108 40.99 -18.19 4.87
C ASP A 108 40.10 -18.62 6.02
N PRO A 109 39.34 -19.69 5.84
CA PRO A 109 38.43 -20.22 6.87
C PRO A 109 39.10 -20.40 8.21
N LYS A 110 40.36 -20.82 8.20
CA LYS A 110 41.07 -21.05 9.44
C LYS A 110 41.36 -19.79 10.24
N GLU A 111 41.59 -18.67 9.54
CA GLU A 111 41.86 -17.41 10.22
C GLU A 111 40.54 -16.85 10.77
N LEU A 112 39.48 -16.97 9.98
CA LEU A 112 38.15 -16.51 10.39
C LEU A 112 37.80 -17.24 11.67
N LYS A 113 37.91 -18.56 11.63
CA LYS A 113 37.61 -19.40 12.78
C LYS A 113 38.44 -19.00 13.98
N ALA A 114 39.74 -18.77 13.76
CA ALA A 114 40.66 -18.39 14.83
C ALA A 114 40.37 -17.01 15.43
N ARG A 115 40.01 -16.05 14.57
CA ARG A 115 39.69 -14.71 15.03
C ARG A 115 38.37 -14.74 15.80
N GLY A 116 37.47 -15.61 15.35
CA GLY A 116 36.20 -15.76 16.03
C GLY A 116 36.41 -16.35 17.41
N ASP A 117 37.09 -17.49 17.46
CA ASP A 117 37.37 -18.15 18.73
C ASP A 117 38.02 -17.15 19.69
N ALA A 118 39.03 -16.44 19.20
CA ALA A 118 39.73 -15.47 20.03
C ALA A 118 38.81 -14.38 20.56
N LEU A 119 37.79 -14.00 19.78
CA LEU A 119 36.85 -12.97 20.20
C LEU A 119 35.64 -13.53 20.94
N GLY A 120 35.54 -14.85 21.01
CA GLY A 120 34.42 -15.47 21.70
C GLY A 120 33.19 -15.43 20.82
N LEU A 121 33.41 -15.40 19.51
CA LEU A 121 32.34 -15.35 18.53
C LEU A 121 32.24 -16.62 17.67
N GLY A 122 31.01 -16.97 17.30
CA GLY A 122 30.77 -18.12 16.45
C GLY A 122 30.17 -17.63 15.13
N PHE A 123 29.93 -18.53 14.19
CA PHE A 123 29.38 -18.12 12.90
C PHE A 123 27.98 -18.67 12.63
N ASP A 124 27.03 -17.78 12.34
CA ASP A 124 25.67 -18.20 12.05
C ASP A 124 25.60 -18.71 10.60
N ALA A 125 24.41 -18.73 10.03
CA ALA A 125 24.25 -19.21 8.66
C ALA A 125 25.09 -18.45 7.62
N MET A 126 25.51 -19.16 6.59
CA MET A 126 26.29 -18.56 5.52
C MET A 126 25.33 -17.96 4.49
N ASN A 127 25.70 -16.80 3.95
CA ASN A 127 24.88 -16.10 2.96
C ASN A 127 25.61 -16.01 1.63
N SER A 128 25.04 -16.61 0.59
CA SER A 128 25.66 -16.54 -0.73
C SER A 128 25.37 -15.17 -1.37
N ASN A 129 26.04 -14.86 -2.48
CA ASN A 129 25.82 -13.58 -3.16
C ASN A 129 25.87 -13.69 -4.67
N THR A 130 24.71 -13.83 -5.30
CA THR A 130 24.70 -13.87 -6.75
C THR A 130 23.76 -12.76 -7.22
N PHE A 131 23.89 -11.60 -6.57
CA PHE A 131 23.09 -10.41 -6.90
C PHE A 131 24.00 -9.23 -7.22
N SER A 132 25.25 -9.55 -7.52
CA SER A 132 26.26 -8.56 -7.88
C SER A 132 27.42 -9.36 -8.47
N ASP A 133 28.05 -8.84 -9.51
CA ASP A 133 29.16 -9.57 -10.11
C ASP A 133 30.43 -9.37 -9.32
N ALA A 134 31.25 -10.42 -9.28
CA ALA A 134 32.55 -10.36 -8.62
C ALA A 134 33.55 -10.33 -9.76
N PRO A 135 34.78 -9.88 -9.49
CA PRO A 135 35.79 -9.82 -10.54
C PRO A 135 36.12 -11.21 -11.08
N GLY A 136 36.43 -11.30 -12.37
CA GLY A 136 36.77 -12.58 -12.95
C GLY A 136 35.59 -13.43 -13.39
N GLN A 137 34.43 -13.20 -12.77
CA GLN A 137 33.22 -13.95 -13.10
C GLN A 137 33.11 -14.18 -14.61
N ALA A 138 32.95 -15.42 -15.03
CA ALA A 138 32.83 -15.75 -16.46
C ALA A 138 31.47 -15.35 -17.02
N HIS A 139 30.49 -15.22 -16.14
CA HIS A 139 29.13 -14.84 -16.53
C HIS A 139 28.58 -13.81 -15.56
N SER A 140 27.92 -12.79 -16.07
CA SER A 140 27.34 -11.76 -15.22
C SER A 140 25.95 -12.13 -14.72
N TYR A 141 25.58 -11.60 -13.55
CA TYR A 141 24.27 -11.90 -13.01
C TYR A 141 23.26 -10.81 -13.30
N LYS A 142 23.58 -9.97 -14.27
CA LYS A 142 22.68 -8.89 -14.66
C LYS A 142 21.24 -9.36 -14.82
N TYR A 143 21.06 -10.40 -15.62
CA TYR A 143 19.73 -10.92 -15.87
C TYR A 143 19.31 -12.07 -14.96
N GLY A 144 20.06 -12.27 -13.90
CA GLY A 144 19.73 -13.32 -12.96
C GLY A 144 20.94 -14.14 -12.50
N SER A 145 20.66 -15.28 -11.87
CA SER A 145 21.72 -16.17 -11.42
C SER A 145 21.21 -17.61 -11.38
N LEU A 146 20.57 -17.99 -10.28
CA LEU A 146 20.04 -19.36 -10.14
C LEU A 146 18.89 -19.65 -11.10
N SER A 147 18.32 -18.59 -11.69
CA SER A 147 17.20 -18.77 -12.60
C SER A 147 17.44 -18.12 -13.96
N HIS A 148 18.69 -17.74 -14.22
CA HIS A 148 19.07 -17.11 -15.48
C HIS A 148 18.75 -18.09 -16.61
N THR A 149 18.41 -17.56 -17.79
CA THR A 149 18.09 -18.42 -18.93
C THR A 149 19.29 -19.25 -19.37
N ASN A 150 20.49 -18.68 -19.20
CA ASN A 150 21.71 -19.34 -19.59
C ASN A 150 22.14 -20.36 -18.54
N ALA A 151 22.14 -21.64 -18.93
CA ALA A 151 22.50 -22.74 -18.03
C ALA A 151 23.88 -22.57 -17.41
N ALA A 152 24.83 -22.09 -18.22
CA ALA A 152 26.18 -21.87 -17.76
C ALA A 152 26.17 -20.88 -16.60
N THR A 153 25.30 -19.89 -16.70
CA THR A 153 25.21 -18.89 -15.64
C THR A 153 24.61 -19.52 -14.39
N ARG A 154 23.65 -20.41 -14.57
CA ARG A 154 23.03 -21.06 -13.43
C ARG A 154 24.01 -22.01 -12.76
N ALA A 155 24.88 -22.62 -13.56
CA ALA A 155 25.88 -23.55 -13.03
C ALA A 155 26.84 -22.82 -12.11
N GLN A 156 27.31 -21.69 -12.59
CA GLN A 156 28.25 -20.85 -11.85
C GLN A 156 27.65 -20.34 -10.55
N ALA A 157 26.33 -20.14 -10.53
CA ALA A 157 25.67 -19.68 -9.32
C ALA A 157 25.62 -20.83 -8.33
N VAL A 158 25.31 -22.02 -8.85
CA VAL A 158 25.23 -23.22 -8.03
C VAL A 158 26.58 -23.49 -7.39
N GLU A 159 27.66 -23.37 -8.18
CA GLU A 159 28.98 -23.60 -7.65
C GLU A 159 29.32 -22.67 -6.50
N HIS A 160 29.05 -21.38 -6.69
CA HIS A 160 29.31 -20.40 -5.65
C HIS A 160 28.63 -20.78 -4.34
N ASN A 161 27.40 -21.29 -4.44
CA ASN A 161 26.66 -21.68 -3.24
C ASN A 161 27.36 -22.85 -2.54
N LEU A 162 27.74 -23.87 -3.32
CA LEU A 162 28.43 -25.03 -2.78
C LEU A 162 29.71 -24.54 -2.11
N GLU A 163 30.36 -23.57 -2.75
CA GLU A 163 31.58 -23.03 -2.19
C GLU A 163 31.28 -22.38 -0.84
N CYS A 164 30.14 -21.69 -0.74
CA CYS A 164 29.77 -21.04 0.52
C CYS A 164 29.59 -22.10 1.61
N ILE A 165 29.13 -23.29 1.18
CA ILE A 165 28.93 -24.38 2.13
C ILE A 165 30.27 -24.84 2.66
N GLU A 166 31.24 -25.02 1.77
CA GLU A 166 32.57 -25.44 2.18
C GLU A 166 33.16 -24.48 3.21
N ILE A 167 33.11 -23.19 2.92
CA ILE A 167 33.62 -22.19 3.84
C ILE A 167 32.83 -22.32 5.15
N GLY A 168 31.52 -22.50 5.00
CA GLY A 168 30.66 -22.64 6.17
C GLY A 168 31.07 -23.79 7.08
N LYS A 169 31.38 -24.94 6.49
CA LYS A 169 31.78 -26.11 7.25
C LYS A 169 33.08 -25.89 8.03
N ALA A 170 34.01 -25.14 7.45
CA ALA A 170 35.29 -24.88 8.10
C ALA A 170 35.21 -23.98 9.33
N ILE A 171 34.32 -22.99 9.29
CA ILE A 171 34.17 -22.05 10.40
C ILE A 171 33.12 -22.47 11.42
N GLY A 172 32.42 -23.57 11.16
CA GLY A 172 31.43 -24.04 12.12
C GLY A 172 29.97 -23.67 11.84
N SER A 173 29.73 -23.11 10.66
CA SER A 173 28.39 -22.72 10.26
C SER A 173 27.55 -23.98 10.05
N LYS A 174 26.23 -23.87 10.16
CA LYS A 174 25.36 -25.03 9.99
C LYS A 174 24.20 -24.80 9.03
N ALA A 175 24.27 -23.72 8.26
CA ALA A 175 23.21 -23.43 7.31
C ALA A 175 23.65 -22.48 6.21
N LEU A 176 22.91 -22.51 5.11
CA LEU A 176 23.16 -21.65 3.97
C LEU A 176 21.88 -20.86 3.67
N THR A 177 22.01 -19.54 3.61
CA THR A 177 20.86 -18.70 3.30
C THR A 177 21.00 -18.20 1.88
N VAL A 178 19.93 -18.35 1.09
CA VAL A 178 19.97 -17.91 -0.29
C VAL A 178 18.95 -16.82 -0.61
N TRP A 179 19.45 -15.62 -0.90
CA TRP A 179 18.61 -14.49 -1.31
C TRP A 179 19.14 -14.01 -2.66
N ILE A 180 18.26 -13.85 -3.63
CA ILE A 180 18.69 -13.40 -4.94
C ILE A 180 17.78 -12.32 -5.49
N GLY A 181 18.33 -11.48 -6.36
CA GLY A 181 17.55 -10.42 -6.97
C GLY A 181 16.79 -10.89 -8.19
N ASP A 182 17.02 -12.14 -8.59
CA ASP A 182 16.39 -12.70 -9.76
C ASP A 182 14.91 -12.34 -9.93
N GLY A 183 14.60 -11.72 -11.06
CA GLY A 183 13.24 -11.32 -11.37
C GLY A 183 13.23 -10.54 -12.67
N SER A 184 12.26 -9.64 -12.82
CA SER A 184 12.14 -8.85 -14.05
C SER A 184 11.56 -7.47 -13.78
N ASN A 185 11.94 -6.51 -14.62
CA ASN A 185 11.47 -5.14 -14.49
C ASN A 185 10.43 -4.79 -15.55
N PHE A 186 10.14 -5.73 -16.44
CA PHE A 186 9.19 -5.50 -17.52
C PHE A 186 8.24 -6.67 -17.78
N PRO A 187 6.94 -6.37 -17.92
CA PRO A 187 6.00 -7.45 -18.21
C PRO A 187 6.48 -8.15 -19.48
N GLY A 188 6.50 -9.47 -19.48
CA GLY A 188 6.93 -10.19 -20.67
C GLY A 188 8.40 -10.57 -20.67
N GLN A 189 9.21 -9.79 -19.95
CA GLN A 189 10.65 -10.06 -19.86
C GLN A 189 10.94 -11.51 -19.46
N SER A 190 10.28 -11.98 -18.40
CA SER A 190 10.50 -13.35 -17.95
C SER A 190 9.23 -14.16 -18.04
N ASN A 191 9.39 -15.47 -18.22
CA ASN A 191 8.26 -16.35 -18.23
C ASN A 191 8.27 -16.81 -16.77
N PHE A 192 7.31 -16.32 -15.99
CA PHE A 192 7.23 -16.64 -14.57
C PHE A 192 7.50 -18.11 -14.26
N THR A 193 6.67 -18.98 -14.80
CA THR A 193 6.79 -20.40 -14.53
C THR A 193 8.15 -20.96 -14.91
N ARG A 194 8.64 -20.64 -16.08
CA ARG A 194 9.93 -21.15 -16.49
C ARG A 194 11.09 -20.66 -15.64
N ALA A 195 11.04 -19.41 -15.21
CA ALA A 195 12.12 -18.88 -14.38
C ALA A 195 12.14 -19.59 -13.03
N PHE A 196 10.95 -19.94 -12.54
CA PHE A 196 10.83 -20.62 -11.25
C PHE A 196 11.27 -22.08 -11.34
N GLU A 197 10.92 -22.75 -12.44
CA GLU A 197 11.34 -24.13 -12.63
C GLU A 197 12.86 -24.17 -12.63
N ARG A 198 13.48 -23.23 -13.33
CA ARG A 198 14.94 -23.16 -13.39
C ARG A 198 15.55 -23.03 -12.00
N TYR A 199 15.01 -22.10 -11.22
CA TYR A 199 15.45 -21.85 -9.86
C TYR A 199 15.32 -23.10 -9.01
N LEU A 200 14.18 -23.77 -9.15
CA LEU A 200 13.90 -24.99 -8.42
C LEU A 200 14.95 -26.04 -8.75
N SER A 201 15.26 -26.15 -10.03
CA SER A 201 16.26 -27.11 -10.50
C SER A 201 17.65 -26.76 -9.98
N ALA A 202 17.95 -25.47 -9.89
CA ALA A 202 19.25 -25.01 -9.41
C ALA A 202 19.37 -25.23 -7.90
N MET A 203 18.31 -24.93 -7.15
CA MET A 203 18.34 -25.10 -5.71
C MET A 203 18.44 -26.56 -5.31
N ALA A 204 17.80 -27.44 -6.08
CA ALA A 204 17.86 -28.86 -5.77
C ALA A 204 19.33 -29.31 -5.71
N GLU A 205 20.13 -28.87 -6.67
CA GLU A 205 21.55 -29.21 -6.72
C GLU A 205 22.30 -28.73 -5.49
N ILE A 206 22.00 -27.51 -5.05
CA ILE A 206 22.63 -26.93 -3.89
C ILE A 206 22.23 -27.80 -2.69
N TYR A 207 20.96 -28.18 -2.68
CA TYR A 207 20.41 -29.00 -1.62
C TYR A 207 21.24 -30.27 -1.51
N LYS A 208 21.59 -30.86 -2.65
CA LYS A 208 22.40 -32.07 -2.68
C LYS A 208 23.71 -31.89 -1.93
N GLY A 209 24.29 -30.69 -2.01
CA GLY A 209 25.56 -30.45 -1.35
C GLY A 209 25.45 -30.12 0.13
N LEU A 210 24.27 -30.28 0.69
CA LEU A 210 24.05 -29.98 2.10
C LEU A 210 24.46 -31.09 3.05
N PRO A 211 25.15 -30.74 4.16
CA PRO A 211 25.53 -31.77 5.11
C PRO A 211 24.24 -32.32 5.70
N ASP A 212 24.33 -33.42 6.45
CA ASP A 212 23.16 -34.03 7.05
C ASP A 212 22.56 -33.15 8.16
N ASP A 213 23.42 -32.38 8.83
CA ASP A 213 22.96 -31.53 9.91
C ASP A 213 22.81 -30.08 9.48
N TRP A 214 22.81 -29.82 8.17
CA TRP A 214 22.66 -28.46 7.66
C TRP A 214 21.24 -28.15 7.17
N LYS A 215 20.95 -26.87 7.06
CA LYS A 215 19.64 -26.43 6.57
C LYS A 215 19.90 -25.42 5.47
N LEU A 216 18.99 -25.35 4.52
CA LEU A 216 19.08 -24.43 3.37
C LEU A 216 17.90 -23.45 3.49
N PHE A 217 18.20 -22.19 3.74
CA PHE A 217 17.16 -21.16 3.87
C PHE A 217 16.93 -20.30 2.62
N SER A 218 15.69 -20.30 2.12
CA SER A 218 15.35 -19.46 0.97
C SER A 218 14.54 -18.28 1.54
N GLU A 219 14.96 -17.06 1.17
CA GLU A 219 14.33 -15.82 1.61
C GLU A 219 13.56 -15.12 0.49
N HIS A 220 12.28 -14.84 0.74
CA HIS A 220 11.46 -14.17 -0.28
C HIS A 220 11.56 -12.65 -0.15
N LYS A 221 11.11 -11.94 -1.19
CA LYS A 221 11.11 -10.48 -1.20
C LYS A 221 10.15 -10.01 -2.27
N MET A 222 9.29 -9.05 -1.94
CA MET A 222 8.30 -8.57 -2.90
C MET A 222 8.88 -7.86 -4.13
N TYR A 223 9.92 -7.05 -3.91
CA TYR A 223 10.57 -6.33 -5.01
C TYR A 223 11.94 -5.79 -4.57
N GLU A 224 12.69 -5.29 -5.56
CA GLU A 224 14.04 -4.75 -5.39
C GLU A 224 15.05 -5.89 -5.21
N PRO A 225 16.02 -6.01 -6.12
CA PRO A 225 16.26 -5.20 -7.32
C PRO A 225 15.29 -5.35 -8.49
N ALA A 226 14.46 -6.40 -8.47
CA ALA A 226 13.47 -6.59 -9.55
C ALA A 226 12.31 -5.65 -9.27
N PHE A 227 11.86 -4.93 -10.31
CA PHE A 227 10.79 -3.98 -10.11
C PHE A 227 9.43 -4.30 -10.76
N TYR A 228 9.32 -5.49 -11.36
CA TYR A 228 8.05 -5.93 -11.91
C TYR A 228 7.70 -7.30 -11.32
N SER A 229 8.66 -8.22 -11.32
CA SER A 229 8.44 -9.53 -10.73
C SER A 229 9.73 -10.04 -10.10
N THR A 230 9.61 -10.71 -8.96
CA THR A 230 10.76 -11.30 -8.29
C THR A 230 10.41 -12.78 -8.20
N VAL A 231 11.33 -13.65 -8.63
CA VAL A 231 11.06 -15.09 -8.62
C VAL A 231 10.60 -15.54 -7.23
N VAL A 232 11.35 -15.22 -6.17
CA VAL A 232 10.92 -15.58 -4.84
C VAL A 232 10.29 -14.29 -4.29
N GLN A 233 9.04 -14.03 -4.67
CA GLN A 233 8.35 -12.81 -4.26
C GLN A 233 7.62 -12.83 -2.92
N ASP A 234 7.04 -13.96 -2.54
CA ASP A 234 6.33 -14.03 -1.25
C ASP A 234 6.41 -15.39 -0.59
N TRP A 235 6.02 -15.45 0.67
CA TRP A 235 6.07 -16.68 1.47
C TRP A 235 5.37 -17.87 0.85
N GLY A 236 4.42 -17.60 -0.05
CA GLY A 236 3.71 -18.66 -0.74
C GLY A 236 4.65 -19.37 -1.70
N THR A 237 5.32 -18.60 -2.54
CA THR A 237 6.29 -19.18 -3.46
C THR A 237 7.41 -19.76 -2.62
N ASN A 238 7.74 -19.08 -1.53
CA ASN A 238 8.81 -19.56 -0.68
C ASN A 238 8.44 -20.94 -0.13
N TYR A 239 7.18 -21.10 0.26
CA TYR A 239 6.72 -22.38 0.80
C TYR A 239 6.88 -23.50 -0.22
N LEU A 240 6.48 -23.24 -1.45
CA LEU A 240 6.58 -24.21 -2.53
C LEU A 240 8.03 -24.69 -2.67
N ILE A 241 8.97 -23.78 -2.46
CA ILE A 241 10.38 -24.08 -2.55
C ILE A 241 10.79 -25.00 -1.41
N ALA A 242 10.45 -24.61 -0.20
CA ALA A 242 10.78 -25.43 0.95
C ALA A 242 10.21 -26.83 0.77
N GLN A 243 8.95 -26.90 0.37
CA GLN A 243 8.29 -28.20 0.19
C GLN A 243 8.86 -29.04 -0.95
N THR A 244 9.29 -28.40 -2.04
CA THR A 244 9.84 -29.15 -3.15
C THR A 244 11.23 -29.69 -2.88
N LEU A 245 12.11 -28.86 -2.33
CA LEU A 245 13.48 -29.26 -2.06
C LEU A 245 13.65 -30.36 -1.01
N GLY A 246 12.96 -30.26 0.12
CA GLY A 246 13.11 -31.31 1.12
C GLY A 246 13.10 -30.85 2.56
N PRO A 247 13.25 -31.80 3.51
CA PRO A 247 13.26 -31.58 4.96
C PRO A 247 14.25 -30.53 5.45
N LYS A 248 15.42 -30.48 4.82
CA LYS A 248 16.45 -29.52 5.21
C LYS A 248 16.18 -28.12 4.69
N ALA A 249 15.24 -28.01 3.74
CA ALA A 249 14.92 -26.72 3.15
C ALA A 249 13.81 -25.99 3.89
N GLN A 250 14.06 -24.75 4.28
CA GLN A 250 13.06 -23.98 5.00
C GLN A 250 12.95 -22.53 4.53
N CYS A 251 11.99 -21.82 5.10
CA CYS A 251 11.76 -20.43 4.72
C CYS A 251 12.29 -19.41 5.72
N LEU A 252 12.97 -18.41 5.21
CA LEU A 252 13.49 -17.36 6.07
C LEU A 252 12.64 -16.12 5.83
N VAL A 253 12.16 -15.54 6.93
CA VAL A 253 11.30 -14.36 6.85
C VAL A 253 12.00 -13.07 7.26
N ASP A 254 12.13 -12.17 6.29
CA ASP A 254 12.74 -10.87 6.51
C ASP A 254 11.56 -9.91 6.58
N LEU A 255 11.31 -9.38 7.78
CA LEU A 255 10.18 -8.49 8.04
C LEU A 255 9.85 -7.43 7.01
N GLY A 256 10.87 -6.78 6.45
CA GLY A 256 10.64 -5.73 5.47
C GLY A 256 10.46 -6.17 4.03
N HIS A 257 10.30 -7.47 3.80
CA HIS A 257 10.14 -7.96 2.44
C HIS A 257 8.68 -8.22 2.03
N HIS A 258 7.73 -7.59 2.70
CA HIS A 258 6.32 -7.82 2.39
C HIS A 258 5.52 -6.62 1.85
N ALA A 259 4.45 -6.93 1.12
CA ALA A 259 3.58 -5.93 0.53
C ALA A 259 3.02 -4.99 1.60
N PRO A 260 2.66 -3.75 1.22
CA PRO A 260 2.12 -2.83 2.21
C PRO A 260 0.95 -3.45 2.99
N ASN A 261 0.98 -3.30 4.31
CA ASN A 261 -0.05 -3.78 5.22
C ASN A 261 -0.16 -5.28 5.48
N THR A 262 0.68 -6.08 4.84
CA THR A 262 0.67 -7.54 5.00
C THR A 262 0.72 -7.94 6.46
N ASN A 263 -0.15 -8.87 6.87
CA ASN A 263 -0.09 -9.31 8.25
C ASN A 263 1.13 -10.24 8.31
N ILE A 264 2.24 -9.74 8.84
CA ILE A 264 3.43 -10.58 8.89
C ILE A 264 3.38 -11.71 9.92
N GLU A 265 2.88 -11.41 11.12
CA GLU A 265 2.82 -12.45 12.14
C GLU A 265 2.07 -13.70 11.67
N MET A 266 1.00 -13.54 10.88
CA MET A 266 0.24 -14.69 10.40
C MET A 266 1.12 -15.62 9.57
N ILE A 267 1.86 -15.04 8.62
CA ILE A 267 2.75 -15.81 7.77
C ILE A 267 3.68 -16.68 8.64
N VAL A 268 4.26 -16.06 9.66
CA VAL A 268 5.12 -16.77 10.59
C VAL A 268 4.34 -17.95 11.16
N ALA A 269 3.11 -17.68 11.58
CA ALA A 269 2.24 -18.71 12.15
C ALA A 269 2.04 -19.85 11.16
N ARG A 270 1.76 -19.49 9.90
CA ARG A 270 1.55 -20.46 8.84
C ARG A 270 2.78 -21.34 8.61
N LEU A 271 3.95 -20.72 8.44
CA LEU A 271 5.16 -21.52 8.23
C LEU A 271 5.45 -22.41 9.42
N ILE A 272 5.20 -21.92 10.63
CA ILE A 272 5.45 -22.74 11.82
C ILE A 272 4.59 -23.99 11.77
N GLN A 273 3.29 -23.81 11.52
CA GLN A 273 2.37 -24.93 11.46
C GLN A 273 2.82 -25.99 10.45
N PHE A 274 3.40 -25.55 9.34
CA PHE A 274 3.83 -26.51 8.35
C PHE A 274 5.31 -26.85 8.39
N GLY A 275 5.95 -26.58 9.52
CA GLY A 275 7.34 -26.90 9.72
C GLY A 275 8.34 -26.28 8.77
N LYS A 276 8.01 -25.15 8.17
CA LYS A 276 8.92 -24.50 7.24
C LYS A 276 9.42 -23.13 7.70
N LEU A 277 9.42 -22.88 9.01
CA LEU A 277 9.93 -21.60 9.49
C LEU A 277 11.40 -21.76 9.84
N GLY A 278 12.26 -21.46 8.88
CA GLY A 278 13.68 -21.57 9.09
C GLY A 278 14.20 -20.51 10.05
N GLY A 279 13.90 -19.25 9.76
CA GLY A 279 14.36 -18.17 10.62
C GLY A 279 13.91 -16.81 10.15
N PHE A 280 14.32 -15.78 10.89
CA PHE A 280 13.97 -14.39 10.58
C PHE A 280 15.19 -13.52 10.31
N HIS A 281 14.92 -12.40 9.64
CA HIS A 281 15.91 -11.38 9.39
C HIS A 281 15.18 -10.18 9.99
N PHE A 282 15.57 -9.81 11.20
CA PHE A 282 14.96 -8.70 11.91
C PHE A 282 15.44 -7.33 11.44
N ASN A 283 14.51 -6.38 11.50
CA ASN A 283 14.73 -4.99 11.11
C ASN A 283 13.36 -4.35 11.11
N ASP A 284 13.30 -3.03 11.04
CA ASP A 284 12.01 -2.36 11.02
C ASP A 284 11.84 -1.59 9.68
N SER A 285 10.64 -1.13 9.39
CA SER A 285 10.40 -0.41 8.15
C SER A 285 9.09 0.37 8.15
N LYS A 286 8.95 1.26 7.17
CA LYS A 286 7.74 2.05 7.07
C LYS A 286 7.18 2.07 5.65
N TYR A 287 8.07 2.07 4.66
CA TYR A 287 7.66 2.14 3.26
C TYR A 287 7.98 0.89 2.42
N GLY A 288 9.26 0.48 2.40
CA GLY A 288 9.65 -0.70 1.64
C GLY A 288 10.62 -1.52 2.48
N ASP A 289 11.61 -2.14 1.85
CA ASP A 289 12.62 -2.92 2.58
C ASP A 289 13.61 -1.89 3.10
N ASP A 290 13.17 -1.09 4.06
CA ASP A 290 14.00 -0.03 4.62
C ASP A 290 15.18 -0.47 5.46
N ASP A 291 15.08 -1.66 6.07
CA ASP A 291 16.13 -2.19 6.91
C ASP A 291 16.51 -1.24 8.05
N LEU A 292 15.51 -0.62 8.66
CA LEU A 292 15.77 0.29 9.78
C LEU A 292 15.97 -0.54 11.05
N ASP A 293 16.52 0.08 12.08
CA ASP A 293 16.76 -0.60 13.35
C ASP A 293 15.49 -1.27 13.81
N ALA A 294 15.59 -2.53 14.23
CA ALA A 294 14.42 -3.26 14.69
C ALA A 294 13.65 -2.54 15.80
N GLY A 295 12.32 -2.55 15.68
CA GLY A 295 11.48 -1.93 16.69
C GLY A 295 11.43 -0.42 16.74
N ALA A 296 12.26 0.23 15.94
CA ALA A 296 12.33 1.68 15.90
C ALA A 296 11.08 2.34 15.30
N ILE A 297 10.40 1.63 14.42
CA ILE A 297 9.20 2.16 13.78
C ILE A 297 7.94 1.52 14.34
N GLU A 298 7.87 0.19 14.26
CA GLU A 298 6.69 -0.52 14.76
C GLU A 298 7.05 -1.56 15.80
N PRO A 299 7.30 -1.13 17.03
CA PRO A 299 7.66 -2.04 18.13
C PRO A 299 6.58 -3.07 18.45
N TYR A 300 5.32 -2.74 18.17
CA TYR A 300 4.23 -3.65 18.48
C TYR A 300 4.21 -4.85 17.53
N ARG A 301 4.45 -4.58 16.24
CA ARG A 301 4.49 -5.64 15.25
C ARG A 301 5.57 -6.66 15.62
N LEU A 302 6.73 -6.16 16.03
CA LEU A 302 7.86 -7.00 16.43
C LEU A 302 7.42 -7.94 17.57
N PHE A 303 6.74 -7.37 18.55
CA PHE A 303 6.21 -8.13 19.69
C PHE A 303 5.17 -9.18 19.25
N LEU A 304 4.36 -8.82 18.26
CA LEU A 304 3.32 -9.72 17.77
C LEU A 304 3.91 -10.90 16.99
N VAL A 305 5.10 -10.70 16.42
CA VAL A 305 5.76 -11.77 15.71
C VAL A 305 6.27 -12.72 16.78
N PHE A 306 6.87 -12.15 17.82
CA PHE A 306 7.39 -12.96 18.93
C PHE A 306 6.27 -13.67 19.68
N ASN A 307 5.08 -13.08 19.69
CA ASN A 307 3.95 -13.72 20.37
C ASN A 307 3.67 -15.03 19.65
N GLU A 308 3.84 -15.03 18.33
CA GLU A 308 3.62 -16.23 17.54
C GLU A 308 4.75 -17.19 17.85
N LEU A 309 5.95 -16.66 18.03
CA LEU A 309 7.12 -17.48 18.32
C LEU A 309 7.03 -18.17 19.69
N VAL A 310 6.66 -17.40 20.70
CA VAL A 310 6.53 -17.94 22.05
C VAL A 310 5.30 -18.88 22.16
N ASP A 311 4.28 -18.63 21.35
CA ASP A 311 3.09 -19.48 21.40
C ASP A 311 3.38 -20.86 20.83
N ALA A 312 4.23 -20.93 19.81
CA ALA A 312 4.57 -22.21 19.19
C ALA A 312 5.24 -23.07 20.23
N GLU A 313 6.07 -22.44 21.06
CA GLU A 313 6.77 -23.15 22.13
C GLU A 313 5.70 -23.64 23.09
N ALA A 314 4.73 -22.78 23.37
CA ALA A 314 3.65 -23.10 24.29
C ALA A 314 2.78 -24.24 23.77
N ARG A 315 2.63 -24.36 22.46
CA ARG A 315 1.82 -25.43 21.88
C ARG A 315 2.69 -26.67 21.76
N GLY A 316 3.94 -26.53 22.16
CA GLY A 316 4.86 -27.66 22.09
C GLY A 316 5.14 -28.16 20.69
N VAL A 317 5.42 -27.26 19.77
CA VAL A 317 5.72 -27.67 18.41
C VAL A 317 7.11 -28.32 18.48
N LYS A 318 7.25 -29.49 17.87
CA LYS A 318 8.52 -30.18 17.94
C LYS A 318 9.50 -29.82 16.83
N GLY A 319 10.79 -29.80 17.19
CA GLY A 319 11.83 -29.48 16.24
C GLY A 319 11.76 -28.05 15.74
N PHE A 320 11.26 -27.15 16.60
CA PHE A 320 11.12 -25.75 16.24
C PHE A 320 12.27 -24.91 16.80
N HIS A 321 13.34 -24.77 16.02
CA HIS A 321 14.51 -23.98 16.41
C HIS A 321 14.89 -23.03 15.26
N PRO A 322 14.11 -21.94 15.08
CA PRO A 322 14.40 -20.98 14.01
C PRO A 322 15.67 -20.17 14.22
N ALA A 323 16.35 -19.86 13.12
CA ALA A 323 17.59 -19.11 13.16
C ALA A 323 17.29 -17.61 13.22
N HIS A 324 17.65 -16.97 14.33
CA HIS A 324 17.42 -15.54 14.49
C HIS A 324 18.62 -14.68 14.08
N MET A 325 18.38 -13.80 13.11
CA MET A 325 19.40 -12.92 12.57
C MET A 325 18.90 -11.49 12.37
N ILE A 326 19.82 -10.53 12.51
CA ILE A 326 19.49 -9.13 12.28
C ILE A 326 20.01 -8.78 10.90
N ASP A 327 19.13 -8.29 10.04
CA ASP A 327 19.51 -7.90 8.69
C ASP A 327 19.14 -6.42 8.52
N GLN A 328 20.11 -5.54 8.74
CA GLN A 328 19.86 -4.12 8.64
C GLN A 328 20.92 -3.34 7.88
N SER A 329 20.57 -2.09 7.60
CA SER A 329 21.43 -1.15 6.92
C SER A 329 21.37 0.05 7.85
N HIS A 330 22.52 0.58 8.24
CA HIS A 330 22.57 1.73 9.12
C HIS A 330 23.22 2.86 8.33
N ASN A 331 22.40 3.79 7.86
CA ASN A 331 22.87 4.89 7.04
C ASN A 331 23.13 6.21 7.74
N VAL A 332 22.58 6.41 8.93
CA VAL A 332 22.77 7.67 9.63
C VAL A 332 23.14 7.56 11.11
N THR A 333 23.61 6.40 11.53
CA THR A 333 23.99 6.18 12.92
C THR A 333 25.29 5.39 12.99
N ASP A 334 25.82 5.20 14.19
CA ASP A 334 27.02 4.41 14.36
C ASP A 334 26.52 2.96 14.25
N PRO A 335 26.92 2.25 13.17
CA PRO A 335 26.49 0.86 12.97
C PRO A 335 26.47 0.04 14.26
N ILE A 336 27.53 0.20 15.06
CA ILE A 336 27.63 -0.54 16.31
C ILE A 336 26.56 -0.17 17.32
N GLU A 337 26.27 1.12 17.46
CA GLU A 337 25.26 1.56 18.42
C GLU A 337 23.87 1.06 18.01
N SER A 338 23.54 1.13 16.72
CA SER A 338 22.26 0.67 16.22
C SER A 338 22.08 -0.82 16.43
N LEU A 339 23.11 -1.61 16.09
CA LEU A 339 23.03 -3.06 16.28
C LEU A 339 22.88 -3.38 17.76
N ILE A 340 23.58 -2.60 18.60
CA ILE A 340 23.47 -2.84 20.03
C ILE A 340 22.01 -2.70 20.43
N ASN A 341 21.38 -1.56 20.13
CA ASN A 341 19.99 -1.35 20.51
C ASN A 341 18.98 -2.19 19.75
N SER A 342 19.28 -2.53 18.51
CA SER A 342 18.38 -3.37 17.73
C SER A 342 18.31 -4.71 18.44
N ALA A 343 19.46 -5.18 18.91
CA ALA A 343 19.57 -6.45 19.62
C ALA A 343 18.75 -6.40 20.91
N ASN A 344 18.79 -5.25 21.57
CA ASN A 344 18.05 -5.05 22.81
C ASN A 344 16.55 -5.02 22.55
N GLU A 345 16.16 -4.32 21.48
CA GLU A 345 14.74 -4.21 21.14
C GLU A 345 14.14 -5.61 20.95
N ILE A 346 14.85 -6.47 20.22
CA ILE A 346 14.41 -7.84 19.97
C ILE A 346 14.32 -8.64 21.28
N ARG A 347 15.34 -8.57 22.12
CA ARG A 347 15.28 -9.27 23.41
C ARG A 347 14.08 -8.68 24.16
N ARG A 348 13.81 -7.40 23.93
CA ARG A 348 12.70 -6.70 24.57
C ARG A 348 11.37 -7.27 24.08
N ALA A 349 11.26 -7.51 22.78
CA ALA A 349 10.04 -8.05 22.20
C ALA A 349 9.87 -9.45 22.78
N TYR A 350 10.93 -10.24 22.69
CA TYR A 350 10.93 -11.60 23.22
C TYR A 350 10.50 -11.60 24.68
N ALA A 351 11.17 -10.81 25.50
CA ALA A 351 10.83 -10.72 26.93
C ALA A 351 9.32 -10.52 27.13
N GLN A 352 8.76 -9.52 26.45
CA GLN A 352 7.35 -9.19 26.56
C GLN A 352 6.41 -10.32 26.11
N ALA A 353 6.86 -11.12 25.15
CA ALA A 353 6.08 -12.26 24.66
C ALA A 353 5.97 -13.29 25.79
N LEU A 354 7.05 -13.43 26.53
CA LEU A 354 7.11 -14.37 27.66
C LEU A 354 6.19 -13.92 28.80
N LEU A 355 5.83 -12.65 28.84
CA LEU A 355 4.94 -12.18 29.91
C LEU A 355 3.46 -12.41 29.63
N VAL A 356 3.14 -12.93 28.45
CA VAL A 356 1.74 -13.16 28.09
C VAL A 356 1.12 -14.30 28.91
N ASP A 357 -0.01 -14.03 29.54
CA ASP A 357 -0.72 -15.03 30.33
C ASP A 357 -1.52 -15.82 29.31
N ARG A 358 -0.90 -16.86 28.75
CA ARG A 358 -1.56 -17.64 27.72
C ARG A 358 -2.76 -18.45 28.23
N ALA A 359 -2.69 -18.89 29.48
CA ALA A 359 -3.83 -19.63 30.05
C ALA A 359 -5.05 -18.71 29.94
N ALA A 360 -4.85 -17.43 30.24
CA ALA A 360 -5.94 -16.45 30.16
C ALA A 360 -6.26 -16.17 28.69
N LEU A 361 -5.23 -16.03 27.87
CA LEU A 361 -5.43 -15.77 26.46
C LEU A 361 -6.29 -16.88 25.87
N SER A 362 -5.87 -18.13 26.10
CA SER A 362 -6.61 -19.27 25.57
C SER A 362 -8.07 -19.21 26.00
N GLY A 363 -8.30 -18.70 27.23
CA GLY A 363 -9.64 -18.59 27.74
C GLY A 363 -10.46 -17.57 26.98
N TYR A 364 -9.93 -16.36 26.88
CA TYR A 364 -10.59 -15.29 26.17
C TYR A 364 -10.82 -15.64 24.69
N GLN A 365 -9.90 -16.40 24.09
CA GLN A 365 -10.02 -16.78 22.70
C GLN A 365 -11.17 -17.75 22.49
N GLU A 366 -11.24 -18.76 23.35
CA GLU A 366 -12.30 -19.74 23.26
C GLU A 366 -13.65 -19.08 23.48
N ASP A 367 -13.69 -18.07 24.34
CA ASP A 367 -14.93 -17.36 24.63
C ASP A 367 -15.18 -16.20 23.69
N ASN A 368 -14.40 -16.13 22.62
CA ASN A 368 -14.55 -15.06 21.66
C ASN A 368 -14.68 -13.68 22.32
N ASP A 369 -13.94 -13.48 23.41
CA ASP A 369 -13.94 -12.20 24.12
C ASP A 369 -12.77 -11.42 23.49
N ALA A 370 -12.99 -10.93 22.27
CA ALA A 370 -11.97 -10.20 21.53
C ALA A 370 -11.31 -9.09 22.31
N LEU A 371 -12.10 -8.32 23.07
CA LEU A 371 -11.51 -7.22 23.82
C LEU A 371 -10.49 -7.64 24.88
N MET A 372 -10.88 -8.51 25.81
CA MET A 372 -9.93 -8.93 26.85
C MET A 372 -8.77 -9.73 26.25
N ALA A 373 -9.03 -10.41 25.14
CA ALA A 373 -7.97 -11.18 24.50
C ALA A 373 -6.86 -10.19 24.16
N THR A 374 -7.20 -9.21 23.32
CA THR A 374 -6.24 -8.22 22.89
C THR A 374 -5.65 -7.52 24.10
N GLU A 375 -6.49 -7.29 25.11
CA GLU A 375 -6.04 -6.63 26.32
C GLU A 375 -5.04 -7.50 27.07
N THR A 376 -5.12 -8.81 26.87
CA THR A 376 -4.21 -9.74 27.53
C THR A 376 -2.81 -9.58 26.95
N LEU A 377 -2.74 -9.36 25.64
CA LEU A 377 -1.45 -9.15 25.01
C LEU A 377 -0.90 -7.80 25.44
N LYS A 378 -1.77 -6.81 25.50
CA LYS A 378 -1.32 -5.48 25.88
C LYS A 378 -0.70 -5.45 27.25
N ARG A 379 -1.27 -6.19 28.21
CA ARG A 379 -0.71 -6.18 29.56
C ARG A 379 0.76 -6.62 29.52
N ALA A 380 1.07 -7.51 28.59
CA ALA A 380 2.43 -7.99 28.44
C ALA A 380 3.28 -6.91 27.75
N TYR A 381 2.83 -6.47 26.58
CA TYR A 381 3.55 -5.48 25.79
C TYR A 381 3.78 -4.13 26.48
N ARG A 382 2.86 -3.70 27.33
CA ARG A 382 3.01 -2.41 28.01
C ARG A 382 3.99 -2.45 29.16
N THR A 383 4.48 -3.63 29.49
CA THR A 383 5.41 -3.74 30.60
C THR A 383 6.80 -3.31 30.15
N ASP A 384 7.39 -2.35 30.87
CA ASP A 384 8.72 -1.88 30.55
C ASP A 384 9.68 -2.98 31.03
N VAL A 385 10.14 -3.84 30.12
CA VAL A 385 11.05 -4.92 30.52
C VAL A 385 12.53 -4.54 30.55
N GLU A 386 12.83 -3.26 30.36
CA GLU A 386 14.22 -2.83 30.37
C GLU A 386 15.00 -3.36 31.58
N PRO A 387 14.45 -3.23 32.81
CA PRO A 387 15.19 -3.74 33.97
C PRO A 387 15.64 -5.20 33.82
N ILE A 388 14.81 -6.02 33.20
CA ILE A 388 15.17 -7.40 32.98
C ILE A 388 16.34 -7.50 32.00
N LEU A 389 16.23 -6.78 30.88
CA LEU A 389 17.28 -6.79 29.87
C LEU A 389 18.61 -6.31 30.44
N ALA A 390 18.56 -5.26 31.27
CA ALA A 390 19.77 -4.70 31.87
C ALA A 390 20.40 -5.66 32.88
N GLU A 391 19.55 -6.22 33.74
CA GLU A 391 20.03 -7.16 34.75
C GLU A 391 20.62 -8.38 34.06
N ALA A 392 19.99 -8.77 32.96
CA ALA A 392 20.46 -9.92 32.20
C ALA A 392 21.87 -9.64 31.72
N ARG A 393 22.08 -8.43 31.21
CA ARG A 393 23.39 -8.05 30.71
C ARG A 393 24.44 -8.07 31.85
N ARG A 394 24.12 -7.41 32.96
CA ARG A 394 25.01 -7.35 34.12
C ARG A 394 25.52 -8.72 34.55
N ARG A 395 24.59 -9.63 34.80
CA ARG A 395 24.90 -10.99 35.24
C ARG A 395 25.81 -11.74 34.30
N THR A 396 25.78 -11.38 33.02
CA THR A 396 26.60 -12.08 32.05
C THR A 396 27.80 -11.30 31.55
N GLY A 397 28.11 -10.20 32.21
CA GLY A 397 29.27 -9.41 31.81
C GLY A 397 29.02 -8.34 30.75
N GLY A 398 27.76 -7.95 30.57
CA GLY A 398 27.44 -6.92 29.61
C GLY A 398 27.28 -5.59 30.33
N ALA A 399 26.82 -4.57 29.60
CA ALA A 399 26.65 -3.24 30.18
C ALA A 399 25.20 -2.89 30.44
N VAL A 400 24.93 -2.36 31.63
CA VAL A 400 23.57 -1.97 32.00
C VAL A 400 22.99 -1.06 30.93
N ASP A 401 23.82 -0.15 30.41
CA ASP A 401 23.42 0.75 29.32
C ASP A 401 24.51 0.61 28.27
N PRO A 402 24.37 -0.38 27.38
CA PRO A 402 25.32 -0.67 26.30
C PRO A 402 25.81 0.54 25.51
N VAL A 403 24.92 1.18 24.77
CA VAL A 403 25.32 2.34 23.99
C VAL A 403 26.07 3.38 24.83
N ALA A 404 25.65 3.56 26.08
CA ALA A 404 26.31 4.58 26.92
C ALA A 404 27.74 4.17 27.27
N THR A 405 27.92 2.92 27.68
CA THR A 405 29.23 2.42 28.05
C THR A 405 30.11 2.48 26.79
N TYR A 406 29.51 2.23 25.64
CA TYR A 406 30.24 2.27 24.36
C TYR A 406 30.74 3.69 24.05
N ARG A 407 29.93 4.69 24.37
CA ARG A 407 30.35 6.04 24.10
C ARG A 407 31.45 6.41 25.09
N ALA A 408 31.26 6.01 26.34
CA ALA A 408 32.23 6.29 27.39
C ALA A 408 33.59 5.67 27.12
N SER A 409 33.60 4.54 26.42
CA SER A 409 34.85 3.84 26.13
C SER A 409 35.66 4.48 25.00
N GLY A 410 35.04 5.39 24.25
CA GLY A 410 35.73 6.06 23.16
C GLY A 410 36.14 5.11 22.05
N TYR A 411 35.57 3.92 22.03
CA TYR A 411 35.92 2.94 21.01
C TYR A 411 35.93 3.48 19.58
N ARG A 412 34.81 4.06 19.14
CA ARG A 412 34.74 4.62 17.78
C ARG A 412 35.93 5.50 17.45
N ALA A 413 36.22 6.49 18.30
CA ALA A 413 37.35 7.39 18.07
C ALA A 413 38.65 6.60 17.91
N ARG A 414 38.81 5.57 18.73
CA ARG A 414 39.99 4.73 18.67
C ARG A 414 40.10 4.07 17.29
N VAL A 415 39.11 3.26 16.91
CA VAL A 415 39.16 2.59 15.61
C VAL A 415 39.21 3.61 14.45
N ALA A 416 38.79 4.84 14.73
CA ALA A 416 38.82 5.88 13.71
C ALA A 416 40.27 6.24 13.45
N ALA A 417 41.07 6.31 14.51
CA ALA A 417 42.48 6.64 14.37
C ALA A 417 43.28 5.43 13.88
N GLU A 418 42.70 4.24 13.94
CA GLU A 418 43.39 3.03 13.48
C GLU A 418 43.04 2.63 12.04
N ARG A 419 41.85 2.99 11.60
CA ARG A 419 41.42 2.60 10.26
C ARG A 419 41.41 3.73 9.24
N PRO A 420 42.02 3.48 8.08
CA PRO A 420 42.05 4.52 7.05
C PRO A 420 40.74 4.47 6.27
N ALA A 421 40.30 5.62 5.80
CA ALA A 421 39.08 5.70 5.01
C ALA A 421 39.46 5.33 3.58
N SER A 422 38.52 4.74 2.84
CA SER A 422 38.79 4.37 1.45
C SER A 422 38.75 5.67 0.67
N VAL A 423 39.77 5.93 -0.13
CA VAL A 423 39.81 7.17 -0.90
C VAL A 423 39.20 7.03 -2.30
N ALA A 424 39.54 5.95 -2.99
CA ALA A 424 39.01 5.73 -4.32
C ALA A 424 37.99 4.59 -4.31
N PHE B 4 25.24 14.20 -37.66
CA PHE B 4 24.17 13.17 -37.46
C PHE B 4 24.72 11.90 -36.80
N ARG B 5 24.24 11.61 -35.60
CA ARG B 5 24.70 10.41 -34.89
C ARG B 5 24.38 9.15 -35.70
N ILE B 6 23.13 9.02 -36.13
CA ILE B 6 22.72 7.87 -36.94
C ILE B 6 22.78 8.30 -38.39
N ALA B 7 23.11 7.36 -39.26
CA ALA B 7 23.23 7.63 -40.69
C ALA B 7 21.88 7.95 -41.32
N GLN B 8 21.84 8.99 -42.14
CA GLN B 8 20.59 9.39 -42.79
C GLN B 8 20.07 8.33 -43.75
N ASP B 9 20.98 7.61 -44.39
CA ASP B 9 20.55 6.57 -45.33
C ASP B 9 19.93 5.39 -44.59
N VAL B 10 20.32 5.19 -43.33
CA VAL B 10 19.77 4.09 -42.55
C VAL B 10 18.34 4.47 -42.20
N VAL B 11 18.18 5.66 -41.65
CA VAL B 11 16.87 6.16 -41.28
C VAL B 11 15.97 6.04 -42.50
N ALA B 12 16.38 6.67 -43.60
CA ALA B 12 15.63 6.64 -44.85
C ALA B 12 15.34 5.20 -45.27
N ARG B 13 16.35 4.34 -45.20
CA ARG B 13 16.17 2.94 -45.60
C ARG B 13 15.09 2.26 -44.76
N GLU B 14 15.23 2.36 -43.43
CA GLU B 14 14.27 1.75 -42.52
C GLU B 14 12.89 2.34 -42.65
N ASN B 15 12.82 3.62 -43.02
CA ASN B 15 11.55 4.27 -43.19
C ASN B 15 10.86 3.85 -44.48
N ASP B 16 11.60 3.76 -45.57
CA ASP B 16 10.99 3.36 -46.84
C ASP B 16 10.54 1.93 -46.72
N ARG B 17 11.27 1.17 -45.91
CA ARG B 17 10.96 -0.23 -45.69
C ARG B 17 9.57 -0.39 -45.05
N ARG B 18 9.24 0.50 -44.13
CA ARG B 18 7.97 0.45 -43.41
C ARG B 18 6.91 1.44 -43.88
N ALA B 19 7.31 2.39 -44.73
CA ALA B 19 6.42 3.42 -45.24
C ALA B 19 5.12 2.94 -45.86
N SER B 20 5.18 1.87 -46.64
CA SER B 20 3.99 1.35 -47.30
C SER B 20 2.92 0.86 -46.32
N ALA B 21 3.32 0.03 -45.36
CA ALA B 21 2.38 -0.49 -44.38
C ALA B 21 1.89 0.64 -43.49
N LEU B 22 2.76 1.60 -43.20
CA LEU B 22 2.40 2.74 -42.36
C LEU B 22 1.26 3.48 -43.04
N LYS B 23 1.37 3.64 -44.36
CA LYS B 23 0.33 4.32 -45.13
C LYS B 23 -1.00 3.64 -44.94
N GLU B 24 -1.02 2.31 -45.06
CA GLU B 24 -2.24 1.54 -44.88
C GLU B 24 -2.88 1.84 -43.54
N ASP B 25 -2.11 1.69 -42.47
CA ASP B 25 -2.62 1.92 -41.12
C ASP B 25 -3.04 3.36 -40.86
N TYR B 26 -2.23 4.31 -41.31
CA TYR B 26 -2.53 5.71 -41.08
C TYR B 26 -3.84 6.12 -41.74
N GLU B 27 -4.00 5.79 -43.02
CA GLU B 27 -5.23 6.11 -43.75
C GLU B 27 -6.43 5.41 -43.12
N ALA B 28 -6.17 4.25 -42.53
CA ALA B 28 -7.25 3.51 -41.89
C ALA B 28 -7.73 4.27 -40.65
N LEU B 29 -6.77 4.75 -39.85
CA LEU B 29 -7.09 5.50 -38.64
C LEU B 29 -7.78 6.83 -38.98
N GLY B 30 -7.26 7.53 -39.98
CA GLY B 30 -7.86 8.79 -40.40
C GLY B 30 -9.30 8.53 -40.80
N ALA B 31 -9.54 7.35 -41.37
CA ALA B 31 -10.89 6.98 -41.77
C ALA B 31 -11.71 6.82 -40.50
N ASN B 32 -11.33 5.84 -39.69
CA ASN B 32 -12.02 5.56 -38.45
C ASN B 32 -12.22 6.83 -37.60
N LEU B 33 -11.20 7.68 -37.54
CA LEU B 33 -11.30 8.91 -36.77
C LEU B 33 -12.24 9.93 -37.43
N ALA B 34 -12.55 9.73 -38.70
CA ALA B 34 -13.45 10.65 -39.40
C ALA B 34 -14.88 10.30 -39.03
N ARG B 35 -15.18 8.99 -38.98
CA ARG B 35 -16.51 8.51 -38.63
C ARG B 35 -16.78 8.82 -37.17
N ARG B 36 -15.80 9.43 -36.51
CA ARG B 36 -15.92 9.79 -35.10
C ARG B 36 -15.89 11.30 -34.93
N GLY B 37 -15.69 12.00 -36.04
CA GLY B 37 -15.65 13.46 -36.02
C GLY B 37 -14.31 14.04 -35.67
N VAL B 38 -13.25 13.26 -35.86
CA VAL B 38 -11.91 13.75 -35.53
C VAL B 38 -11.00 13.87 -36.75
N ASP B 39 -10.25 14.97 -36.79
CA ASP B 39 -9.31 15.21 -37.87
C ASP B 39 -7.94 14.67 -37.48
N ILE B 40 -7.64 13.48 -38.00
CA ILE B 40 -6.37 12.81 -37.72
C ILE B 40 -5.19 13.73 -37.95
N GLU B 41 -5.27 14.58 -38.98
CA GLU B 41 -4.20 15.50 -39.31
C GLU B 41 -4.06 16.60 -38.27
N ALA B 42 -5.12 16.82 -37.49
CA ALA B 42 -5.11 17.84 -36.44
C ALA B 42 -4.27 17.32 -35.26
N VAL B 43 -4.49 16.05 -34.94
CA VAL B 43 -3.79 15.38 -33.86
C VAL B 43 -2.31 15.29 -34.21
N THR B 44 -2.04 14.73 -35.38
CA THR B 44 -0.66 14.55 -35.84
C THR B 44 0.16 15.83 -35.76
N ALA B 45 -0.46 16.95 -36.10
CA ALA B 45 0.26 18.22 -36.06
C ALA B 45 0.66 18.57 -34.64
N LYS B 46 -0.24 18.32 -33.69
CA LYS B 46 0.07 18.63 -32.30
C LYS B 46 1.09 17.64 -31.73
N VAL B 47 0.95 16.36 -32.08
CA VAL B 47 1.86 15.33 -31.63
C VAL B 47 3.29 15.70 -32.07
N GLU B 48 3.40 16.17 -33.30
CA GLU B 48 4.69 16.57 -33.86
C GLU B 48 5.40 17.60 -32.97
N LYS B 49 4.63 18.40 -32.25
CA LYS B 49 5.21 19.43 -31.41
C LYS B 49 5.29 19.08 -29.93
N PHE B 50 4.91 17.86 -29.58
CA PHE B 50 4.96 17.48 -28.17
C PHE B 50 6.36 17.03 -27.80
N PHE B 51 7.04 17.82 -26.97
CA PHE B 51 8.39 17.50 -26.56
C PHE B 51 8.52 17.20 -25.07
N VAL B 52 9.44 16.31 -24.75
CA VAL B 52 9.70 15.94 -23.35
C VAL B 52 11.22 15.88 -23.21
N ALA B 53 11.73 16.56 -22.19
CA ALA B 53 13.17 16.61 -21.98
C ALA B 53 13.76 15.24 -21.66
N VAL B 54 15.03 15.04 -22.03
CA VAL B 54 15.71 13.79 -21.75
C VAL B 54 16.79 14.07 -20.70
N PRO B 55 16.82 13.27 -19.62
CA PRO B 55 17.78 13.39 -18.51
C PRO B 55 19.19 12.96 -18.89
N SER B 56 20.17 13.82 -18.68
CA SER B 56 21.55 13.49 -19.02
C SER B 56 22.02 12.23 -18.32
N TRP B 57 21.47 11.95 -17.15
CA TRP B 57 21.87 10.77 -16.38
C TRP B 57 21.11 9.50 -16.79
N GLY B 58 20.09 9.66 -17.63
CA GLY B 58 19.31 8.52 -18.06
C GLY B 58 19.94 7.70 -19.18
N VAL B 59 20.84 8.30 -19.94
CA VAL B 59 21.48 7.58 -21.04
C VAL B 59 22.46 6.53 -20.55
N GLY B 60 22.82 6.59 -19.27
CA GLY B 60 23.73 5.61 -18.71
C GLY B 60 22.98 4.55 -17.92
N THR B 61 23.45 3.30 -17.98
CA THR B 61 22.79 2.22 -17.26
C THR B 61 22.59 2.53 -15.79
N GLY B 62 21.38 2.32 -15.29
CA GLY B 62 21.10 2.58 -13.90
C GLY B 62 21.41 1.40 -13.00
N GLY B 63 21.29 1.59 -11.70
CA GLY B 63 21.57 0.52 -10.74
C GLY B 63 20.77 0.65 -9.46
N THR B 64 20.99 -0.29 -8.54
CA THR B 64 20.30 -0.31 -7.25
C THR B 64 21.36 -0.35 -6.15
N ARG B 65 20.94 -0.26 -4.89
CA ARG B 65 21.91 -0.28 -3.79
C ARG B 65 22.68 -1.59 -3.70
N PHE B 66 22.18 -2.63 -4.34
CA PHE B 66 22.84 -3.94 -4.33
C PHE B 66 23.86 -4.08 -5.44
N ALA B 67 23.54 -3.53 -6.62
CA ALA B 67 24.45 -3.63 -7.74
C ALA B 67 24.04 -2.80 -8.94
N ARG B 68 24.93 -2.79 -9.94
CA ARG B 68 24.76 -2.09 -11.21
C ARG B 68 25.50 -2.88 -12.29
N PHE B 69 24.81 -3.25 -13.36
CA PHE B 69 25.40 -4.03 -14.43
C PHE B 69 25.49 -3.16 -15.68
N PRO B 70 26.56 -2.37 -15.79
CA PRO B 70 26.70 -1.51 -16.96
C PRO B 70 26.79 -2.32 -18.25
N GLY B 71 26.16 -1.78 -19.30
CA GLY B 71 26.19 -2.45 -20.57
C GLY B 71 27.43 -2.02 -21.34
N THR B 72 27.44 -2.24 -22.65
CA THR B 72 28.58 -1.86 -23.47
C THR B 72 28.42 -0.44 -23.99
N GLY B 73 29.54 0.20 -24.31
CA GLY B 73 29.49 1.56 -24.81
C GLY B 73 28.90 2.56 -23.83
N GLU B 74 29.07 2.34 -22.54
CA GLU B 74 28.53 3.25 -21.53
C GLU B 74 29.04 4.68 -21.71
N PRO B 75 28.12 5.67 -21.75
CA PRO B 75 28.63 7.02 -21.92
C PRO B 75 29.20 7.47 -20.59
N ARG B 76 30.34 8.15 -20.64
CA ARG B 76 30.97 8.65 -19.43
C ARG B 76 31.29 10.10 -19.64
N GLY B 77 30.81 10.94 -18.73
CA GLY B 77 31.04 12.36 -18.87
C GLY B 77 29.95 12.95 -19.74
N ILE B 78 29.55 14.16 -19.41
CA ILE B 78 28.49 14.86 -20.11
C ILE B 78 28.60 14.86 -21.63
N PHE B 79 29.81 14.86 -22.18
CA PHE B 79 29.95 14.88 -23.63
C PHE B 79 29.50 13.60 -24.29
N ASP B 80 29.88 12.44 -23.74
CA ASP B 80 29.42 11.17 -24.32
C ASP B 80 27.91 11.14 -24.22
N LYS B 81 27.41 11.60 -23.08
CA LYS B 81 25.98 11.63 -22.80
C LYS B 81 25.19 12.43 -23.81
N LEU B 82 25.66 13.63 -24.10
CA LEU B 82 24.99 14.49 -25.08
C LEU B 82 24.95 13.78 -26.41
N ASP B 83 26.05 13.12 -26.76
CA ASP B 83 26.11 12.40 -28.03
C ASP B 83 25.07 11.30 -28.07
N ASP B 84 24.76 10.71 -26.93
CA ASP B 84 23.76 9.65 -26.93
C ASP B 84 22.35 10.22 -26.94
N CYS B 85 22.12 11.29 -26.18
CA CYS B 85 20.80 11.91 -26.17
C CYS B 85 20.45 12.37 -27.60
N ALA B 86 21.47 12.76 -28.36
CA ALA B 86 21.28 13.21 -29.73
C ALA B 86 20.66 12.11 -30.59
N VAL B 87 20.96 10.84 -30.27
CA VAL B 87 20.40 9.73 -31.03
C VAL B 87 18.90 9.65 -30.77
N ILE B 88 18.52 9.89 -29.52
CA ILE B 88 17.11 9.83 -29.13
C ILE B 88 16.29 10.90 -29.85
N GLN B 89 16.82 12.12 -29.87
CA GLN B 89 16.13 13.26 -30.50
C GLN B 89 15.98 13.09 -32.01
N GLN B 90 17.01 12.55 -32.66
CA GLN B 90 16.98 12.33 -34.09
C GLN B 90 15.94 11.30 -34.51
N LEU B 91 15.90 10.18 -33.80
CA LEU B 91 14.97 9.12 -34.14
C LEU B 91 13.53 9.35 -33.65
N THR B 92 13.36 10.08 -32.55
CA THR B 92 12.02 10.31 -32.03
C THR B 92 11.54 11.74 -32.27
N ARG B 93 12.47 12.68 -32.32
CA ARG B 93 12.13 14.09 -32.53
C ARG B 93 11.24 14.65 -31.40
N ALA B 94 11.08 13.89 -30.33
CA ALA B 94 10.23 14.32 -29.24
C ALA B 94 11.00 14.75 -28.00
N THR B 95 12.32 14.77 -28.10
CA THR B 95 13.16 15.11 -26.96
C THR B 95 14.27 16.10 -27.33
N PRO B 96 13.93 17.23 -27.96
CA PRO B 96 14.94 18.21 -28.34
C PRO B 96 15.80 18.83 -27.23
N ASN B 97 15.44 18.64 -25.97
CA ASN B 97 16.22 19.24 -24.90
C ASN B 97 16.70 18.26 -23.86
N VAL B 98 17.71 18.68 -23.09
CA VAL B 98 18.31 17.83 -22.07
C VAL B 98 18.41 18.49 -20.69
N SER B 99 18.11 17.72 -19.64
CA SER B 99 18.21 18.22 -18.28
C SER B 99 19.58 17.79 -17.76
N LEU B 100 20.32 18.74 -17.20
CA LEU B 100 21.64 18.43 -16.68
C LEU B 100 21.60 18.35 -15.16
N ASN B 101 22.55 17.62 -14.61
CA ASN B 101 22.67 17.53 -13.17
C ASN B 101 24.04 18.05 -12.79
N ILE B 102 24.05 19.02 -11.89
CA ILE B 102 25.27 19.61 -11.40
C ILE B 102 25.49 19.05 -9.99
N PRO B 103 26.72 18.64 -9.66
CA PRO B 103 27.94 18.68 -10.48
C PRO B 103 28.18 17.56 -11.51
N TRP B 104 27.42 16.48 -11.47
CA TRP B 104 27.64 15.38 -12.42
C TRP B 104 28.08 15.80 -13.84
N ASP B 105 27.32 16.69 -14.47
CA ASP B 105 27.63 17.15 -15.82
C ASP B 105 28.33 18.49 -15.86
N LYS B 106 29.03 18.83 -14.79
CA LYS B 106 29.75 20.10 -14.72
C LYS B 106 30.82 20.18 -15.80
N ALA B 107 30.83 21.29 -16.53
CA ALA B 107 31.78 21.53 -17.60
C ALA B 107 31.72 23.01 -17.96
N ASP B 108 32.55 23.44 -18.90
CA ASP B 108 32.54 24.84 -19.32
C ASP B 108 31.23 25.09 -20.06
N PRO B 109 30.38 25.98 -19.54
CA PRO B 109 29.09 26.28 -20.17
C PRO B 109 29.22 26.46 -21.68
N LYS B 110 30.19 27.29 -22.07
CA LYS B 110 30.44 27.58 -23.47
C LYS B 110 30.61 26.31 -24.31
N GLU B 111 31.30 25.31 -23.76
CA GLU B 111 31.49 24.06 -24.49
C GLU B 111 30.20 23.24 -24.50
N LEU B 112 29.45 23.30 -23.40
CA LEU B 112 28.19 22.57 -23.31
C LEU B 112 27.25 23.11 -24.39
N LYS B 113 27.06 24.42 -24.36
CA LYS B 113 26.19 25.12 -25.30
C LYS B 113 26.67 24.85 -26.73
N ALA B 114 27.99 24.88 -26.90
CA ALA B 114 28.59 24.64 -28.20
C ALA B 114 28.34 23.23 -28.68
N ARG B 115 28.51 22.26 -27.79
CA ARG B 115 28.29 20.87 -28.16
C ARG B 115 26.82 20.59 -28.43
N GLY B 116 25.94 21.27 -27.70
CA GLY B 116 24.51 21.09 -27.86
C GLY B 116 23.99 21.52 -29.23
N ASP B 117 24.42 22.69 -29.69
CA ASP B 117 23.99 23.19 -31.00
C ASP B 117 24.53 22.28 -32.09
N ALA B 118 25.74 21.78 -31.89
CA ALA B 118 26.35 20.90 -32.87
C ALA B 118 25.49 19.66 -33.07
N LEU B 119 24.88 19.18 -31.99
CA LEU B 119 24.06 17.97 -32.05
C LEU B 119 22.58 18.19 -32.35
N GLY B 120 22.10 19.41 -32.14
CA GLY B 120 20.70 19.71 -32.39
C GLY B 120 19.93 19.53 -31.09
N LEU B 121 20.55 19.99 -29.99
CA LEU B 121 19.97 19.87 -28.66
C LEU B 121 19.93 21.16 -27.85
N GLY B 122 18.85 21.31 -27.08
CA GLY B 122 18.71 22.47 -26.23
C GLY B 122 18.92 22.02 -24.80
N PHE B 123 18.77 22.94 -23.84
CA PHE B 123 18.94 22.59 -22.43
C PHE B 123 17.72 22.97 -21.60
N ASP B 124 17.08 21.97 -21.02
CA ASP B 124 15.89 22.20 -20.20
C ASP B 124 16.34 22.63 -18.81
N ALA B 125 15.45 22.50 -17.84
CA ALA B 125 15.74 22.90 -16.45
C ALA B 125 17.00 22.28 -15.85
N MET B 126 17.68 23.08 -15.04
CA MET B 126 18.89 22.67 -14.34
C MET B 126 18.52 21.85 -13.10
N ASN B 127 19.35 20.88 -12.75
CA ASN B 127 19.08 20.04 -11.58
C ASN B 127 20.23 20.10 -10.58
N SER B 128 19.97 20.72 -9.43
CA SER B 128 20.95 20.82 -8.37
C SER B 128 21.07 19.47 -7.69
N ASN B 129 22.21 19.23 -7.05
CA ASN B 129 22.46 17.96 -6.37
C ASN B 129 23.08 18.13 -4.99
N THR B 130 22.26 18.07 -3.95
CA THR B 130 22.79 18.19 -2.60
C THR B 130 22.30 16.98 -1.80
N PHE B 131 22.31 15.84 -2.47
CA PHE B 131 21.88 14.58 -1.85
C PHE B 131 23.02 13.57 -1.85
N SER B 132 24.20 14.03 -2.25
CA SER B 132 25.39 13.19 -2.27
C SER B 132 26.58 14.13 -2.09
N ASP B 133 27.63 13.68 -1.42
CA ASP B 133 28.79 14.55 -1.22
C ASP B 133 29.76 14.47 -2.39
N ALA B 134 30.26 15.61 -2.82
CA ALA B 134 31.23 15.64 -3.92
C ALA B 134 32.63 15.82 -3.32
N PRO B 135 33.66 15.34 -4.02
CA PRO B 135 35.03 15.49 -3.51
C PRO B 135 35.38 16.92 -3.12
N GLY B 136 36.05 17.11 -1.99
CA GLY B 136 36.44 18.44 -1.56
C GLY B 136 35.40 19.23 -0.77
N GLN B 137 34.13 18.96 -1.03
CA GLN B 137 33.01 19.61 -0.35
C GLN B 137 33.35 19.89 1.12
N ALA B 138 33.17 21.12 1.56
CA ALA B 138 33.48 21.48 2.95
C ALA B 138 32.58 20.77 3.95
N HIS B 139 31.28 20.81 3.70
CA HIS B 139 30.29 20.20 4.59
C HIS B 139 29.54 19.04 3.96
N SER B 140 29.29 18.00 4.75
CA SER B 140 28.60 16.82 4.27
C SER B 140 27.08 16.95 4.31
N TYR B 141 26.43 16.28 3.37
CA TYR B 141 24.97 16.32 3.30
C TYR B 141 24.30 15.11 3.94
N LYS B 142 25.08 14.35 4.71
CA LYS B 142 24.57 13.16 5.38
C LYS B 142 23.25 13.39 6.13
N TYR B 143 23.17 14.48 6.90
CA TYR B 143 21.95 14.76 7.67
C TYR B 143 21.08 15.84 7.08
N GLY B 144 21.19 16.06 5.77
CA GLY B 144 20.38 17.08 5.13
C GLY B 144 21.22 18.17 4.49
N SER B 145 20.61 18.93 3.59
CA SER B 145 21.29 20.02 2.89
C SER B 145 20.57 21.36 3.14
N LEU B 146 19.52 21.63 2.38
CA LEU B 146 18.78 22.87 2.54
C LEU B 146 18.05 22.95 3.89
N SER B 147 17.85 21.80 4.53
CA SER B 147 17.15 21.75 5.81
C SER B 147 18.04 21.28 6.95
N HIS B 148 19.32 21.11 6.67
CA HIS B 148 20.30 20.66 7.66
C HIS B 148 20.22 21.59 8.88
N THR B 149 20.50 21.06 10.07
CA THR B 149 20.46 21.89 11.26
C THR B 149 21.64 22.88 11.29
N ASN B 150 22.73 22.52 10.64
CA ASN B 150 23.91 23.39 10.64
C ASN B 150 23.89 24.52 9.61
N ALA B 151 23.78 25.75 10.11
CA ALA B 151 23.74 26.95 9.27
C ALA B 151 24.69 26.90 8.08
N ALA B 152 25.98 26.72 8.36
CA ALA B 152 26.97 26.67 7.29
C ALA B 152 26.65 25.62 6.23
N THR B 153 26.12 24.48 6.65
CA THR B 153 25.77 23.41 5.72
C THR B 153 24.66 23.88 4.77
N ARG B 154 23.76 24.72 5.29
CA ARG B 154 22.66 25.21 4.48
C ARG B 154 23.11 26.31 3.53
N ALA B 155 24.07 27.12 3.97
CA ALA B 155 24.60 28.21 3.15
C ALA B 155 25.30 27.58 1.95
N GLN B 156 25.95 26.45 2.21
CA GLN B 156 26.66 25.73 1.18
C GLN B 156 25.67 25.22 0.12
N ALA B 157 24.51 24.75 0.58
CA ALA B 157 23.49 24.22 -0.33
C ALA B 157 22.86 25.33 -1.16
N VAL B 158 22.56 26.45 -0.51
CA VAL B 158 21.96 27.58 -1.20
C VAL B 158 22.92 27.96 -2.32
N GLU B 159 24.17 28.23 -1.94
CA GLU B 159 25.19 28.61 -2.89
C GLU B 159 25.33 27.64 -4.05
N HIS B 160 25.33 26.34 -3.77
CA HIS B 160 25.43 25.36 -4.84
C HIS B 160 24.28 25.56 -5.83
N ASN B 161 23.05 25.60 -5.31
CA ASN B 161 21.88 25.80 -6.16
C ASN B 161 22.02 27.08 -6.97
N LEU B 162 22.46 28.16 -6.32
CA LEU B 162 22.65 29.42 -7.02
C LEU B 162 23.62 29.19 -8.18
N GLU B 163 24.70 28.47 -7.91
CA GLU B 163 25.68 28.18 -8.96
C GLU B 163 24.97 27.49 -10.12
N CYS B 164 23.99 26.64 -9.81
CA CYS B 164 23.24 25.92 -10.83
C CYS B 164 22.45 26.87 -11.71
N ILE B 165 21.99 27.98 -11.15
CA ILE B 165 21.25 28.94 -11.94
C ILE B 165 22.20 29.65 -12.90
N GLU B 166 23.43 29.92 -12.45
CA GLU B 166 24.42 30.59 -13.31
C GLU B 166 24.80 29.67 -14.47
N ILE B 167 25.11 28.41 -14.16
CA ILE B 167 25.47 27.48 -15.22
C ILE B 167 24.31 27.49 -16.20
N GLY B 168 23.11 27.47 -15.63
CA GLY B 168 21.89 27.46 -16.42
C GLY B 168 21.70 28.66 -17.32
N LYS B 169 21.91 29.85 -16.78
CA LYS B 169 21.75 31.06 -17.59
C LYS B 169 22.66 31.07 -18.81
N ALA B 170 23.84 30.46 -18.69
CA ALA B 170 24.81 30.45 -19.79
C ALA B 170 24.55 29.44 -20.91
N ILE B 171 23.66 28.48 -20.69
CA ILE B 171 23.41 27.50 -21.73
C ILE B 171 21.99 27.56 -22.27
N GLY B 172 21.20 28.49 -21.75
CA GLY B 172 19.83 28.64 -22.23
C GLY B 172 18.76 27.96 -21.40
N SER B 173 19.09 27.67 -20.15
CA SER B 173 18.16 27.02 -19.24
C SER B 173 17.28 28.09 -18.59
N LYS B 174 16.03 27.76 -18.29
CA LYS B 174 15.13 28.74 -17.70
C LYS B 174 14.57 28.38 -16.33
N ALA B 175 14.87 27.19 -15.83
CA ALA B 175 14.34 26.78 -14.52
C ALA B 175 15.31 25.97 -13.67
N LEU B 176 15.06 25.94 -12.37
CA LEU B 176 15.88 25.15 -11.45
C LEU B 176 15.01 24.18 -10.67
N THR B 177 15.15 22.88 -10.91
CA THR B 177 14.36 21.93 -10.13
C THR B 177 15.14 21.58 -8.86
N VAL B 178 14.45 21.53 -7.73
CA VAL B 178 15.12 21.20 -6.47
C VAL B 178 14.56 19.98 -5.76
N TRP B 179 15.26 18.86 -5.88
CA TRP B 179 14.85 17.64 -5.21
C TRP B 179 15.94 17.33 -4.19
N ILE B 180 15.57 17.07 -2.93
CA ILE B 180 16.56 16.75 -1.93
C ILE B 180 16.22 15.42 -1.24
N GLY B 181 17.18 14.86 -0.53
CA GLY B 181 16.95 13.59 0.15
C GLY B 181 16.57 13.88 1.59
N ASP B 182 16.70 15.15 1.96
CA ASP B 182 16.40 15.64 3.30
C ASP B 182 15.16 15.04 3.96
N GLY B 183 15.39 14.41 5.10
CA GLY B 183 14.32 13.78 5.86
C GLY B 183 14.95 13.08 7.04
N SER B 184 14.29 12.07 7.61
CA SER B 184 14.88 11.36 8.72
C SER B 184 14.59 9.87 8.62
N ASN B 185 15.37 9.06 9.33
CA ASN B 185 15.14 7.63 9.29
C ASN B 185 14.57 7.11 10.60
N PHE B 186 14.50 7.98 11.60
CA PHE B 186 14.01 7.61 12.92
C PHE B 186 13.10 8.64 13.58
N PRO B 187 12.01 8.19 14.22
CA PRO B 187 11.13 9.15 14.89
C PRO B 187 11.98 9.95 15.89
N GLY B 188 11.78 11.27 15.96
CA GLY B 188 12.55 12.04 16.90
C GLY B 188 13.81 12.66 16.33
N GLN B 189 14.47 11.97 15.41
CA GLN B 189 15.68 12.47 14.76
C GLN B 189 15.54 13.93 14.30
N SER B 190 14.47 14.21 13.57
CA SER B 190 14.19 15.56 13.08
C SER B 190 12.89 16.12 13.70
N ASN B 191 12.82 17.44 13.86
CA ASN B 191 11.60 18.07 14.35
C ASN B 191 10.95 18.54 13.05
N PHE B 192 9.97 17.76 12.57
CA PHE B 192 9.27 18.04 11.31
C PHE B 192 9.12 19.50 10.91
N THR B 193 8.46 20.27 11.77
CA THR B 193 8.20 21.68 11.53
C THR B 193 9.46 22.52 11.42
N ARG B 194 10.35 22.37 12.40
CA ARG B 194 11.59 23.14 12.39
C ARG B 194 12.41 22.89 11.13
N ALA B 195 12.53 21.63 10.76
CA ALA B 195 13.28 21.29 9.56
C ALA B 195 12.66 21.96 8.33
N PHE B 196 11.33 21.91 8.24
CA PHE B 196 10.62 22.50 7.11
C PHE B 196 10.80 24.03 7.08
N GLU B 197 10.89 24.65 8.25
CA GLU B 197 11.08 26.10 8.32
C GLU B 197 12.46 26.45 7.77
N ARG B 198 13.46 25.66 8.15
CA ARG B 198 14.83 25.88 7.70
C ARG B 198 14.90 25.69 6.20
N TYR B 199 14.10 24.77 5.69
CA TYR B 199 14.06 24.51 4.25
C TYR B 199 13.35 25.66 3.52
N LEU B 200 12.26 26.15 4.09
CA LEU B 200 11.53 27.24 3.45
C LEU B 200 12.39 28.50 3.41
N SER B 201 13.17 28.70 4.47
CA SER B 201 14.06 29.86 4.59
C SER B 201 15.20 29.80 3.57
N ALA B 202 15.79 28.62 3.40
CA ALA B 202 16.86 28.46 2.44
C ALA B 202 16.33 28.61 1.01
N MET B 203 15.13 28.10 0.77
CA MET B 203 14.54 28.18 -0.56
C MET B 203 14.26 29.63 -0.94
N ALA B 204 13.89 30.45 0.05
CA ALA B 204 13.62 31.85 -0.24
C ALA B 204 14.91 32.48 -0.76
N GLU B 205 16.04 32.04 -0.20
CA GLU B 205 17.37 32.51 -0.59
C GLU B 205 17.63 32.24 -2.06
N ILE B 206 17.29 31.03 -2.50
CA ILE B 206 17.48 30.64 -3.88
C ILE B 206 16.52 31.45 -4.77
N TYR B 207 15.27 31.52 -4.33
CA TYR B 207 14.23 32.25 -5.05
C TYR B 207 14.74 33.60 -5.53
N LYS B 208 15.45 34.28 -4.63
CA LYS B 208 16.04 35.59 -4.93
C LYS B 208 16.97 35.56 -6.14
N GLY B 209 17.74 34.49 -6.28
CA GLY B 209 18.68 34.40 -7.39
C GLY B 209 18.05 34.06 -8.73
N LEU B 210 16.75 33.87 -8.74
CA LEU B 210 16.04 33.55 -9.97
C LEU B 210 15.76 34.76 -10.85
N PRO B 211 16.12 34.67 -12.13
CA PRO B 211 15.89 35.78 -13.07
C PRO B 211 14.37 35.96 -13.23
N ASP B 212 13.95 37.04 -13.89
CA ASP B 212 12.52 37.29 -14.08
C ASP B 212 11.84 36.12 -14.80
N ASP B 213 12.41 35.65 -15.90
CA ASP B 213 11.79 34.55 -16.64
C ASP B 213 12.04 33.14 -16.10
N TRP B 214 12.96 33.01 -15.14
CA TRP B 214 13.26 31.71 -14.57
C TRP B 214 12.21 31.22 -13.57
N LYS B 215 12.01 29.91 -13.52
CA LYS B 215 11.07 29.33 -12.58
C LYS B 215 11.82 28.41 -11.62
N LEU B 216 11.20 28.13 -10.49
CA LEU B 216 11.81 27.28 -9.49
C LEU B 216 10.82 26.17 -9.18
N PHE B 217 11.22 24.93 -9.50
CA PHE B 217 10.39 23.76 -9.25
C PHE B 217 10.90 22.96 -8.03
N SER B 218 10.00 22.67 -7.09
CA SER B 218 10.37 21.85 -5.94
C SER B 218 9.70 20.51 -6.20
N GLU B 219 10.44 19.42 -5.93
CA GLU B 219 9.95 18.05 -6.18
C GLU B 219 9.70 17.23 -4.91
N HIS B 220 8.48 16.70 -4.78
CA HIS B 220 8.15 15.91 -3.61
C HIS B 220 8.40 14.41 -3.79
N LYS B 221 8.57 13.72 -2.67
CA LYS B 221 8.81 12.29 -2.70
C LYS B 221 8.42 11.71 -1.36
N MET B 222 7.65 10.62 -1.38
CA MET B 222 7.21 10.01 -0.13
C MET B 222 8.36 9.43 0.70
N TYR B 223 9.34 8.81 0.05
CA TYR B 223 10.46 8.23 0.76
C TYR B 223 11.63 7.88 -0.17
N GLU B 224 12.80 7.67 0.44
CA GLU B 224 14.05 7.34 -0.24
C GLU B 224 14.72 8.61 -0.74
N PRO B 225 15.94 8.89 -0.26
CA PRO B 225 16.74 8.09 0.69
C PRO B 225 16.27 8.06 2.13
N ALA B 226 15.31 8.92 2.50
CA ALA B 226 14.80 8.95 3.86
C ALA B 226 13.73 7.88 4.05
N PHE B 227 13.89 7.05 5.08
CA PHE B 227 12.95 5.96 5.29
C PHE B 227 11.94 6.04 6.42
N TYR B 228 11.82 7.22 7.03
CA TYR B 228 10.80 7.41 8.07
C TYR B 228 9.97 8.64 7.70
N SER B 229 10.64 9.74 7.38
CA SER B 229 9.93 10.95 6.98
C SER B 229 10.81 11.77 6.07
N THR B 230 10.18 12.48 5.13
CA THR B 230 10.89 13.31 4.18
C THR B 230 10.32 14.72 4.28
N VAL B 231 11.18 15.72 4.24
CA VAL B 231 10.72 17.09 4.35
C VAL B 231 9.62 17.39 3.31
N VAL B 232 9.93 17.17 2.03
CA VAL B 232 8.98 17.40 0.96
C VAL B 232 8.38 16.05 0.58
N GLN B 233 7.57 15.51 1.50
CA GLN B 233 6.98 14.19 1.32
C GLN B 233 5.87 14.09 0.28
N ASP B 234 4.91 15.01 0.29
CA ASP B 234 3.82 14.93 -0.67
C ASP B 234 3.52 16.23 -1.37
N TRP B 235 2.52 16.18 -2.26
CA TRP B 235 2.15 17.35 -3.03
C TRP B 235 1.53 18.43 -2.13
N GLY B 236 1.15 18.04 -0.93
CA GLY B 236 0.55 18.98 0.00
C GLY B 236 1.60 19.95 0.51
N THR B 237 2.73 19.40 0.92
CA THR B 237 3.85 20.20 1.41
C THR B 237 4.38 21.00 0.22
N ASN B 238 4.42 20.35 -0.94
CA ASN B 238 4.92 20.98 -2.15
C ASN B 238 4.18 22.28 -2.41
N TYR B 239 2.85 22.20 -2.36
CA TYR B 239 2.01 23.36 -2.60
C TYR B 239 2.32 24.46 -1.58
N LEU B 240 2.49 24.08 -0.32
CA LEU B 240 2.81 25.04 0.72
C LEU B 240 4.09 25.77 0.39
N ILE B 241 5.01 25.06 -0.28
CA ILE B 241 6.30 25.64 -0.65
C ILE B 241 6.19 26.61 -1.82
N ALA B 242 5.46 26.19 -2.85
CA ALA B 242 5.27 27.01 -4.03
C ALA B 242 4.47 28.28 -3.76
N GLN B 243 3.47 28.19 -2.91
CA GLN B 243 2.66 29.36 -2.61
C GLN B 243 3.34 30.23 -1.57
N THR B 244 4.41 29.73 -0.97
CA THR B 244 5.12 30.52 0.04
C THR B 244 6.30 31.28 -0.57
N LEU B 245 6.96 30.65 -1.54
CA LEU B 245 8.12 31.26 -2.18
C LEU B 245 7.74 32.30 -3.22
N GLY B 246 6.58 32.15 -3.86
CA GLY B 246 6.18 33.12 -4.85
C GLY B 246 5.72 32.56 -6.19
N PRO B 247 5.33 33.45 -7.12
CA PRO B 247 4.82 33.24 -8.49
C PRO B 247 5.73 32.41 -9.38
N LYS B 248 7.03 32.54 -9.19
CA LYS B 248 8.00 31.82 -10.01
C LYS B 248 8.22 30.38 -9.53
N ALA B 249 7.83 30.10 -8.28
CA ALA B 249 8.01 28.76 -7.73
C ALA B 249 6.75 27.93 -7.92
N GLN B 250 6.90 26.76 -8.54
CA GLN B 250 5.80 25.82 -8.79
C GLN B 250 6.21 24.41 -8.39
N CYS B 251 5.24 23.50 -8.33
CA CYS B 251 5.50 22.11 -7.93
C CYS B 251 5.79 21.19 -9.09
N LEU B 252 6.72 20.26 -8.90
CA LEU B 252 7.05 19.29 -9.93
C LEU B 252 6.53 17.92 -9.46
N VAL B 253 5.90 17.18 -10.37
CA VAL B 253 5.31 15.88 -10.03
C VAL B 253 5.93 14.66 -10.73
N ASP B 254 6.65 13.86 -9.94
CA ASP B 254 7.31 12.64 -10.42
C ASP B 254 6.34 11.48 -10.16
N LEU B 255 5.71 10.97 -11.20
CA LEU B 255 4.72 9.90 -11.07
C LEU B 255 4.96 8.79 -10.04
N GLY B 256 6.21 8.35 -9.88
CA GLY B 256 6.48 7.30 -8.91
C GLY B 256 6.76 7.72 -7.48
N HIS B 257 6.50 8.98 -7.12
CA HIS B 257 6.79 9.45 -5.74
C HIS B 257 5.58 9.54 -4.84
N HIS B 258 4.58 8.72 -5.11
CA HIS B 258 3.35 8.77 -4.35
C HIS B 258 3.09 7.51 -3.55
N ALA B 259 2.34 7.64 -2.48
CA ALA B 259 2.00 6.50 -1.64
C ALA B 259 1.25 5.47 -2.47
N PRO B 260 1.23 4.21 -2.04
CA PRO B 260 0.51 3.22 -2.84
C PRO B 260 -0.98 3.60 -3.04
N ASN B 261 -1.47 3.32 -4.25
CA ASN B 261 -2.86 3.60 -4.62
C ASN B 261 -3.26 5.07 -4.76
N THR B 262 -2.33 6.00 -4.55
CA THR B 262 -2.64 7.41 -4.67
C THR B 262 -3.24 7.74 -6.03
N ASN B 263 -4.16 8.69 -6.06
CA ASN B 263 -4.77 9.10 -7.33
C ASN B 263 -3.90 10.25 -7.82
N ILE B 264 -2.91 9.92 -8.64
CA ILE B 264 -1.95 10.88 -9.18
C ILE B 264 -2.55 11.91 -10.15
N GLU B 265 -3.42 11.47 -11.06
CA GLU B 265 -4.02 12.40 -12.01
C GLU B 265 -4.84 13.48 -11.28
N MET B 266 -5.39 13.15 -10.11
CA MET B 266 -6.16 14.14 -9.37
C MET B 266 -5.23 15.21 -8.83
N ILE B 267 -4.11 14.80 -8.23
CA ILE B 267 -3.15 15.75 -7.71
C ILE B 267 -2.81 16.72 -8.84
N VAL B 268 -2.56 16.16 -10.01
CA VAL B 268 -2.28 16.98 -11.18
C VAL B 268 -3.36 18.06 -11.34
N ALA B 269 -4.62 17.64 -11.44
CA ALA B 269 -5.74 18.57 -11.59
C ALA B 269 -5.71 19.68 -10.55
N ARG B 270 -5.70 19.28 -9.29
CA ARG B 270 -5.66 20.21 -8.16
C ARG B 270 -4.56 21.28 -8.28
N LEU B 271 -3.39 20.87 -8.74
CA LEU B 271 -2.26 21.77 -8.90
C LEU B 271 -2.50 22.69 -10.10
N ILE B 272 -3.07 22.12 -11.17
CA ILE B 272 -3.37 22.91 -12.36
C ILE B 272 -4.39 23.99 -12.00
N GLN B 273 -5.47 23.59 -11.34
CA GLN B 273 -6.48 24.55 -10.94
C GLN B 273 -5.90 25.69 -10.10
N PHE B 274 -4.83 25.42 -9.36
CA PHE B 274 -4.21 26.44 -8.52
C PHE B 274 -2.96 27.10 -9.08
N GLY B 275 -2.74 26.91 -10.38
CA GLY B 275 -1.60 27.52 -11.04
C GLY B 275 -0.24 27.17 -10.49
N LYS B 276 -0.09 26.00 -9.86
CA LYS B 276 1.20 25.61 -9.32
C LYS B 276 1.78 24.34 -9.92
N LEU B 277 1.22 23.87 -11.03
CA LEU B 277 1.76 22.69 -11.68
C LEU B 277 2.95 23.10 -12.56
N GLY B 278 4.16 23.04 -12.00
CA GLY B 278 5.35 23.43 -12.74
C GLY B 278 5.75 22.44 -13.82
N GLY B 279 5.59 21.15 -13.56
CA GLY B 279 5.96 20.15 -14.53
C GLY B 279 6.00 18.71 -14.03
N PHE B 280 6.27 17.79 -14.95
CA PHE B 280 6.33 16.37 -14.65
C PHE B 280 7.67 15.68 -14.79
N HIS B 281 7.74 14.53 -14.13
CA HIS B 281 8.87 13.64 -14.20
C HIS B 281 8.20 12.30 -14.49
N PHE B 282 8.22 11.95 -15.77
CA PHE B 282 7.62 10.73 -16.28
C PHE B 282 8.45 9.47 -16.09
N ASN B 283 7.75 8.39 -15.79
CA ASN B 283 8.31 7.08 -15.59
C ASN B 283 7.15 6.24 -15.12
N ASP B 284 7.39 4.99 -14.79
CA ASP B 284 6.32 4.16 -14.31
C ASP B 284 6.79 3.43 -13.07
N SER B 285 5.85 2.78 -12.39
CA SER B 285 6.17 2.06 -11.18
C SER B 285 5.10 1.02 -10.89
N LYS B 286 5.38 0.16 -9.91
CA LYS B 286 4.45 -0.87 -9.51
C LYS B 286 4.55 -1.04 -8.03
N TYR B 287 5.72 -0.73 -7.48
CA TYR B 287 5.97 -0.87 -6.06
C TYR B 287 6.33 0.45 -5.37
N GLY B 288 7.46 1.04 -5.77
CA GLY B 288 7.90 2.31 -5.18
C GLY B 288 8.34 3.23 -6.30
N ASP B 289 9.46 3.94 -6.11
CA ASP B 289 9.94 4.80 -7.18
C ASP B 289 10.82 3.88 -8.02
N ASP B 290 10.18 2.91 -8.65
CA ASP B 290 10.87 1.92 -9.45
C ASP B 290 11.58 2.58 -10.64
N ASP B 291 11.16 3.80 -10.99
CA ASP B 291 11.73 4.54 -12.10
C ASP B 291 11.85 3.74 -13.39
N LEU B 292 10.79 3.03 -13.73
CA LEU B 292 10.75 2.21 -14.94
C LEU B 292 10.32 3.01 -16.17
N ASP B 293 10.35 2.36 -17.32
CA ASP B 293 9.96 3.00 -18.57
C ASP B 293 8.49 3.42 -18.50
N ALA B 294 8.23 4.68 -18.83
CA ALA B 294 6.87 5.21 -18.82
C ALA B 294 5.88 4.31 -19.56
N GLY B 295 4.70 4.15 -18.96
CA GLY B 295 3.65 3.34 -19.58
C GLY B 295 3.95 1.87 -19.83
N ALA B 296 5.01 1.35 -19.24
CA ALA B 296 5.38 -0.05 -19.42
C ALA B 296 4.66 -0.92 -18.39
N ILE B 297 4.20 -0.29 -17.32
CA ILE B 297 3.50 -0.97 -16.22
C ILE B 297 1.99 -0.65 -16.20
N GLU B 298 1.65 0.64 -16.07
CA GLU B 298 0.26 1.08 -16.06
C GLU B 298 0.01 2.15 -17.12
N PRO B 299 -0.10 1.74 -18.39
CA PRO B 299 -0.32 2.69 -19.48
C PRO B 299 -1.60 3.51 -19.36
N TYR B 300 -2.63 2.94 -18.75
CA TYR B 300 -3.90 3.67 -18.61
C TYR B 300 -3.79 4.87 -17.70
N ARG B 301 -2.99 4.72 -16.65
CA ARG B 301 -2.77 5.78 -15.67
C ARG B 301 -2.02 6.93 -16.34
N LEU B 302 -1.09 6.60 -17.22
CA LEU B 302 -0.33 7.64 -17.90
C LEU B 302 -1.34 8.45 -18.69
N PHE B 303 -2.27 7.75 -19.34
CA PHE B 303 -3.33 8.36 -20.15
C PHE B 303 -4.23 9.25 -19.32
N LEU B 304 -4.61 8.78 -18.14
CA LEU B 304 -5.47 9.56 -17.27
C LEU B 304 -4.79 10.84 -16.79
N VAL B 305 -3.47 10.77 -16.58
CA VAL B 305 -2.72 11.94 -16.18
C VAL B 305 -2.78 12.88 -17.38
N PHE B 306 -2.49 12.34 -18.57
CA PHE B 306 -2.54 13.15 -19.78
C PHE B 306 -3.93 13.67 -20.12
N ASN B 307 -4.96 12.96 -19.66
CA ASN B 307 -6.33 13.39 -19.92
C ASN B 307 -6.56 14.68 -19.16
N GLU B 308 -5.84 14.84 -18.05
CA GLU B 308 -5.95 16.04 -17.23
C GLU B 308 -5.16 17.14 -17.88
N LEU B 309 -3.99 16.79 -18.41
CA LEU B 309 -3.17 17.80 -19.06
C LEU B 309 -3.86 18.35 -20.32
N VAL B 310 -4.47 17.47 -21.11
CA VAL B 310 -5.15 17.91 -22.32
C VAL B 310 -6.37 18.78 -22.00
N ASP B 311 -7.17 18.35 -21.02
CA ASP B 311 -8.36 19.12 -20.65
C ASP B 311 -7.98 20.51 -20.19
N ALA B 312 -6.77 20.65 -19.66
CA ALA B 312 -6.29 21.94 -19.19
C ALA B 312 -6.15 22.91 -20.36
N GLU B 313 -5.79 22.38 -21.53
CA GLU B 313 -5.64 23.16 -22.75
C GLU B 313 -7.01 23.66 -23.21
N ALA B 314 -7.99 22.76 -23.21
CA ALA B 314 -9.35 23.08 -23.63
C ALA B 314 -9.97 24.13 -22.70
N ARG B 315 -10.05 23.84 -21.41
CA ARG B 315 -10.63 24.81 -20.50
C ARG B 315 -9.81 26.13 -20.60
N GLY B 316 -8.77 26.09 -21.45
CA GLY B 316 -7.85 27.24 -21.59
C GLY B 316 -7.53 27.80 -20.22
N VAL B 317 -6.71 27.06 -19.47
CA VAL B 317 -6.31 27.46 -18.16
C VAL B 317 -5.13 28.44 -18.15
N LYS B 318 -5.00 29.18 -17.06
CA LYS B 318 -3.95 30.18 -16.91
C LYS B 318 -2.75 29.69 -16.10
N GLY B 319 -1.55 30.10 -16.50
CA GLY B 319 -0.35 29.70 -15.78
C GLY B 319 -0.01 28.24 -16.02
N PHE B 320 -0.75 27.62 -16.95
CA PHE B 320 -0.54 26.23 -17.27
C PHE B 320 0.47 26.04 -18.40
N HIS B 321 1.71 25.80 -18.02
CA HIS B 321 2.77 25.58 -19.00
C HIS B 321 3.77 24.64 -18.33
N PRO B 322 3.36 23.38 -18.12
CA PRO B 322 4.18 22.34 -17.49
C PRO B 322 5.45 21.99 -18.25
N ALA B 323 6.55 21.89 -17.51
CA ALA B 323 7.85 21.50 -18.05
C ALA B 323 7.86 19.97 -17.96
N HIS B 324 7.86 19.30 -19.11
CA HIS B 324 7.85 17.85 -19.14
C HIS B 324 9.25 17.25 -19.25
N MET B 325 9.55 16.34 -18.32
CA MET B 325 10.85 15.68 -18.30
C MET B 325 10.68 14.19 -18.01
N ILE B 326 11.56 13.38 -18.59
CA ILE B 326 11.56 11.92 -18.36
C ILE B 326 12.61 11.70 -17.27
N ASP B 327 12.20 11.05 -16.18
CA ASP B 327 13.09 10.75 -15.06
C ASP B 327 13.00 9.27 -14.76
N GLN B 328 13.76 8.49 -15.52
CA GLN B 328 13.78 7.04 -15.40
C GLN B 328 15.19 6.57 -15.06
N SER B 329 15.31 5.27 -14.84
CA SER B 329 16.58 4.60 -14.52
C SER B 329 16.50 3.26 -15.24
N HIS B 330 17.38 3.05 -16.21
CA HIS B 330 17.35 1.82 -16.98
C HIS B 330 18.45 0.87 -16.56
N ASN B 331 18.07 -0.13 -15.77
CA ASN B 331 19.00 -1.11 -15.21
C ASN B 331 19.17 -2.41 -16.02
N VAL B 332 18.22 -2.76 -16.87
CA VAL B 332 18.33 -4.02 -17.63
C VAL B 332 18.07 -3.91 -19.13
N THR B 333 18.20 -2.71 -19.69
CA THR B 333 17.98 -2.52 -21.13
C THR B 333 18.94 -1.44 -21.61
N ASP B 334 19.02 -1.30 -22.93
CA ASP B 334 19.88 -0.30 -23.54
C ASP B 334 19.24 1.04 -23.18
N PRO B 335 19.95 1.87 -22.41
CA PRO B 335 19.38 3.17 -22.02
C PRO B 335 18.74 3.96 -23.16
N ILE B 336 19.36 3.94 -24.33
CA ILE B 336 18.82 4.68 -25.47
C ILE B 336 17.49 4.11 -25.95
N GLU B 337 17.46 2.81 -26.28
CA GLU B 337 16.24 2.18 -26.74
C GLU B 337 15.09 2.46 -25.78
N SER B 338 15.34 2.35 -24.48
CA SER B 338 14.30 2.60 -23.48
C SER B 338 13.78 4.03 -23.54
N LEU B 339 14.69 5.00 -23.54
CA LEU B 339 14.29 6.39 -23.58
C LEU B 339 13.51 6.66 -24.86
N ILE B 340 13.88 5.96 -25.92
CA ILE B 340 13.21 6.11 -27.19
C ILE B 340 11.74 5.70 -27.08
N ASN B 341 11.49 4.50 -26.57
CA ASN B 341 10.12 4.02 -26.43
C ASN B 341 9.37 4.72 -25.30
N SER B 342 10.10 5.21 -24.30
CA SER B 342 9.43 5.92 -23.21
C SER B 342 8.86 7.22 -23.77
N ALA B 343 9.70 7.96 -24.51
CA ALA B 343 9.28 9.20 -25.11
C ALA B 343 8.13 8.93 -26.09
N ASN B 344 8.11 7.74 -26.67
CA ASN B 344 7.06 7.32 -27.61
C ASN B 344 5.77 7.08 -26.83
N GLU B 345 5.88 6.34 -25.74
CA GLU B 345 4.75 6.02 -24.90
C GLU B 345 4.09 7.30 -24.37
N ILE B 346 4.91 8.31 -24.06
CA ILE B 346 4.39 9.57 -23.55
C ILE B 346 3.52 10.27 -24.62
N ARG B 347 3.99 10.25 -25.86
CA ARG B 347 3.27 10.86 -26.95
C ARG B 347 1.99 10.10 -27.24
N ARG B 348 2.05 8.78 -27.04
CA ARG B 348 0.88 7.95 -27.25
C ARG B 348 -0.20 8.44 -26.27
N ALA B 349 0.15 8.54 -25.00
CA ALA B 349 -0.80 9.00 -23.98
C ALA B 349 -1.41 10.32 -24.45
N TYR B 350 -0.54 11.26 -24.80
CA TYR B 350 -0.97 12.57 -25.26
C TYR B 350 -1.94 12.43 -26.46
N ALA B 351 -1.51 11.67 -27.46
CA ALA B 351 -2.30 11.44 -28.67
C ALA B 351 -3.71 10.95 -28.34
N GLN B 352 -3.80 9.97 -27.45
CA GLN B 352 -5.08 9.41 -27.08
C GLN B 352 -5.93 10.35 -26.26
N ALA B 353 -5.31 11.07 -25.33
CA ALA B 353 -6.05 12.02 -24.51
C ALA B 353 -6.69 13.03 -25.46
N LEU B 354 -5.94 13.33 -26.51
CA LEU B 354 -6.35 14.28 -27.54
C LEU B 354 -7.52 13.76 -28.37
N LEU B 355 -7.78 12.45 -28.37
CA LEU B 355 -8.90 11.90 -29.14
C LEU B 355 -10.19 11.90 -28.34
N VAL B 356 -10.11 12.21 -27.07
CA VAL B 356 -11.28 12.24 -26.20
C VAL B 356 -12.31 13.27 -26.66
N ASP B 357 -13.55 12.83 -26.84
CA ASP B 357 -14.62 13.73 -27.22
C ASP B 357 -15.01 14.53 -25.96
N ARG B 358 -14.35 15.65 -25.73
CA ARG B 358 -14.63 16.48 -24.55
C ARG B 358 -16.11 16.81 -24.45
N ALA B 359 -16.69 17.22 -25.58
CA ALA B 359 -18.12 17.57 -25.62
C ALA B 359 -19.00 16.48 -25.00
N ALA B 360 -18.92 15.28 -25.56
CA ALA B 360 -19.71 14.14 -25.08
C ALA B 360 -19.36 13.77 -23.62
N LEU B 361 -18.07 13.82 -23.31
CA LEU B 361 -17.60 13.51 -21.96
C LEU B 361 -18.32 14.42 -20.98
N SER B 362 -18.13 15.73 -21.15
CA SER B 362 -18.76 16.72 -20.30
C SER B 362 -20.27 16.49 -20.24
N GLY B 363 -20.82 16.02 -21.36
CA GLY B 363 -22.24 15.73 -21.41
C GLY B 363 -22.58 14.60 -20.47
N TYR B 364 -21.85 13.50 -20.58
CA TYR B 364 -22.10 12.35 -19.71
C TYR B 364 -21.76 12.60 -18.23
N GLN B 365 -21.01 13.67 -17.97
CA GLN B 365 -20.65 14.00 -16.58
C GLN B 365 -21.80 14.71 -15.88
N GLU B 366 -22.41 15.67 -16.57
CA GLU B 366 -23.51 16.45 -16.01
C GLU B 366 -24.72 15.58 -15.77
N ASP B 367 -24.86 14.54 -16.59
CA ASP B 367 -25.97 13.61 -16.49
C ASP B 367 -25.66 12.46 -15.54
N ASN B 368 -24.52 12.54 -14.86
CA ASN B 368 -24.09 11.51 -13.95
C ASN B 368 -24.24 10.12 -14.60
N ASP B 369 -23.95 10.07 -15.90
CA ASP B 369 -24.01 8.83 -16.66
C ASP B 369 -22.55 8.36 -16.68
N ALA B 370 -22.13 7.81 -15.54
CA ALA B 370 -20.78 7.33 -15.31
C ALA B 370 -20.29 6.29 -16.31
N LEU B 371 -21.12 5.31 -16.60
CA LEU B 371 -20.74 4.26 -17.53
C LEU B 371 -20.36 4.83 -18.88
N MET B 372 -21.19 5.73 -19.43
CA MET B 372 -20.87 6.30 -20.73
C MET B 372 -19.66 7.22 -20.62
N ALA B 373 -19.53 7.88 -19.47
CA ALA B 373 -18.41 8.79 -19.24
C ALA B 373 -17.10 8.02 -19.33
N THR B 374 -17.04 6.89 -18.61
CA THR B 374 -15.82 6.09 -18.61
C THR B 374 -15.61 5.45 -19.98
N GLU B 375 -16.71 5.11 -20.64
CA GLU B 375 -16.65 4.51 -21.96
C GLU B 375 -16.16 5.54 -22.98
N THR B 376 -16.38 6.82 -22.67
CA THR B 376 -15.99 7.90 -23.55
C THR B 376 -14.47 8.09 -23.50
N LEU B 377 -13.88 7.74 -22.35
CA LEU B 377 -12.44 7.83 -22.19
C LEU B 377 -11.85 6.61 -22.83
N LYS B 378 -12.50 5.47 -22.63
CA LYS B 378 -12.03 4.22 -23.20
C LYS B 378 -12.00 4.24 -24.71
N ARG B 379 -12.87 5.03 -25.32
CA ARG B 379 -12.90 5.08 -26.78
C ARG B 379 -11.62 5.70 -27.33
N ALA B 380 -11.12 6.73 -26.66
CA ALA B 380 -9.88 7.39 -27.08
C ALA B 380 -8.69 6.51 -26.72
N TYR B 381 -8.57 6.20 -25.43
CA TYR B 381 -7.47 5.37 -24.93
C TYR B 381 -7.34 4.03 -25.68
N ARG B 382 -8.47 3.47 -26.09
CA ARG B 382 -8.43 2.18 -26.77
C ARG B 382 -7.92 2.26 -28.20
N THR B 383 -7.82 3.48 -28.73
CA THR B 383 -7.37 3.69 -30.09
C THR B 383 -5.86 3.56 -30.27
N ASP B 384 -5.46 2.67 -31.18
CA ASP B 384 -4.05 2.44 -31.49
C ASP B 384 -3.55 3.65 -32.28
N VAL B 385 -2.93 4.60 -31.60
CA VAL B 385 -2.44 5.81 -32.24
C VAL B 385 -1.00 5.71 -32.78
N GLU B 386 -0.46 4.51 -32.85
CA GLU B 386 0.90 4.32 -33.35
C GLU B 386 1.06 4.88 -34.77
N PRO B 387 0.06 4.69 -35.65
CA PRO B 387 0.19 5.22 -37.02
C PRO B 387 0.44 6.72 -36.99
N ILE B 388 -0.25 7.42 -36.08
CA ILE B 388 -0.08 8.86 -35.93
C ILE B 388 1.32 9.16 -35.40
N LEU B 389 1.78 8.34 -34.46
CA LEU B 389 3.10 8.53 -33.89
C LEU B 389 4.19 8.38 -34.94
N ALA B 390 4.12 7.28 -35.71
CA ALA B 390 5.14 7.04 -36.74
C ALA B 390 5.12 8.10 -37.84
N GLU B 391 3.93 8.46 -38.28
CA GLU B 391 3.77 9.48 -39.32
C GLU B 391 4.37 10.80 -38.87
N ALA B 392 4.11 11.16 -37.61
CA ALA B 392 4.62 12.39 -37.06
C ALA B 392 6.14 12.33 -37.07
N ARG B 393 6.69 11.16 -36.76
CA ARG B 393 8.13 11.02 -36.75
C ARG B 393 8.67 11.11 -38.17
N ARG B 394 8.02 10.43 -39.10
CA ARG B 394 8.45 10.43 -40.48
C ARG B 394 8.51 11.82 -41.09
N ARG B 395 7.49 12.63 -40.81
CA ARG B 395 7.44 13.99 -41.36
C ARG B 395 8.48 14.93 -40.78
N THR B 396 8.93 14.67 -39.57
CA THR B 396 9.89 15.54 -38.92
C THR B 396 11.35 15.12 -38.96
N GLY B 397 11.64 14.01 -39.64
CA GLY B 397 13.03 13.54 -39.74
C GLY B 397 13.35 12.41 -38.77
N GLY B 398 12.30 11.87 -38.15
CA GLY B 398 12.49 10.78 -37.21
C GLY B 398 12.40 9.48 -37.99
N ALA B 399 12.34 8.36 -37.28
CA ALA B 399 12.26 7.07 -37.93
C ALA B 399 10.92 6.41 -37.62
N VAL B 400 10.36 5.71 -38.62
CA VAL B 400 9.09 5.03 -38.45
C VAL B 400 9.13 4.15 -37.20
N ASP B 401 10.12 3.26 -37.12
CA ASP B 401 10.31 2.38 -35.97
C ASP B 401 11.67 2.74 -35.34
N PRO B 402 11.67 3.70 -34.40
CA PRO B 402 12.88 4.17 -33.71
C PRO B 402 13.87 3.09 -33.24
N VAL B 403 13.42 2.23 -32.34
CA VAL B 403 14.29 1.18 -31.83
C VAL B 403 14.79 0.24 -32.92
N ALA B 404 13.94 -0.06 -33.89
CA ALA B 404 14.34 -0.96 -34.98
C ALA B 404 15.42 -0.30 -35.83
N THR B 405 15.25 0.99 -36.07
CA THR B 405 16.23 1.74 -36.85
C THR B 405 17.50 1.87 -36.03
N TYR B 406 17.34 2.15 -34.74
CA TYR B 406 18.47 2.29 -33.84
C TYR B 406 19.30 1.02 -33.91
N ARG B 407 18.62 -0.12 -33.82
CA ARG B 407 19.31 -1.41 -33.90
C ARG B 407 19.94 -1.63 -35.26
N ALA B 408 19.27 -1.17 -36.32
CA ALA B 408 19.81 -1.32 -37.66
C ALA B 408 21.08 -0.51 -37.78
N SER B 409 21.09 0.69 -37.20
CA SER B 409 22.25 1.56 -37.28
C SER B 409 23.49 1.01 -36.59
N GLY B 410 23.34 -0.08 -35.84
CA GLY B 410 24.48 -0.67 -35.14
C GLY B 410 25.22 0.33 -34.26
N TYR B 411 24.51 1.36 -33.81
CA TYR B 411 25.09 2.41 -32.96
C TYR B 411 25.66 1.92 -31.62
N ARG B 412 24.94 1.04 -30.93
CA ARG B 412 25.46 0.59 -29.64
C ARG B 412 26.86 0.00 -29.84
N ALA B 413 27.01 -0.81 -30.88
CA ALA B 413 28.31 -1.43 -31.17
C ALA B 413 29.35 -0.36 -31.50
N ARG B 414 28.93 0.67 -32.21
CA ARG B 414 29.86 1.74 -32.58
C ARG B 414 30.48 2.42 -31.37
N VAL B 415 29.65 2.93 -30.47
CA VAL B 415 30.18 3.61 -29.28
C VAL B 415 30.87 2.62 -28.36
N ALA B 416 30.49 1.35 -28.45
CA ALA B 416 31.11 0.35 -27.59
C ALA B 416 32.59 0.28 -27.96
N ALA B 417 32.87 0.42 -29.25
CA ALA B 417 34.25 0.36 -29.74
C ALA B 417 35.04 1.63 -29.46
N GLU B 418 34.34 2.74 -29.26
CA GLU B 418 34.99 4.02 -29.00
C GLU B 418 35.22 4.28 -27.51
N ARG B 419 34.36 3.70 -26.68
CA ARG B 419 34.43 3.91 -25.23
C ARG B 419 34.86 2.66 -24.48
N PRO B 420 35.83 2.81 -23.56
CA PRO B 420 36.34 1.68 -22.78
C PRO B 420 35.39 1.31 -21.64
N ALA B 421 35.28 0.01 -21.35
CA ALA B 421 34.44 -0.46 -20.26
C ALA B 421 35.34 -0.58 -19.04
N SER B 422 34.85 -1.19 -17.97
CA SER B 422 35.67 -1.39 -16.78
C SER B 422 36.43 -2.69 -17.00
N VAL B 423 35.76 -3.62 -17.68
CA VAL B 423 36.33 -4.92 -18.00
C VAL B 423 35.97 -5.23 -19.46
N ALA B 424 36.83 -6.00 -20.14
CA ALA B 424 36.58 -6.35 -21.54
C ALA B 424 35.42 -7.34 -21.65
N GLU C 3 -37.08 -18.01 -24.86
CA GLU C 3 -37.51 -16.62 -24.56
C GLU C 3 -36.49 -15.58 -25.00
N PHE C 4 -36.96 -14.37 -25.26
CA PHE C 4 -36.11 -13.27 -25.68
C PHE C 4 -36.45 -12.00 -24.91
N ARG C 5 -35.66 -11.73 -23.88
CA ARG C 5 -35.85 -10.55 -23.03
C ARG C 5 -35.85 -9.26 -23.85
N ILE C 6 -35.09 -9.25 -24.94
CA ILE C 6 -35.02 -8.07 -25.80
C ILE C 6 -35.70 -8.42 -27.12
N ALA C 7 -36.49 -7.49 -27.66
CA ALA C 7 -37.19 -7.74 -28.93
C ALA C 7 -36.19 -7.93 -30.07
N GLN C 8 -36.17 -9.13 -30.63
CA GLN C 8 -35.25 -9.45 -31.71
C GLN C 8 -35.16 -8.38 -32.79
N ASP C 9 -36.27 -7.67 -33.02
CA ASP C 9 -36.31 -6.62 -34.03
C ASP C 9 -35.48 -5.42 -33.59
N VAL C 10 -35.39 -5.19 -32.28
CA VAL C 10 -34.60 -4.09 -31.76
C VAL C 10 -33.12 -4.42 -31.99
N VAL C 11 -32.76 -5.67 -31.74
CA VAL C 11 -31.37 -6.10 -31.92
C VAL C 11 -30.95 -5.97 -33.37
N ALA C 12 -31.71 -6.60 -34.25
CA ALA C 12 -31.42 -6.56 -35.69
C ALA C 12 -31.37 -5.12 -36.18
N ARG C 13 -32.32 -4.30 -35.71
CA ARG C 13 -32.40 -2.90 -36.09
C ARG C 13 -31.10 -2.17 -35.75
N GLU C 14 -30.83 -2.05 -34.45
CA GLU C 14 -29.62 -1.39 -33.95
C GLU C 14 -28.34 -1.99 -34.49
N ASN C 15 -28.37 -3.28 -34.82
CA ASN C 15 -27.18 -3.90 -35.37
C ASN C 15 -27.00 -3.42 -36.81
N ASP C 16 -28.10 -3.42 -37.58
CA ASP C 16 -28.05 -2.97 -38.98
C ASP C 16 -27.61 -1.52 -39.08
N ARG C 17 -27.98 -0.73 -38.08
CA ARG C 17 -27.62 0.67 -38.04
C ARG C 17 -26.12 0.85 -37.81
N ARG C 18 -25.41 -0.25 -37.59
CA ARG C 18 -23.99 -0.19 -37.32
C ARG C 18 -23.15 -1.12 -38.19
N ALA C 19 -23.77 -2.15 -38.74
CA ALA C 19 -23.07 -3.13 -39.57
C ALA C 19 -22.16 -2.54 -40.64
N SER C 20 -22.43 -1.31 -41.05
CA SER C 20 -21.63 -0.65 -42.07
C SER C 20 -20.26 -0.31 -41.53
N ALA C 21 -20.23 0.45 -40.43
CA ALA C 21 -18.99 0.85 -39.79
C ALA C 21 -18.23 -0.38 -39.33
N LEU C 22 -18.96 -1.32 -38.72
CA LEU C 22 -18.33 -2.54 -38.23
C LEU C 22 -17.58 -3.25 -39.35
N LYS C 23 -18.21 -3.37 -40.52
CA LYS C 23 -17.56 -4.04 -41.64
C LYS C 23 -16.22 -3.39 -41.96
N GLU C 24 -16.20 -2.07 -42.01
CA GLU C 24 -14.98 -1.35 -42.32
C GLU C 24 -13.91 -1.67 -41.27
N ASP C 25 -14.20 -1.32 -40.02
CA ASP C 25 -13.29 -1.54 -38.92
C ASP C 25 -12.76 -2.97 -38.87
N TYR C 26 -13.66 -3.94 -38.97
CA TYR C 26 -13.26 -5.35 -38.95
C TYR C 26 -12.29 -5.63 -40.10
N GLU C 27 -12.73 -5.36 -41.32
CA GLU C 27 -11.90 -5.58 -42.51
C GLU C 27 -10.54 -4.89 -42.40
N ALA C 28 -10.54 -3.69 -41.81
CA ALA C 28 -9.29 -2.95 -41.65
C ALA C 28 -8.38 -3.65 -40.65
N LEU C 29 -8.96 -4.14 -39.55
CA LEU C 29 -8.19 -4.83 -38.51
C LEU C 29 -7.71 -6.18 -39.04
N GLY C 30 -8.57 -6.89 -39.75
CA GLY C 30 -8.19 -8.17 -40.29
C GLY C 30 -7.05 -8.02 -41.28
N ALA C 31 -7.00 -6.88 -41.96
CA ALA C 31 -5.95 -6.61 -42.93
C ALA C 31 -4.64 -6.30 -42.22
N ASN C 32 -4.75 -5.68 -41.04
CA ASN C 32 -3.58 -5.34 -40.24
C ASN C 32 -2.99 -6.60 -39.61
N LEU C 33 -3.83 -7.36 -38.91
CA LEU C 33 -3.40 -8.60 -38.28
C LEU C 33 -2.81 -9.51 -39.33
N ALA C 34 -3.35 -9.42 -40.55
CA ALA C 34 -2.89 -10.23 -41.67
C ALA C 34 -1.43 -9.89 -41.93
N ARG C 35 -1.10 -8.60 -41.91
CA ARG C 35 0.26 -8.16 -42.15
C ARG C 35 1.17 -8.59 -41.00
N ARG C 36 0.56 -9.13 -39.94
CA ARG C 36 1.29 -9.59 -38.75
C ARG C 36 1.18 -11.10 -38.61
N GLY C 37 0.84 -11.77 -39.72
CA GLY C 37 0.73 -13.22 -39.71
C GLY C 37 -0.35 -13.77 -38.80
N VAL C 38 -1.48 -13.08 -38.73
CA VAL C 38 -2.58 -13.53 -37.90
C VAL C 38 -3.91 -13.49 -38.66
N ASP C 39 -4.66 -14.58 -38.53
CA ASP C 39 -5.94 -14.72 -39.18
C ASP C 39 -7.04 -14.27 -38.21
N ILE C 40 -7.47 -13.02 -38.36
CA ILE C 40 -8.51 -12.45 -37.50
C ILE C 40 -9.73 -13.35 -37.39
N GLU C 41 -9.83 -14.35 -38.25
CA GLU C 41 -10.97 -15.26 -38.22
C GLU C 41 -10.80 -16.36 -37.17
N ALA C 42 -9.55 -16.71 -36.87
CA ALA C 42 -9.30 -17.73 -35.86
C ALA C 42 -9.49 -17.11 -34.50
N VAL C 43 -9.11 -15.84 -34.37
CA VAL C 43 -9.25 -15.12 -33.12
C VAL C 43 -10.74 -15.02 -32.85
N THR C 44 -11.46 -14.43 -33.79
CA THR C 44 -12.91 -14.27 -33.66
C THR C 44 -13.56 -15.60 -33.29
N ALA C 45 -13.14 -16.67 -33.94
CA ALA C 45 -13.69 -17.99 -33.67
C ALA C 45 -13.59 -18.30 -32.19
N LYS C 46 -12.39 -18.15 -31.65
CA LYS C 46 -12.16 -18.45 -30.24
C LYS C 46 -12.90 -17.50 -29.29
N VAL C 47 -12.99 -16.23 -29.65
CA VAL C 47 -13.69 -15.26 -28.81
C VAL C 47 -15.15 -15.62 -28.58
N GLU C 48 -15.88 -15.94 -29.65
CA GLU C 48 -17.29 -16.31 -29.54
C GLU C 48 -17.52 -17.49 -28.60
N LYS C 49 -16.47 -18.27 -28.34
CA LYS C 49 -16.58 -19.43 -27.47
C LYS C 49 -16.10 -19.21 -26.06
N PHE C 50 -15.61 -18.00 -25.77
CA PHE C 50 -15.13 -17.70 -24.43
C PHE C 50 -16.27 -17.17 -23.57
N PHE C 51 -16.45 -17.74 -22.39
CA PHE C 51 -17.53 -17.35 -21.49
C PHE C 51 -17.06 -17.09 -20.06
N VAL C 52 -17.82 -16.26 -19.34
CA VAL C 52 -17.57 -15.93 -17.95
C VAL C 52 -18.95 -15.97 -17.29
N ALA C 53 -19.02 -16.37 -16.03
CA ALA C 53 -20.32 -16.44 -15.36
C ALA C 53 -20.69 -15.11 -14.70
N VAL C 54 -21.99 -14.79 -14.68
CA VAL C 54 -22.45 -13.56 -14.07
C VAL C 54 -22.98 -13.85 -12.67
N PRO C 55 -22.62 -13.01 -11.70
CA PRO C 55 -23.08 -13.22 -10.32
C PRO C 55 -24.55 -12.80 -10.18
N SER C 56 -25.39 -13.69 -9.65
CA SER C 56 -26.79 -13.36 -9.48
C SER C 56 -26.95 -12.10 -8.61
N TRP C 57 -26.09 -12.01 -7.60
CA TRP C 57 -26.12 -10.88 -6.69
C TRP C 57 -25.54 -9.62 -7.33
N GLY C 58 -25.29 -9.71 -8.63
CA GLY C 58 -24.72 -8.58 -9.35
C GLY C 58 -25.70 -7.81 -10.22
N VAL C 59 -26.86 -8.41 -10.51
CA VAL C 59 -27.85 -7.71 -11.32
C VAL C 59 -28.64 -6.70 -10.49
N GLY C 60 -28.36 -6.66 -9.20
CA GLY C 60 -29.01 -5.72 -8.31
C GLY C 60 -28.01 -4.64 -7.93
N THR C 61 -28.50 -3.48 -7.49
CA THR C 61 -27.60 -2.40 -7.11
C THR C 61 -26.89 -2.66 -5.77
N GLY C 62 -25.58 -2.50 -5.76
CA GLY C 62 -24.83 -2.71 -4.54
C GLY C 62 -24.72 -1.47 -3.68
N GLY C 63 -24.05 -1.62 -2.55
CA GLY C 63 -23.88 -0.50 -1.65
C GLY C 63 -22.64 -0.65 -0.79
N THR C 64 -22.45 0.28 0.13
CA THR C 64 -21.32 0.27 1.05
C THR C 64 -21.93 0.35 2.45
N ARG C 65 -21.12 0.14 3.48
CA ARG C 65 -21.64 0.21 4.85
C ARG C 65 -22.29 1.57 5.12
N PHE C 66 -21.92 2.57 4.32
CA PHE C 66 -22.45 3.91 4.51
C PHE C 66 -23.84 4.14 3.93
N ALA C 67 -24.13 3.49 2.80
CA ALA C 67 -25.40 3.68 2.17
C ALA C 67 -25.59 2.80 0.97
N ARG C 68 -26.84 2.77 0.50
CA ARG C 68 -27.22 2.00 -0.66
C ARG C 68 -28.22 2.90 -1.39
N PHE C 69 -28.02 3.07 -2.69
CA PHE C 69 -28.89 3.93 -3.48
C PHE C 69 -29.47 3.10 -4.62
N PRO C 70 -30.48 2.27 -4.32
CA PRO C 70 -31.11 1.41 -5.33
C PRO C 70 -31.65 2.16 -6.54
N GLY C 71 -31.57 1.51 -7.70
CA GLY C 71 -32.08 2.10 -8.92
C GLY C 71 -33.54 1.68 -9.04
N THR C 72 -34.11 1.80 -10.22
CA THR C 72 -35.50 1.40 -10.42
C THR C 72 -35.56 -0.02 -10.95
N GLY C 73 -36.71 -0.65 -10.81
CA GLY C 73 -36.88 -2.00 -11.29
C GLY C 73 -35.85 -2.95 -10.76
N GLU C 74 -35.53 -2.81 -9.48
CA GLU C 74 -34.56 -3.70 -8.84
C GLU C 74 -35.17 -5.09 -8.81
N PRO C 75 -34.38 -6.12 -9.13
CA PRO C 75 -34.92 -7.48 -9.09
C PRO C 75 -35.41 -7.81 -7.68
N ARG C 76 -36.60 -8.39 -7.59
CA ARG C 76 -37.18 -8.76 -6.30
C ARG C 76 -36.58 -10.04 -5.73
N GLY C 77 -36.32 -11.01 -6.61
CA GLY C 77 -35.76 -12.28 -6.16
C GLY C 77 -34.90 -12.97 -7.20
N ILE C 78 -34.60 -14.23 -6.98
CA ILE C 78 -33.75 -14.95 -7.90
C ILE C 78 -34.30 -15.06 -9.31
N PHE C 79 -35.61 -15.25 -9.43
CA PHE C 79 -36.22 -15.37 -10.74
C PHE C 79 -36.11 -14.08 -11.55
N ASP C 80 -36.35 -12.93 -10.91
CA ASP C 80 -36.19 -11.66 -11.61
C ASP C 80 -34.74 -11.54 -12.05
N LYS C 81 -33.82 -11.74 -11.10
CA LYS C 81 -32.40 -11.67 -11.38
C LYS C 81 -32.05 -12.51 -12.61
N LEU C 82 -32.70 -13.66 -12.76
CA LEU C 82 -32.45 -14.52 -13.90
C LEU C 82 -32.96 -13.90 -15.20
N ASP C 83 -34.05 -13.14 -15.12
CA ASP C 83 -34.58 -12.49 -16.30
C ASP C 83 -33.58 -11.45 -16.79
N ASP C 84 -32.92 -10.79 -15.84
CA ASP C 84 -31.95 -9.76 -16.18
C ASP C 84 -30.67 -10.35 -16.81
N CYS C 85 -30.13 -11.40 -16.20
CA CYS C 85 -28.92 -12.03 -16.73
C CYS C 85 -29.17 -12.52 -18.15
N ALA C 86 -30.42 -12.90 -18.42
CA ALA C 86 -30.81 -13.39 -19.74
C ALA C 86 -30.55 -12.30 -20.76
N VAL C 87 -30.71 -11.05 -20.34
CA VAL C 87 -30.47 -9.91 -21.22
C VAL C 87 -28.97 -9.82 -21.53
N ILE C 88 -28.18 -9.81 -20.47
CA ILE C 88 -26.71 -9.72 -20.61
C ILE C 88 -26.24 -10.79 -21.61
N GLN C 89 -26.75 -12.01 -21.43
CA GLN C 89 -26.38 -13.12 -22.30
C GLN C 89 -26.85 -12.94 -23.74
N GLN C 90 -28.11 -12.55 -23.93
CA GLN C 90 -28.66 -12.36 -25.26
C GLN C 90 -27.84 -11.34 -26.04
N LEU C 91 -27.58 -10.20 -25.42
CA LEU C 91 -26.83 -9.12 -26.05
C LEU C 91 -25.30 -9.28 -26.20
N THR C 92 -24.64 -9.98 -25.27
CA THR C 92 -23.18 -10.15 -25.38
C THR C 92 -22.75 -11.56 -25.80
N ARG C 93 -23.59 -12.56 -25.48
CA ARG C 93 -23.30 -13.95 -25.81
C ARG C 93 -22.04 -14.43 -25.12
N ALA C 94 -21.72 -13.80 -24.00
CA ALA C 94 -20.52 -14.14 -23.23
C ALA C 94 -20.81 -14.61 -21.82
N THR C 95 -22.07 -14.56 -21.40
CA THR C 95 -22.43 -14.99 -20.06
C THR C 95 -23.60 -15.98 -20.04
N PRO C 96 -23.40 -17.18 -20.61
CA PRO C 96 -24.49 -18.17 -20.62
C PRO C 96 -24.68 -18.86 -19.28
N ASN C 97 -23.96 -18.43 -18.26
CA ASN C 97 -24.08 -19.04 -16.93
C ASN C 97 -24.14 -18.06 -15.75
N VAL C 98 -24.92 -18.43 -14.74
CA VAL C 98 -25.11 -17.61 -13.56
C VAL C 98 -24.70 -18.31 -12.26
N SER C 99 -23.86 -17.66 -11.46
CA SER C 99 -23.45 -18.23 -10.17
C SER C 99 -24.52 -17.81 -9.17
N LEU C 100 -24.92 -18.74 -8.31
CA LEU C 100 -25.94 -18.45 -7.31
C LEU C 100 -25.35 -18.36 -5.90
N ASN C 101 -26.08 -17.69 -5.02
CA ASN C 101 -25.68 -17.57 -3.63
C ASN C 101 -26.82 -18.03 -2.74
N ILE C 102 -26.53 -19.02 -1.90
CA ILE C 102 -27.51 -19.57 -0.96
C ILE C 102 -27.17 -18.96 0.40
N PRO C 103 -28.20 -18.63 1.20
CA PRO C 103 -29.63 -18.81 0.89
C PRO C 103 -30.27 -17.72 0.03
N TRP C 104 -29.51 -16.70 -0.36
CA TRP C 104 -30.04 -15.60 -1.16
C TRP C 104 -30.95 -16.02 -2.31
N ASP C 105 -30.47 -16.90 -3.18
CA ASP C 105 -31.27 -17.35 -4.32
C ASP C 105 -31.92 -18.70 -4.08
N LYS C 106 -32.14 -19.03 -2.81
CA LYS C 106 -32.75 -20.30 -2.48
C LYS C 106 -34.17 -20.34 -3.05
N ALA C 107 -34.48 -21.45 -3.70
CA ALA C 107 -35.78 -21.65 -4.33
C ALA C 107 -35.88 -23.10 -4.84
N ASP C 108 -37.08 -23.54 -5.18
CA ASP C 108 -37.26 -24.90 -5.68
C ASP C 108 -36.37 -25.18 -6.88
N PRO C 109 -35.38 -26.08 -6.72
CA PRO C 109 -34.43 -26.44 -7.78
C PRO C 109 -35.09 -26.72 -9.13
N LYS C 110 -36.27 -27.35 -9.08
CA LYS C 110 -36.98 -27.68 -10.30
C LYS C 110 -37.33 -26.37 -11.03
N GLU C 111 -37.72 -25.36 -10.25
CA GLU C 111 -38.06 -24.06 -10.82
C GLU C 111 -36.84 -23.40 -11.43
N LEU C 112 -35.78 -23.27 -10.63
CA LEU C 112 -34.54 -22.66 -11.09
C LEU C 112 -34.09 -23.27 -12.40
N LYS C 113 -33.87 -24.59 -12.40
CA LYS C 113 -33.45 -25.29 -13.60
C LYS C 113 -34.40 -24.99 -14.74
N ALA C 114 -35.69 -25.09 -14.46
CA ALA C 114 -36.74 -24.85 -15.45
C ALA C 114 -36.70 -23.42 -16.02
N ARG C 115 -36.57 -22.44 -15.12
CA ARG C 115 -36.53 -21.04 -15.52
C ARG C 115 -35.28 -20.71 -16.34
N GLY C 116 -34.19 -21.41 -16.08
CA GLY C 116 -32.97 -21.18 -16.81
C GLY C 116 -33.02 -21.75 -18.21
N ASP C 117 -33.60 -22.94 -18.33
CA ASP C 117 -33.72 -23.61 -19.62
C ASP C 117 -34.55 -22.79 -20.59
N ALA C 118 -35.53 -22.06 -20.05
CA ALA C 118 -36.38 -21.22 -20.87
C ALA C 118 -35.62 -19.97 -21.31
N LEU C 119 -34.86 -19.40 -20.37
CA LEU C 119 -34.07 -18.21 -20.63
C LEU C 119 -32.75 -18.51 -21.32
N GLY C 120 -32.43 -19.80 -21.46
CA GLY C 120 -31.20 -20.19 -22.12
C GLY C 120 -29.98 -19.91 -21.26
N LEU C 121 -30.12 -20.14 -19.97
CA LEU C 121 -29.04 -19.91 -19.03
C LEU C 121 -28.74 -21.18 -18.24
N GLY C 122 -27.45 -21.41 -17.99
CA GLY C 122 -27.04 -22.58 -17.23
C GLY C 122 -26.59 -22.12 -15.86
N PHE C 123 -26.03 -23.01 -15.07
CA PHE C 123 -25.58 -22.63 -13.73
C PHE C 123 -24.11 -22.94 -13.45
N ASP C 124 -23.38 -21.91 -13.05
CA ASP C 124 -21.98 -22.06 -12.72
C ASP C 124 -21.89 -22.50 -11.26
N ALA C 125 -20.74 -22.32 -10.64
CA ALA C 125 -20.49 -22.73 -9.26
C ALA C 125 -21.43 -22.19 -8.17
N MET C 126 -21.81 -23.07 -7.24
CA MET C 126 -22.67 -22.69 -6.13
C MET C 126 -21.80 -21.86 -5.19
N ASN C 127 -22.43 -20.90 -4.52
CA ASN C 127 -21.74 -20.02 -3.58
C ASN C 127 -22.45 -20.04 -2.22
N SER C 128 -21.84 -20.69 -1.24
CA SER C 128 -22.41 -20.76 0.09
C SER C 128 -22.24 -19.42 0.79
N ASN C 129 -23.06 -19.17 1.80
CA ASN C 129 -23.03 -17.91 2.53
C ASN C 129 -23.04 -18.12 4.03
N THR C 130 -21.88 -17.99 4.67
CA THR C 130 -21.79 -18.11 6.12
C THR C 130 -21.11 -16.85 6.65
N PHE C 131 -21.35 -15.73 5.97
CA PHE C 131 -20.76 -14.46 6.37
C PHE C 131 -21.86 -13.49 6.79
N SER C 132 -23.06 -14.05 6.97
CA SER C 132 -24.22 -13.27 7.38
C SER C 132 -25.21 -14.25 7.98
N ASP C 133 -25.98 -13.79 8.94
CA ASP C 133 -26.96 -14.68 9.57
C ASP C 133 -28.31 -14.58 8.89
N ALA C 134 -28.94 -15.73 8.69
CA ALA C 134 -30.24 -15.81 8.08
C ALA C 134 -31.27 -16.01 9.19
N PRO C 135 -32.55 -15.71 8.91
CA PRO C 135 -33.65 -15.85 9.86
C PRO C 135 -33.76 -17.24 10.49
N GLY C 136 -33.89 -17.29 11.82
CA GLY C 136 -34.02 -18.55 12.52
C GLY C 136 -32.76 -19.39 12.64
N GLN C 137 -31.65 -18.83 12.22
CA GLN C 137 -30.37 -19.53 12.28
C GLN C 137 -30.09 -19.81 13.77
N ALA C 138 -29.88 -21.07 14.11
CA ALA C 138 -29.63 -21.45 15.49
C ALA C 138 -28.37 -20.83 16.09
N HIS C 139 -27.30 -20.77 15.29
CA HIS C 139 -26.04 -20.20 15.76
C HIS C 139 -25.56 -19.03 14.91
N SER C 140 -25.17 -17.95 15.56
CA SER C 140 -24.69 -16.76 14.86
C SER C 140 -23.27 -16.91 14.29
N TYR C 141 -23.01 -16.23 13.17
CA TYR C 141 -21.69 -16.30 12.56
C TYR C 141 -20.84 -15.08 12.95
N LYS C 142 -21.28 -14.35 13.96
CA LYS C 142 -20.58 -13.15 14.43
C LYS C 142 -19.08 -13.33 14.64
N TYR C 143 -18.67 -14.43 15.26
CA TYR C 143 -17.25 -14.69 15.51
C TYR C 143 -16.71 -15.81 14.62
N GLY C 144 -17.24 -15.92 13.40
CA GLY C 144 -16.76 -16.95 12.51
C GLY C 144 -17.83 -17.97 12.13
N SER C 145 -17.46 -18.89 11.25
CA SER C 145 -18.37 -19.94 10.81
C SER C 145 -17.66 -21.27 10.71
N LEU C 146 -17.03 -21.56 9.58
CA LEU C 146 -16.33 -22.84 9.45
C LEU C 146 -15.13 -22.95 10.40
N SER C 147 -14.67 -21.81 10.92
CA SER C 147 -13.51 -21.78 11.83
C SER C 147 -13.87 -21.26 13.24
N HIS C 148 -15.17 -21.11 13.49
CA HIS C 148 -15.68 -20.65 14.78
C HIS C 148 -15.20 -21.62 15.88
N THR C 149 -14.94 -21.12 17.08
CA THR C 149 -14.48 -21.99 18.18
C THR C 149 -15.56 -22.93 18.72
N ASN C 150 -16.80 -22.77 18.24
CA ASN C 150 -17.91 -23.60 18.71
C ASN C 150 -18.19 -24.71 17.70
N ALA C 151 -17.95 -25.96 18.10
CA ALA C 151 -18.17 -27.10 17.22
C ALA C 151 -19.54 -27.08 16.56
N ALA C 152 -20.58 -26.81 17.34
CA ALA C 152 -21.94 -26.78 16.80
C ALA C 152 -22.06 -25.76 15.67
N THR C 153 -21.47 -24.59 15.84
CA THR C 153 -21.53 -23.55 14.82
C THR C 153 -20.79 -23.97 13.55
N ARG C 154 -19.66 -24.66 13.72
CA ARG C 154 -18.92 -25.10 12.56
C ARG C 154 -19.74 -26.16 11.83
N ALA C 155 -20.39 -27.04 12.57
CA ALA C 155 -21.20 -28.11 12.00
C ALA C 155 -22.36 -27.54 11.18
N GLN C 156 -22.99 -26.49 11.71
CA GLN C 156 -24.09 -25.83 11.05
C GLN C 156 -23.55 -25.25 9.76
N ALA C 157 -22.37 -24.65 9.84
CA ALA C 157 -21.71 -24.05 8.69
C ALA C 157 -21.44 -25.13 7.64
N VAL C 158 -21.02 -26.30 8.11
CA VAL C 158 -20.74 -27.40 7.22
C VAL C 158 -22.07 -27.87 6.60
N GLU C 159 -23.10 -27.96 7.43
CA GLU C 159 -24.41 -28.40 6.96
C GLU C 159 -24.89 -27.54 5.79
N HIS C 160 -24.71 -26.23 5.93
CA HIS C 160 -25.13 -25.29 4.89
C HIS C 160 -24.41 -25.56 3.57
N ASN C 161 -23.09 -25.63 3.59
CA ASN C 161 -22.33 -25.90 2.38
C ASN C 161 -22.80 -27.21 1.74
N LEU C 162 -23.09 -28.21 2.57
CA LEU C 162 -23.58 -29.48 2.05
C LEU C 162 -24.89 -29.26 1.31
N GLU C 163 -25.78 -28.47 1.90
CA GLU C 163 -27.08 -28.20 1.29
C GLU C 163 -26.88 -27.50 -0.06
N CYS C 164 -25.84 -26.68 -0.14
CA CYS C 164 -25.52 -25.95 -1.35
C CYS C 164 -25.15 -26.90 -2.48
N ILE C 165 -24.47 -27.98 -2.12
CA ILE C 165 -24.07 -28.96 -3.11
C ILE C 165 -25.30 -29.70 -3.64
N GLU C 166 -26.25 -30.02 -2.77
CA GLU C 166 -27.46 -30.71 -3.22
C GLU C 166 -28.23 -29.87 -4.23
N ILE C 167 -28.44 -28.60 -3.89
CA ILE C 167 -29.16 -27.68 -4.76
C ILE C 167 -28.45 -27.54 -6.11
N GLY C 168 -27.13 -27.47 -6.08
CA GLY C 168 -26.37 -27.35 -7.31
C GLY C 168 -26.43 -28.62 -8.13
N LYS C 169 -26.34 -29.77 -7.45
CA LYS C 169 -26.43 -31.06 -8.13
C LYS C 169 -27.72 -31.09 -8.93
N ALA C 170 -28.78 -30.54 -8.34
CA ALA C 170 -30.10 -30.53 -8.98
C ALA C 170 -30.27 -29.52 -10.11
N ILE C 171 -29.52 -28.42 -10.05
CA ILE C 171 -29.64 -27.40 -11.09
C ILE C 171 -28.59 -27.53 -12.20
N GLY C 172 -27.61 -28.40 -12.01
CA GLY C 172 -26.59 -28.58 -13.03
C GLY C 172 -25.23 -28.01 -12.71
N SER C 173 -25.08 -27.47 -11.50
CA SER C 173 -23.81 -26.90 -11.06
C SER C 173 -22.76 -28.00 -10.88
N LYS C 174 -21.49 -27.66 -11.04
CA LYS C 174 -20.42 -28.64 -10.89
C LYS C 174 -19.32 -28.24 -9.92
N ALA C 175 -19.60 -27.25 -9.08
CA ALA C 175 -18.61 -26.81 -8.10
C ALA C 175 -19.20 -25.95 -6.99
N LEU C 176 -18.44 -25.80 -5.92
CA LEU C 176 -18.86 -25.00 -4.78
C LEU C 176 -17.72 -24.07 -4.38
N THR C 177 -18.01 -22.78 -4.34
CA THR C 177 -16.99 -21.83 -3.94
C THR C 177 -17.24 -21.44 -2.51
N VAL C 178 -16.20 -21.52 -1.68
CA VAL C 178 -16.36 -21.16 -0.29
C VAL C 178 -15.57 -19.90 0.08
N TRP C 179 -16.26 -18.81 0.33
CA TRP C 179 -15.61 -17.58 0.76
C TRP C 179 -16.23 -17.30 2.12
N ILE C 180 -15.40 -16.99 3.09
CA ILE C 180 -15.94 -16.67 4.41
C ILE C 180 -15.25 -15.44 4.94
N GLY C 181 -15.85 -14.82 5.95
CA GLY C 181 -15.24 -13.64 6.52
C GLY C 181 -14.48 -14.00 7.78
N ASP C 182 -14.45 -15.29 8.09
CA ASP C 182 -13.78 -15.77 9.29
C ASP C 182 -12.43 -15.12 9.51
N GLY C 183 -12.31 -14.37 10.59
CA GLY C 183 -11.05 -13.71 10.89
C GLY C 183 -11.14 -12.98 12.21
N SER C 184 -10.26 -12.00 12.42
CA SER C 184 -10.28 -11.25 13.66
C SER C 184 -9.98 -9.77 13.45
N ASN C 185 -10.57 -8.93 14.30
CA ASN C 185 -10.37 -7.50 14.23
C ASN C 185 -9.32 -7.04 15.24
N PHE C 186 -8.85 -7.96 16.07
CA PHE C 186 -7.87 -7.63 17.10
C PHE C 186 -6.81 -8.68 17.35
N PRO C 187 -5.60 -8.23 17.74
CA PRO C 187 -4.46 -9.09 18.06
C PRO C 187 -4.87 -9.89 19.31
N GLY C 188 -4.63 -11.19 19.30
CA GLY C 188 -4.99 -12.00 20.44
C GLY C 188 -6.37 -12.64 20.32
N GLN C 189 -7.29 -11.95 19.64
CA GLN C 189 -8.66 -12.47 19.48
C GLN C 189 -8.69 -13.90 18.96
N SER C 190 -7.84 -14.19 17.97
CA SER C 190 -7.76 -15.51 17.37
C SER C 190 -6.33 -16.01 17.44
N ASN C 191 -6.19 -17.33 17.52
CA ASN C 191 -4.87 -17.94 17.50
C ASN C 191 -4.83 -18.42 16.04
N PHE C 192 -4.05 -17.75 15.21
CA PHE C 192 -3.98 -18.08 13.80
C PHE C 192 -3.94 -19.57 13.48
N THR C 193 -3.19 -20.33 14.26
CA THR C 193 -3.06 -21.76 14.01
C THR C 193 -4.33 -22.56 14.30
N ARG C 194 -4.85 -22.43 15.53
CA ARG C 194 -6.06 -23.14 15.93
C ARG C 194 -7.22 -22.84 14.98
N ALA C 195 -7.39 -21.55 14.67
CA ALA C 195 -8.45 -21.11 13.79
C ALA C 195 -8.38 -21.80 12.44
N PHE C 196 -7.19 -21.82 11.85
CA PHE C 196 -6.98 -22.46 10.55
C PHE C 196 -7.23 -23.96 10.66
N GLU C 197 -6.63 -24.59 11.67
CA GLU C 197 -6.80 -26.01 11.89
C GLU C 197 -8.29 -26.36 11.89
N ARG C 198 -9.07 -25.57 12.60
CA ARG C 198 -10.51 -25.79 12.67
C ARG C 198 -11.05 -25.69 11.25
N TYR C 199 -10.68 -24.63 10.54
CA TYR C 199 -11.13 -24.44 9.17
C TYR C 199 -10.77 -25.63 8.29
N LEU C 200 -9.53 -26.09 8.36
CA LEU C 200 -9.10 -27.22 7.52
C LEU C 200 -9.94 -28.46 7.75
N SER C 201 -10.22 -28.76 9.01
CA SER C 201 -11.00 -29.93 9.37
C SER C 201 -12.44 -29.78 8.87
N ALA C 202 -13.06 -28.65 9.19
CA ALA C 202 -14.42 -28.37 8.76
C ALA C 202 -14.52 -28.49 7.24
N MET C 203 -13.55 -27.90 6.54
CA MET C 203 -13.52 -27.95 5.08
C MET C 203 -13.36 -29.38 4.59
N ALA C 204 -12.71 -30.21 5.41
CA ALA C 204 -12.49 -31.60 5.06
C ALA C 204 -13.80 -32.37 5.00
N GLU C 205 -14.74 -32.03 5.88
CA GLU C 205 -16.03 -32.72 5.88
C GLU C 205 -16.87 -32.31 4.68
N ILE C 206 -16.69 -31.09 4.21
CA ILE C 206 -17.41 -30.60 3.04
C ILE C 206 -16.92 -31.37 1.83
N TYR C 207 -15.62 -31.66 1.81
CA TYR C 207 -14.99 -32.36 0.72
C TYR C 207 -15.62 -33.73 0.51
N LYS C 208 -15.94 -34.41 1.61
CA LYS C 208 -16.57 -35.73 1.55
C LYS C 208 -17.88 -35.70 0.78
N GLY C 209 -18.65 -34.63 0.94
CA GLY C 209 -19.93 -34.51 0.25
C GLY C 209 -19.86 -34.00 -1.17
N LEU C 210 -18.66 -33.94 -1.73
CA LEU C 210 -18.46 -33.48 -3.10
C LEU C 210 -18.63 -34.61 -4.12
N PRO C 211 -19.53 -34.43 -5.10
CA PRO C 211 -19.70 -35.50 -6.10
C PRO C 211 -18.32 -35.83 -6.70
N ASP C 212 -18.24 -36.90 -7.48
CA ASP C 212 -16.96 -37.26 -8.07
C ASP C 212 -16.51 -36.30 -9.16
N ASP C 213 -17.47 -35.65 -9.82
CA ASP C 213 -17.14 -34.72 -10.89
C ASP C 213 -17.23 -33.25 -10.50
N TRP C 214 -17.17 -32.97 -9.20
CA TRP C 214 -17.25 -31.60 -8.69
C TRP C 214 -15.91 -31.06 -8.17
N LYS C 215 -15.85 -29.75 -8.01
CA LYS C 215 -14.66 -29.09 -7.49
C LYS C 215 -15.02 -28.16 -6.33
N LEU C 216 -14.13 -28.09 -5.36
CA LEU C 216 -14.32 -27.23 -4.21
C LEU C 216 -13.34 -26.06 -4.37
N PHE C 217 -13.86 -24.85 -4.49
CA PHE C 217 -13.01 -23.68 -4.65
C PHE C 217 -12.97 -22.82 -3.38
N SER C 218 -11.81 -22.64 -2.79
CA SER C 218 -11.71 -21.78 -1.63
C SER C 218 -11.17 -20.46 -2.16
N GLU C 219 -11.64 -19.35 -1.59
CA GLU C 219 -11.24 -18.02 -2.05
C GLU C 219 -10.63 -17.17 -0.97
N HIS C 220 -9.43 -16.66 -1.25
CA HIS C 220 -8.74 -15.83 -0.28
C HIS C 220 -9.08 -14.35 -0.42
N LYS C 221 -8.80 -13.62 0.65
CA LYS C 221 -9.05 -12.19 0.72
C LYS C 221 -8.18 -11.68 1.87
N MET C 222 -7.51 -10.54 1.66
CA MET C 222 -6.63 -9.97 2.69
C MET C 222 -7.37 -9.39 3.90
N TYR C 223 -8.54 -8.77 3.68
CA TYR C 223 -9.33 -8.19 4.76
C TYR C 223 -10.76 -7.85 4.33
N GLU C 224 -11.59 -7.47 5.31
CA GLU C 224 -13.00 -7.13 5.12
C GLU C 224 -13.85 -8.38 4.86
N PRO C 225 -14.75 -8.72 5.80
CA PRO C 225 -15.05 -8.06 7.06
C PRO C 225 -14.05 -8.12 8.22
N ALA C 226 -13.05 -9.01 8.15
CA ALA C 226 -12.09 -9.07 9.26
C ALA C 226 -10.99 -8.05 8.96
N PHE C 227 -10.73 -7.18 9.92
CA PHE C 227 -9.73 -6.15 9.74
C PHE C 227 -8.36 -6.29 10.42
N TYR C 228 -8.08 -7.46 11.00
CA TYR C 228 -6.76 -7.66 11.56
C TYR C 228 -6.15 -8.88 10.90
N SER C 229 -6.86 -10.00 10.96
CA SER C 229 -6.39 -11.22 10.32
C SER C 229 -7.59 -11.94 9.73
N THR C 230 -7.34 -12.66 8.64
CA THR C 230 -8.34 -13.41 7.92
C THR C 230 -7.75 -14.80 7.76
N VAL C 231 -8.49 -15.84 8.15
CA VAL C 231 -7.96 -17.20 8.04
C VAL C 231 -7.48 -17.48 6.62
N VAL C 232 -8.33 -17.21 5.65
CA VAL C 232 -7.94 -17.45 4.27
C VAL C 232 -7.54 -16.08 3.74
N GLN C 233 -6.35 -15.63 4.14
CA GLN C 233 -5.86 -14.30 3.76
C GLN C 233 -5.19 -14.10 2.41
N ASP C 234 -4.44 -15.10 1.93
CA ASP C 234 -3.78 -14.96 0.62
C ASP C 234 -3.68 -16.26 -0.14
N TRP C 235 -3.11 -16.21 -1.34
CA TRP C 235 -3.01 -17.43 -2.13
C TRP C 235 -2.13 -18.44 -1.42
N GLY C 236 -1.14 -17.96 -0.67
CA GLY C 236 -0.28 -18.86 0.07
C GLY C 236 -1.14 -19.79 0.89
N THR C 237 -1.85 -19.24 1.86
CA THR C 237 -2.74 -20.04 2.69
C THR C 237 -3.73 -20.84 1.83
N ASN C 238 -4.29 -20.17 0.83
CA ASN C 238 -5.27 -20.79 -0.05
C ASN C 238 -4.68 -22.08 -0.61
N TYR C 239 -3.43 -22.01 -1.03
CA TYR C 239 -2.74 -23.16 -1.60
C TYR C 239 -2.67 -24.29 -0.59
N LEU C 240 -2.26 -23.94 0.62
CA LEU C 240 -2.14 -24.94 1.68
C LEU C 240 -3.48 -25.64 1.86
N ILE C 241 -4.56 -24.91 1.65
CA ILE C 241 -5.89 -25.49 1.80
C ILE C 241 -6.12 -26.49 0.66
N ALA C 242 -5.91 -26.04 -0.57
CA ALA C 242 -6.12 -26.91 -1.73
C ALA C 242 -5.24 -28.16 -1.69
N GLN C 243 -4.01 -28.02 -1.22
CA GLN C 243 -3.10 -29.15 -1.15
C GLN C 243 -3.54 -30.17 -0.09
N THR C 244 -4.17 -29.67 0.97
CA THR C 244 -4.62 -30.53 2.05
C THR C 244 -5.95 -31.22 1.77
N LEU C 245 -6.93 -30.47 1.27
CA LEU C 245 -8.24 -31.04 1.01
C LEU C 245 -8.26 -32.21 0.03
N GLY C 246 -7.61 -32.05 -1.12
CA GLY C 246 -7.58 -33.13 -2.09
C GLY C 246 -7.62 -32.61 -3.52
N PRO C 247 -7.51 -33.50 -4.52
CA PRO C 247 -7.51 -33.19 -5.97
C PRO C 247 -8.70 -32.39 -6.49
N LYS C 248 -9.80 -32.40 -5.75
CA LYS C 248 -10.98 -31.69 -6.19
C LYS C 248 -11.06 -30.29 -5.58
N ALA C 249 -10.08 -29.95 -4.74
CA ALA C 249 -10.05 -28.64 -4.11
C ALA C 249 -9.03 -27.73 -4.79
N GLN C 250 -9.51 -26.66 -5.40
CA GLN C 250 -8.65 -25.71 -6.07
C GLN C 250 -8.83 -24.28 -5.54
N CYS C 251 -7.97 -23.38 -6.01
CA CYS C 251 -7.99 -21.98 -5.56
C CYS C 251 -8.73 -20.99 -6.48
N LEU C 252 -9.45 -20.07 -5.85
CA LEU C 252 -10.22 -19.06 -6.54
C LEU C 252 -9.52 -17.71 -6.34
N VAL C 253 -9.19 -17.03 -7.44
CA VAL C 253 -8.51 -15.74 -7.39
C VAL C 253 -9.39 -14.53 -7.73
N ASP C 254 -9.70 -13.72 -6.73
CA ASP C 254 -10.53 -12.51 -6.90
C ASP C 254 -9.58 -11.29 -6.94
N LEU C 255 -9.34 -10.77 -8.14
CA LEU C 255 -8.43 -9.64 -8.37
C LEU C 255 -8.31 -8.54 -7.31
N GLY C 256 -9.43 -8.16 -6.71
CA GLY C 256 -9.37 -7.09 -5.73
C GLY C 256 -9.06 -7.52 -4.31
N HIS C 257 -8.65 -8.77 -4.10
CA HIS C 257 -8.37 -9.26 -2.74
C HIS C 257 -6.90 -9.36 -2.36
N HIS C 258 -6.04 -8.62 -3.06
CA HIS C 258 -4.61 -8.68 -2.80
C HIS C 258 -4.09 -7.41 -2.21
N ALA C 259 -2.97 -7.50 -1.49
CA ALA C 259 -2.37 -6.34 -0.87
C ALA C 259 -1.94 -5.34 -1.93
N PRO C 260 -1.93 -4.06 -1.58
CA PRO C 260 -1.53 -3.03 -2.53
C PRO C 260 -0.26 -3.44 -3.27
N ASN C 261 -0.28 -3.27 -4.58
CA ASN C 261 0.86 -3.57 -5.45
C ASN C 261 1.25 -5.02 -5.68
N THR C 262 0.43 -5.94 -5.19
CA THR C 262 0.71 -7.36 -5.40
C THR C 262 0.72 -7.67 -6.89
N ASN C 263 1.73 -8.41 -7.33
CA ASN C 263 1.79 -8.81 -8.74
C ASN C 263 0.79 -9.96 -8.83
N ILE C 264 -0.44 -9.64 -9.19
CA ILE C 264 -1.49 -10.64 -9.29
C ILE C 264 -1.30 -11.65 -10.40
N GLU C 265 -0.73 -11.26 -11.54
CA GLU C 265 -0.55 -12.21 -12.63
C GLU C 265 0.46 -13.31 -12.31
N MET C 266 1.40 -13.04 -11.40
CA MET C 266 2.36 -14.08 -11.02
C MET C 266 1.62 -15.15 -10.23
N ILE C 267 0.78 -14.70 -9.30
CA ILE C 267 0.00 -15.64 -8.49
C ILE C 267 -0.82 -16.57 -9.38
N VAL C 268 -1.33 -16.06 -10.51
CA VAL C 268 -2.09 -16.89 -11.44
C VAL C 268 -1.18 -17.97 -12.01
N ALA C 269 0.04 -17.56 -12.39
CA ALA C 269 1.02 -18.48 -12.96
C ALA C 269 1.48 -19.54 -11.96
N ARG C 270 1.70 -19.13 -10.71
CA ARG C 270 2.11 -20.10 -9.69
C ARG C 270 1.03 -21.16 -9.47
N LEU C 271 -0.23 -20.74 -9.41
CA LEU C 271 -1.31 -21.70 -9.20
C LEU C 271 -1.48 -22.58 -10.42
N ILE C 272 -1.21 -22.03 -11.60
CA ILE C 272 -1.33 -22.80 -12.83
C ILE C 272 -0.23 -23.86 -12.79
N GLN C 273 0.97 -23.44 -12.38
CA GLN C 273 2.12 -24.33 -12.31
C GLN C 273 1.82 -25.55 -11.45
N PHE C 274 1.26 -25.34 -10.26
CA PHE C 274 0.96 -26.48 -9.41
C PHE C 274 -0.46 -27.01 -9.55
N GLY C 275 -1.10 -26.70 -10.68
CA GLY C 275 -2.43 -27.20 -10.96
C GLY C 275 -3.46 -26.96 -9.88
N LYS C 276 -3.49 -25.75 -9.34
CA LYS C 276 -4.44 -25.41 -8.30
C LYS C 276 -5.23 -24.15 -8.62
N LEU C 277 -5.22 -23.75 -9.90
CA LEU C 277 -6.00 -22.57 -10.29
C LEU C 277 -7.43 -23.04 -10.61
N GLY C 278 -8.29 -23.01 -9.60
CA GLY C 278 -9.67 -23.44 -9.80
C GLY C 278 -10.40 -22.46 -10.70
N GLY C 279 -10.32 -21.18 -10.37
CA GLY C 279 -10.99 -20.17 -11.18
C GLY C 279 -10.77 -18.75 -10.74
N PHE C 280 -11.42 -17.83 -11.45
CA PHE C 280 -11.32 -16.41 -11.18
C PHE C 280 -12.60 -15.75 -10.70
N HIS C 281 -12.44 -14.50 -10.30
CA HIS C 281 -13.51 -13.63 -9.86
C HIS C 281 -13.05 -12.29 -10.39
N PHE C 282 -13.41 -12.01 -11.64
CA PHE C 282 -13.05 -10.78 -12.29
C PHE C 282 -13.77 -9.55 -11.76
N ASN C 283 -13.04 -8.45 -11.76
CA ASN C 283 -13.51 -7.14 -11.31
C ASN C 283 -12.27 -6.26 -11.37
N ASP C 284 -12.38 -5.04 -10.87
CA ASP C 284 -11.25 -4.13 -10.89
C ASP C 284 -11.27 -3.30 -9.62
N SER C 285 -10.17 -2.61 -9.35
CA SER C 285 -10.10 -1.79 -8.17
C SER C 285 -8.91 -0.83 -8.21
N LYS C 286 -8.87 0.06 -7.24
CA LYS C 286 -7.79 1.03 -7.10
C LYS C 286 -7.28 1.11 -5.66
N TYR C 287 -8.15 0.87 -4.68
CA TYR C 287 -7.78 0.95 -3.27
C TYR C 287 -7.80 -0.38 -2.51
N GLY C 288 -8.97 -1.02 -2.43
CA GLY C 288 -9.10 -2.31 -1.74
C GLY C 288 -9.98 -3.25 -2.55
N ASP C 289 -10.92 -3.92 -1.90
CA ASP C 289 -11.83 -4.82 -2.60
C ASP C 289 -12.96 -3.91 -3.09
N ASP C 290 -12.64 -3.04 -4.04
CA ASP C 290 -13.59 -2.06 -4.57
C ASP C 290 -14.69 -2.69 -5.42
N ASP C 291 -14.41 -3.86 -6.00
CA ASP C 291 -15.38 -4.55 -6.84
C ASP C 291 -15.92 -3.69 -7.98
N LEU C 292 -15.02 -3.01 -8.68
CA LEU C 292 -15.44 -2.17 -9.78
C LEU C 292 -15.49 -2.97 -11.08
N ASP C 293 -16.06 -2.38 -12.11
CA ASP C 293 -16.18 -3.02 -13.40
C ASP C 293 -14.83 -3.54 -13.93
N ALA C 294 -14.83 -4.78 -14.40
CA ALA C 294 -13.62 -5.42 -14.96
C ALA C 294 -12.88 -4.51 -15.93
N GLY C 295 -11.60 -4.28 -15.67
CA GLY C 295 -10.78 -3.46 -16.55
C GLY C 295 -11.11 -1.98 -16.66
N ALA C 296 -11.89 -1.44 -15.72
CA ALA C 296 -12.25 -0.02 -15.77
C ALA C 296 -11.19 0.90 -15.16
N ILE C 297 -10.34 0.34 -14.31
CA ILE C 297 -9.28 1.10 -13.65
C ILE C 297 -7.90 0.76 -14.22
N GLU C 298 -7.64 -0.53 -14.37
CA GLU C 298 -6.36 -1.02 -14.90
C GLU C 298 -6.57 -2.14 -15.90
N PRO C 299 -6.81 -1.77 -17.17
CA PRO C 299 -7.02 -2.72 -18.27
C PRO C 299 -5.80 -3.56 -18.63
N TYR C 300 -4.61 -2.96 -18.56
CA TYR C 300 -3.38 -3.66 -18.89
C TYR C 300 -3.15 -4.81 -17.92
N ARG C 301 -3.44 -4.57 -16.65
CA ARG C 301 -3.31 -5.62 -15.65
C ARG C 301 -4.17 -6.82 -16.04
N LEU C 302 -5.41 -6.53 -16.45
CA LEU C 302 -6.35 -7.57 -16.86
C LEU C 302 -5.82 -8.36 -18.06
N PHE C 303 -5.11 -7.67 -18.93
CA PHE C 303 -4.50 -8.28 -20.10
C PHE C 303 -3.38 -9.21 -19.62
N LEU C 304 -2.59 -8.73 -18.67
CA LEU C 304 -1.47 -9.52 -18.13
C LEU C 304 -1.95 -10.78 -17.41
N VAL C 305 -3.16 -10.74 -16.87
CA VAL C 305 -3.68 -11.92 -16.20
C VAL C 305 -4.09 -12.91 -17.28
N PHE C 306 -4.64 -12.40 -18.37
CA PHE C 306 -5.05 -13.27 -19.45
C PHE C 306 -3.82 -13.73 -20.22
N ASN C 307 -2.76 -12.93 -20.15
CA ASN C 307 -1.54 -13.29 -20.83
C ASN C 307 -1.03 -14.62 -20.27
N GLU C 308 -1.13 -14.80 -18.96
CA GLU C 308 -0.72 -16.04 -18.33
C GLU C 308 -1.69 -17.16 -18.72
N LEU C 309 -2.98 -16.83 -18.75
CA LEU C 309 -4.00 -17.82 -19.10
C LEU C 309 -3.86 -18.31 -20.52
N VAL C 310 -3.65 -17.40 -21.47
CA VAL C 310 -3.51 -17.80 -22.86
C VAL C 310 -2.22 -18.59 -23.06
N ASP C 311 -1.15 -18.16 -22.39
CA ASP C 311 0.12 -18.84 -22.51
C ASP C 311 -0.01 -20.30 -22.08
N ALA C 312 -0.72 -20.55 -20.99
CA ALA C 312 -0.91 -21.92 -20.52
C ALA C 312 -1.76 -22.67 -21.54
N GLU C 313 -2.83 -22.02 -21.97
CA GLU C 313 -3.75 -22.58 -22.96
C GLU C 313 -2.98 -22.99 -24.22
N ALA C 314 -2.00 -22.17 -24.59
CA ALA C 314 -1.19 -22.42 -25.78
C ALA C 314 -0.07 -23.45 -25.55
N ARG C 315 0.51 -23.45 -24.37
CA ARG C 315 1.57 -24.39 -24.05
C ARG C 315 1.03 -25.79 -23.81
N GLY C 316 -0.19 -26.03 -24.27
CA GLY C 316 -0.81 -27.33 -24.10
C GLY C 316 -0.91 -27.84 -22.67
N VAL C 317 -1.18 -26.95 -21.72
CA VAL C 317 -1.33 -27.36 -20.33
C VAL C 317 -2.58 -28.23 -20.26
N LYS C 318 -2.38 -29.54 -20.24
CA LYS C 318 -3.48 -30.50 -20.20
C LYS C 318 -4.25 -30.46 -18.88
N GLY C 319 -5.57 -30.45 -18.99
CA GLY C 319 -6.41 -30.41 -17.79
C GLY C 319 -6.38 -29.02 -17.16
N PHE C 320 -6.72 -28.02 -17.96
CA PHE C 320 -6.73 -26.64 -17.50
C PHE C 320 -7.96 -25.90 -18.03
N HIS C 321 -9.03 -25.94 -17.25
CA HIS C 321 -10.29 -25.26 -17.60
C HIS C 321 -10.77 -24.48 -16.38
N PRO C 322 -10.13 -23.34 -16.11
CA PRO C 322 -10.51 -22.50 -14.96
C PRO C 322 -11.96 -22.04 -15.09
N ALA C 323 -12.61 -21.82 -13.97
CA ALA C 323 -13.99 -21.33 -13.97
C ALA C 323 -13.94 -19.81 -13.86
N HIS C 324 -14.30 -19.12 -14.95
CA HIS C 324 -14.30 -17.67 -14.97
C HIS C 324 -15.64 -17.11 -14.51
N MET C 325 -15.58 -16.11 -13.64
CA MET C 325 -16.80 -15.50 -13.12
C MET C 325 -16.59 -14.01 -12.92
N ILE C 326 -17.69 -13.26 -12.89
CA ILE C 326 -17.58 -11.83 -12.66
C ILE C 326 -18.04 -11.59 -11.23
N ASP C 327 -17.21 -10.92 -10.45
CA ASP C 327 -17.58 -10.63 -9.09
C ASP C 327 -17.42 -9.14 -8.89
N GLN C 328 -18.54 -8.44 -9.08
CA GLN C 328 -18.56 -6.99 -8.96
C GLN C 328 -19.75 -6.45 -8.17
N SER C 329 -19.65 -5.19 -7.77
CA SER C 329 -20.71 -4.51 -7.04
C SER C 329 -20.94 -3.21 -7.79
N HIS C 330 -22.13 -3.06 -8.35
CA HIS C 330 -22.45 -1.87 -9.12
C HIS C 330 -23.24 -0.91 -8.26
N ASN C 331 -22.55 0.11 -7.76
CA ASN C 331 -23.18 1.08 -6.88
C ASN C 331 -23.64 2.38 -7.51
N VAL C 332 -23.18 2.70 -8.70
CA VAL C 332 -23.56 3.96 -9.36
C VAL C 332 -23.89 3.86 -10.85
N THR C 333 -24.31 2.69 -11.29
CA THR C 333 -24.67 2.49 -12.68
C THR C 333 -25.77 1.44 -12.79
N ASP C 334 -26.29 1.25 -13.99
CA ASP C 334 -27.30 0.23 -14.20
C ASP C 334 -26.49 -1.07 -14.11
N PRO C 335 -26.87 -1.96 -13.18
CA PRO C 335 -26.18 -3.24 -13.00
C PRO C 335 -26.02 -4.05 -14.29
N ILE C 336 -27.03 -3.98 -15.16
CA ILE C 336 -27.02 -4.71 -16.42
C ILE C 336 -26.00 -4.16 -17.39
N GLU C 337 -25.94 -2.85 -17.51
CA GLU C 337 -24.97 -2.24 -18.42
C GLU C 337 -23.55 -2.60 -17.99
N SER C 338 -23.27 -2.47 -16.68
CA SER C 338 -21.94 -2.78 -16.17
C SER C 338 -21.53 -4.22 -16.44
N LEU C 339 -22.39 -5.16 -16.09
CA LEU C 339 -22.09 -6.56 -16.33
C LEU C 339 -21.86 -6.80 -17.82
N ILE C 340 -22.62 -6.09 -18.65
CA ILE C 340 -22.50 -6.20 -20.10
C ILE C 340 -21.12 -5.77 -20.57
N ASN C 341 -20.72 -4.57 -20.18
CA ASN C 341 -19.41 -4.05 -20.57
C ASN C 341 -18.25 -4.75 -19.87
N SER C 342 -18.41 -5.05 -18.57
CA SER C 342 -17.36 -5.74 -17.82
C SER C 342 -17.09 -7.08 -18.47
N ALA C 343 -18.15 -7.73 -18.95
CA ALA C 343 -18.02 -9.02 -19.61
C ALA C 343 -17.33 -8.86 -20.98
N ASN C 344 -17.56 -7.72 -21.62
CA ASN C 344 -16.94 -7.46 -22.91
C ASN C 344 -15.47 -7.10 -22.71
N GLU C 345 -15.17 -6.39 -21.62
CA GLU C 345 -13.78 -6.02 -21.35
C GLU C 345 -12.97 -7.29 -21.11
N ILE C 346 -13.60 -8.29 -20.51
CA ILE C 346 -12.92 -9.55 -20.25
C ILE C 346 -12.56 -10.17 -21.60
N ARG C 347 -13.50 -10.20 -22.53
CA ARG C 347 -13.25 -10.75 -23.86
C ARG C 347 -12.24 -9.93 -24.64
N ARG C 348 -12.17 -8.63 -24.34
CA ARG C 348 -11.24 -7.75 -25.02
C ARG C 348 -9.84 -8.20 -24.61
N ALA C 349 -9.64 -8.32 -23.29
CA ALA C 349 -8.37 -8.75 -22.73
C ALA C 349 -7.98 -10.11 -23.32
N TYR C 350 -8.92 -11.05 -23.33
CA TYR C 350 -8.68 -12.38 -23.87
C TYR C 350 -8.18 -12.31 -25.33
N ALA C 351 -8.91 -11.58 -26.17
CA ALA C 351 -8.57 -11.41 -27.59
C ALA C 351 -7.16 -10.87 -27.79
N GLN C 352 -6.83 -9.83 -27.04
CA GLN C 352 -5.50 -9.23 -27.13
C GLN C 352 -4.44 -10.25 -26.72
N ALA C 353 -4.75 -11.08 -25.74
CA ALA C 353 -3.83 -12.10 -25.28
C ALA C 353 -3.62 -13.15 -26.38
N LEU C 354 -4.62 -13.33 -27.25
CA LEU C 354 -4.52 -14.29 -28.32
C LEU C 354 -3.75 -13.70 -29.50
N LEU C 355 -3.47 -12.40 -29.44
CA LEU C 355 -2.73 -11.73 -30.51
C LEU C 355 -1.22 -11.68 -30.27
N VAL C 356 -0.79 -12.07 -29.07
CA VAL C 356 0.63 -12.06 -28.73
C VAL C 356 1.43 -13.11 -29.50
N ASP C 357 2.54 -12.69 -30.10
CA ASP C 357 3.41 -13.59 -30.84
C ASP C 357 4.13 -14.47 -29.82
N ARG C 358 3.52 -15.60 -29.46
CA ARG C 358 4.10 -16.49 -28.47
C ARG C 358 5.53 -16.93 -28.79
N ALA C 359 5.81 -17.27 -30.04
CA ALA C 359 7.14 -17.71 -30.43
C ALA C 359 8.12 -16.56 -30.26
N ALA C 360 7.79 -15.41 -30.82
CA ALA C 360 8.66 -14.23 -30.73
C ALA C 360 8.94 -13.86 -29.28
N LEU C 361 7.94 -14.05 -28.41
CA LEU C 361 8.10 -13.72 -27.01
C LEU C 361 9.15 -14.61 -26.35
N SER C 362 9.02 -15.92 -26.56
CA SER C 362 9.97 -16.86 -25.98
C SER C 362 11.37 -16.46 -26.42
N GLY C 363 11.50 -16.11 -27.70
CA GLY C 363 12.78 -15.71 -28.24
C GLY C 363 13.38 -14.57 -27.42
N TYR C 364 12.59 -13.53 -27.17
CA TYR C 364 13.08 -12.39 -26.41
C TYR C 364 13.34 -12.72 -24.96
N GLN C 365 12.52 -13.60 -24.37
CA GLN C 365 12.72 -14.01 -22.98
C GLN C 365 14.04 -14.77 -22.90
N GLU C 366 14.21 -15.72 -23.82
CA GLU C 366 15.41 -16.53 -23.83
C GLU C 366 16.71 -15.74 -24.00
N ASP C 367 16.71 -14.73 -24.85
CA ASP C 367 17.93 -13.96 -25.02
C ASP C 367 17.92 -12.71 -24.14
N ASN C 368 17.12 -12.74 -23.08
CA ASN C 368 17.04 -11.63 -22.15
C ASN C 368 16.93 -10.25 -22.78
N ASP C 369 16.16 -10.15 -23.85
CA ASP C 369 15.93 -8.86 -24.52
C ASP C 369 14.66 -8.32 -23.86
N ALA C 370 14.83 -7.65 -22.72
CA ALA C 370 13.72 -7.12 -21.95
C ALA C 370 12.78 -6.21 -22.74
N LEU C 371 13.35 -5.23 -23.42
CA LEU C 371 12.56 -4.27 -24.18
C LEU C 371 11.60 -4.89 -25.18
N MET C 372 12.14 -5.63 -26.15
CA MET C 372 11.30 -6.26 -27.17
C MET C 372 10.28 -7.22 -26.58
N ALA C 373 10.65 -7.87 -25.48
CA ALA C 373 9.73 -8.77 -24.83
C ALA C 373 8.48 -7.99 -24.45
N THR C 374 8.66 -6.97 -23.62
CA THR C 374 7.53 -6.17 -23.16
C THR C 374 6.81 -5.49 -24.32
N GLU C 375 7.53 -5.18 -25.40
CA GLU C 375 6.91 -4.56 -26.57
C GLU C 375 6.09 -5.59 -27.34
N THR C 376 6.55 -6.84 -27.29
CA THR C 376 5.85 -7.92 -27.98
C THR C 376 4.47 -8.03 -27.35
N LEU C 377 4.42 -7.88 -26.04
CA LEU C 377 3.14 -7.94 -25.34
C LEU C 377 2.31 -6.71 -25.69
N LYS C 378 2.94 -5.55 -25.66
CA LYS C 378 2.26 -4.30 -25.98
C LYS C 378 1.62 -4.26 -27.36
N ARG C 379 2.31 -4.73 -28.39
CA ARG C 379 1.73 -4.70 -29.73
C ARG C 379 0.37 -5.40 -29.75
N ALA C 380 0.22 -6.43 -28.92
CA ALA C 380 -1.04 -7.16 -28.84
C ALA C 380 -2.05 -6.36 -28.04
N TYR C 381 -1.63 -5.90 -26.86
CA TYR C 381 -2.52 -5.14 -26.00
C TYR C 381 -2.99 -3.87 -26.70
N ARG C 382 -2.09 -3.22 -27.43
CA ARG C 382 -2.42 -1.97 -28.13
C ARG C 382 -3.46 -2.13 -29.24
N THR C 383 -3.55 -3.33 -29.81
CA THR C 383 -4.48 -3.58 -30.88
C THR C 383 -5.94 -3.51 -30.42
N ASP C 384 -6.67 -2.56 -31.01
CA ASP C 384 -8.08 -2.35 -30.71
C ASP C 384 -8.89 -3.53 -31.27
N VAL C 385 -9.22 -4.49 -30.41
CA VAL C 385 -9.95 -5.68 -30.83
C VAL C 385 -11.47 -5.56 -30.84
N GLU C 386 -11.97 -4.35 -30.65
CA GLU C 386 -13.41 -4.11 -30.64
C GLU C 386 -14.12 -4.77 -31.83
N PRO C 387 -13.59 -4.57 -33.06
CA PRO C 387 -14.21 -5.16 -34.25
C PRO C 387 -14.45 -6.67 -34.09
N ILE C 388 -13.46 -7.35 -33.54
CA ILE C 388 -13.56 -8.79 -33.31
C ILE C 388 -14.63 -9.10 -32.28
N LEU C 389 -14.63 -8.38 -31.16
CA LEU C 389 -15.62 -8.60 -30.11
C LEU C 389 -17.02 -8.30 -30.65
N ALA C 390 -17.13 -7.24 -31.44
CA ALA C 390 -18.40 -6.84 -32.02
C ALA C 390 -18.89 -7.89 -33.02
N GLU C 391 -18.05 -8.21 -34.00
CA GLU C 391 -18.39 -9.19 -35.02
C GLU C 391 -18.76 -10.52 -34.40
N ALA C 392 -18.03 -10.91 -33.36
CA ALA C 392 -18.29 -12.17 -32.66
C ALA C 392 -19.71 -12.16 -32.11
N ARG C 393 -20.11 -11.04 -31.51
CA ARG C 393 -21.45 -10.93 -30.95
C ARG C 393 -22.48 -11.03 -32.07
N ARG C 394 -22.28 -10.23 -33.12
CA ARG C 394 -23.22 -10.22 -34.23
C ARG C 394 -23.48 -11.61 -34.78
N ARG C 395 -22.41 -12.34 -35.08
CA ARG C 395 -22.57 -13.68 -35.63
C ARG C 395 -23.26 -14.65 -34.70
N THR C 396 -23.09 -14.46 -33.39
CA THR C 396 -23.72 -15.36 -32.43
C THR C 396 -25.11 -14.87 -32.08
N GLY C 397 -25.56 -13.82 -32.75
CA GLY C 397 -26.89 -13.28 -32.48
C GLY C 397 -26.97 -12.28 -31.34
N GLY C 398 -25.89 -11.53 -31.14
CA GLY C 398 -25.88 -10.53 -30.09
C GLY C 398 -25.93 -9.17 -30.74
N ALA C 399 -25.70 -8.11 -29.96
CA ALA C 399 -25.73 -6.77 -30.49
C ALA C 399 -24.32 -6.26 -30.80
N VAL C 400 -24.21 -5.54 -31.91
CA VAL C 400 -22.96 -4.94 -32.34
C VAL C 400 -22.48 -4.04 -31.20
N ASP C 401 -23.41 -3.26 -30.65
CA ASP C 401 -23.15 -2.35 -29.53
C ASP C 401 -24.16 -2.73 -28.45
N PRO C 402 -23.77 -3.61 -27.52
CA PRO C 402 -24.61 -4.09 -26.42
C PRO C 402 -25.35 -3.06 -25.58
N VAL C 403 -24.62 -2.17 -24.94
CA VAL C 403 -25.26 -1.17 -24.09
C VAL C 403 -26.17 -0.21 -24.86
N ALA C 404 -25.87 0.00 -26.14
CA ALA C 404 -26.67 0.90 -26.96
C ALA C 404 -28.04 0.27 -27.27
N THR C 405 -28.01 -0.98 -27.71
CA THR C 405 -29.23 -1.70 -28.04
C THR C 405 -30.10 -1.77 -26.78
N TYR C 406 -29.48 -2.10 -25.65
CA TYR C 406 -30.17 -2.20 -24.37
C TYR C 406 -30.97 -0.93 -24.04
N ARG C 407 -30.31 0.21 -24.10
CA ARG C 407 -31.00 1.46 -23.80
C ARG C 407 -32.09 1.76 -24.82
N ALA C 408 -31.88 1.26 -26.05
CA ALA C 408 -32.85 1.48 -27.12
C ALA C 408 -34.04 0.53 -26.96
N SER C 409 -33.82 -0.61 -26.30
CA SER C 409 -34.91 -1.56 -26.11
C SER C 409 -35.82 -1.01 -25.02
N GLY C 410 -35.25 -0.27 -24.08
CA GLY C 410 -36.03 0.31 -23.00
C GLY C 410 -36.23 -0.62 -21.81
N TYR C 411 -35.66 -1.82 -21.89
CA TYR C 411 -35.77 -2.83 -20.84
C TYR C 411 -35.85 -2.31 -19.40
N ARG C 412 -35.00 -1.35 -19.05
CA ARG C 412 -35.00 -0.82 -17.69
C ARG C 412 -36.34 -0.20 -17.29
N ALA C 413 -36.80 0.77 -18.08
CA ALA C 413 -38.08 1.42 -17.82
C ALA C 413 -39.18 0.35 -17.76
N ARG C 414 -39.00 -0.71 -18.52
CA ARG C 414 -39.94 -1.83 -18.58
C ARG C 414 -40.07 -2.56 -17.25
N VAL C 415 -39.02 -3.24 -16.81
CA VAL C 415 -39.05 -3.95 -15.53
C VAL C 415 -39.28 -2.99 -14.38
N ALA C 416 -38.94 -1.73 -14.59
CA ALA C 416 -39.12 -0.71 -13.57
C ALA C 416 -40.61 -0.51 -13.34
N ALA C 417 -41.39 -0.66 -14.39
CA ALA C 417 -42.83 -0.48 -14.29
C ALA C 417 -43.52 -1.73 -13.77
N GLU C 418 -42.81 -2.86 -13.75
CA GLU C 418 -43.39 -4.12 -13.27
C GLU C 418 -42.97 -4.49 -11.84
N ARG C 419 -41.86 -3.93 -11.38
CA ARG C 419 -41.33 -4.23 -10.05
C ARG C 419 -41.53 -3.10 -9.02
N PRO C 420 -41.75 -3.45 -7.75
CA PRO C 420 -41.94 -2.42 -6.72
C PRO C 420 -40.75 -1.46 -6.58
N ALA C 421 -41.03 -0.26 -6.07
CA ALA C 421 -40.01 0.75 -5.88
C ALA C 421 -39.07 0.37 -4.75
N SER C 422 -37.79 0.71 -4.91
CA SER C 422 -36.79 0.42 -3.90
C SER C 422 -36.53 1.67 -3.08
N VAL C 423 -36.17 1.51 -1.81
CA VAL C 423 -35.89 2.68 -0.97
C VAL C 423 -34.42 2.78 -0.62
N ALA C 424 -33.87 3.99 -0.73
CA ALA C 424 -32.48 4.22 -0.41
C ALA C 424 -32.31 4.13 1.10
N GLY C 425 -31.26 3.45 1.58
CA GLY C 425 -31.07 3.33 3.00
C GLY C 425 -29.62 3.21 3.44
N GLY C 426 -29.42 2.97 4.74
CA GLY C 426 -28.09 2.81 5.27
C GLY C 426 -27.42 1.61 4.61
N GLY C 427 -26.19 1.30 5.00
CA GLY C 427 -25.49 0.18 4.41
C GLY C 427 -25.09 -0.90 5.39
N GLY C 428 -24.93 -0.52 6.66
CA GLY C 428 -24.53 -1.49 7.66
C GLY C 428 -23.58 -0.94 8.70
N ILE C 429 -23.19 0.33 8.58
CA ILE C 429 -22.27 0.92 9.55
C ILE C 429 -22.97 1.12 10.89
N ILE C 430 -24.30 1.17 10.86
CA ILE C 430 -25.09 1.33 12.07
C ILE C 430 -26.47 0.66 11.90
N GLY C 431 -27.18 0.52 13.02
CA GLY C 431 -28.50 -0.08 12.99
C GLY C 431 -29.57 0.98 13.06
N GLU D 3 -27.09 11.96 38.15
CA GLU D 3 -27.43 10.52 38.34
C GLU D 3 -26.30 9.63 37.83
N PHE D 4 -26.25 8.38 38.28
CA PHE D 4 -25.19 7.46 37.88
C PHE D 4 -25.71 6.17 37.27
N ARG D 5 -25.35 5.93 36.01
CA ARG D 5 -25.76 4.72 35.32
C ARG D 5 -25.21 3.50 36.04
N ILE D 6 -24.01 3.65 36.60
CA ILE D 6 -23.37 2.57 37.34
C ILE D 6 -23.47 2.87 38.83
N ALA D 7 -23.99 1.93 39.60
CA ALA D 7 -24.13 2.13 41.03
C ALA D 7 -22.80 2.58 41.61
N GLN D 8 -22.85 3.63 42.43
CA GLN D 8 -21.63 4.14 43.03
C GLN D 8 -21.02 3.13 43.99
N ASP D 9 -21.85 2.27 44.58
CA ASP D 9 -21.34 1.27 45.51
C ASP D 9 -20.51 0.21 44.79
N VAL D 10 -20.83 -0.05 43.53
CA VAL D 10 -20.07 -1.03 42.77
C VAL D 10 -18.71 -0.44 42.41
N VAL D 11 -18.72 0.82 41.99
CA VAL D 11 -17.48 1.50 41.62
C VAL D 11 -16.53 1.52 42.80
N ALA D 12 -17.06 1.90 43.97
CA ALA D 12 -16.26 1.98 45.18
C ALA D 12 -15.69 0.62 45.54
N ARG D 13 -16.55 -0.39 45.52
CA ARG D 13 -16.18 -1.77 45.83
C ARG D 13 -15.04 -2.25 44.94
N GLU D 14 -15.22 -2.10 43.62
CA GLU D 14 -14.23 -2.51 42.63
C GLU D 14 -12.93 -1.72 42.69
N ASN D 15 -12.97 -0.54 43.30
CA ASN D 15 -11.78 0.30 43.43
C ASN D 15 -10.97 -0.04 44.66
N ASP D 16 -11.64 -0.30 45.78
CA ASP D 16 -10.94 -0.66 47.01
C ASP D 16 -10.24 -1.99 46.74
N ARG D 17 -10.94 -2.85 45.99
CA ARG D 17 -10.42 -4.16 45.62
C ARG D 17 -9.04 -4.06 44.95
N ARG D 18 -8.82 -2.98 44.21
CA ARG D 18 -7.55 -2.79 43.50
C ARG D 18 -6.67 -1.65 44.02
N ALA D 19 -7.16 -0.94 45.03
CA ALA D 19 -6.44 0.20 45.60
C ALA D 19 -5.03 -0.10 46.03
N SER D 20 -4.86 -1.21 46.75
CA SER D 20 -3.55 -1.58 47.24
C SER D 20 -2.54 -1.64 46.12
N ALA D 21 -2.87 -2.41 45.08
CA ALA D 21 -1.98 -2.56 43.95
C ALA D 21 -1.69 -1.22 43.28
N LEU D 22 -2.72 -0.42 43.02
CA LEU D 22 -2.51 0.87 42.37
C LEU D 22 -1.51 1.73 43.13
N LYS D 23 -1.56 1.70 44.46
CA LYS D 23 -0.65 2.51 45.26
C LYS D 23 0.78 2.06 45.03
N GLU D 24 0.98 0.75 45.01
CA GLU D 24 2.29 0.16 44.78
C GLU D 24 2.85 0.60 43.44
N ASP D 25 2.05 0.43 42.39
CA ASP D 25 2.47 0.77 41.04
C ASP D 25 2.69 2.26 40.86
N TYR D 26 1.76 3.07 41.37
CA TYR D 26 1.89 4.52 41.24
C TYR D 26 3.15 5.04 41.92
N GLU D 27 3.38 4.61 43.16
CA GLU D 27 4.55 5.07 43.91
C GLU D 27 5.85 4.62 43.25
N ALA D 28 5.89 3.40 42.74
CA ALA D 28 7.09 2.93 42.05
C ALA D 28 7.33 3.82 40.82
N LEU D 29 6.25 4.14 40.12
CA LEU D 29 6.34 5.00 38.93
C LEU D 29 6.80 6.38 39.34
N GLY D 30 6.27 6.87 40.45
CA GLY D 30 6.68 8.19 40.91
C GLY D 30 8.17 8.17 41.22
N ALA D 31 8.62 7.08 41.86
CA ALA D 31 10.02 6.97 42.20
C ALA D 31 10.84 7.01 40.92
N ASN D 32 10.44 6.19 39.94
CA ASN D 32 11.13 6.12 38.66
C ASN D 32 11.21 7.48 37.98
N LEU D 33 10.06 8.15 37.87
CA LEU D 33 10.02 9.45 37.22
C LEU D 33 10.83 10.52 37.92
N ALA D 34 10.85 10.52 39.25
CA ALA D 34 11.65 11.51 39.98
C ALA D 34 13.13 11.34 39.64
N ARG D 35 13.55 10.10 39.41
CA ARG D 35 14.94 9.85 39.05
C ARG D 35 15.17 10.51 37.68
N ARG D 36 14.13 10.55 36.86
CA ARG D 36 14.21 11.16 35.53
C ARG D 36 13.90 12.65 35.64
N GLY D 37 13.71 13.13 36.87
CA GLY D 37 13.39 14.53 37.07
C GLY D 37 12.01 14.92 36.59
N VAL D 38 11.01 14.06 36.80
CA VAL D 38 9.64 14.33 36.38
C VAL D 38 8.65 14.11 37.52
N ASP D 39 7.90 15.14 37.86
CA ASP D 39 6.91 15.04 38.93
C ASP D 39 5.71 14.25 38.42
N ILE D 40 5.57 13.00 38.87
CA ILE D 40 4.46 12.17 38.43
C ILE D 40 3.14 12.88 38.62
N GLU D 41 3.06 13.67 39.69
CA GLU D 41 1.88 14.44 40.04
C GLU D 41 1.41 15.40 38.96
N ALA D 42 2.35 16.18 38.43
CA ALA D 42 2.06 17.14 37.38
C ALA D 42 1.47 16.46 36.15
N VAL D 43 1.91 15.22 35.89
CA VAL D 43 1.39 14.49 34.75
C VAL D 43 -0.04 14.04 35.02
N THR D 44 -0.25 13.40 36.17
CA THR D 44 -1.59 12.95 36.53
C THR D 44 -2.53 14.15 36.41
N ALA D 45 -2.07 15.29 36.93
CA ALA D 45 -2.85 16.52 36.89
C ALA D 45 -3.28 16.86 35.46
N LYS D 46 -2.36 16.75 34.51
CA LYS D 46 -2.72 17.05 33.14
C LYS D 46 -3.57 15.96 32.54
N VAL D 47 -3.28 14.70 32.89
CA VAL D 47 -4.03 13.57 32.35
C VAL D 47 -5.53 13.63 32.65
N GLU D 48 -5.88 13.89 33.91
CA GLU D 48 -7.28 13.95 34.29
C GLU D 48 -7.99 15.15 33.68
N LYS D 49 -7.25 15.95 32.94
CA LYS D 49 -7.82 17.12 32.27
C LYS D 49 -7.93 16.89 30.76
N PHE D 50 -7.37 15.78 30.27
CA PHE D 50 -7.44 15.46 28.85
C PHE D 50 -8.76 14.74 28.54
N PHE D 51 -9.51 15.25 27.56
CA PHE D 51 -10.78 14.65 27.19
C PHE D 51 -10.90 14.38 25.70
N VAL D 52 -11.85 13.52 25.33
CA VAL D 52 -12.09 13.17 23.95
C VAL D 52 -13.55 12.72 23.90
N ALA D 53 -14.30 13.25 22.94
CA ALA D 53 -15.72 12.94 22.80
C ALA D 53 -16.01 11.62 22.12
N VAL D 54 -17.05 10.93 22.58
CA VAL D 54 -17.44 9.66 22.02
C VAL D 54 -18.46 9.90 20.90
N PRO D 55 -18.44 9.06 19.87
CA PRO D 55 -19.39 9.21 18.76
C PRO D 55 -20.69 8.46 19.06
N SER D 56 -21.81 9.13 18.88
CA SER D 56 -23.10 8.49 19.12
C SER D 56 -23.24 7.24 18.26
N TRP D 57 -22.80 7.31 17.01
CA TRP D 57 -22.93 6.17 16.10
C TRP D 57 -22.02 4.99 16.43
N GLY D 58 -21.22 5.14 17.49
CA GLY D 58 -20.34 4.05 17.92
C GLY D 58 -20.82 3.39 19.20
N VAL D 59 -21.90 3.93 19.78
CA VAL D 59 -22.47 3.39 21.00
C VAL D 59 -23.16 2.05 20.72
N GLY D 60 -23.56 1.86 19.47
CA GLY D 60 -24.20 0.62 19.10
C GLY D 60 -23.25 -0.20 18.26
N THR D 61 -23.59 -1.45 18.03
CA THR D 61 -22.72 -2.28 17.22
C THR D 61 -22.74 -1.84 15.77
N GLY D 62 -21.55 -1.76 15.18
CA GLY D 62 -21.47 -1.36 13.78
C GLY D 62 -21.30 -2.61 12.95
N GLY D 63 -21.22 -2.44 11.64
CA GLY D 63 -21.04 -3.58 10.77
C GLY D 63 -20.41 -3.22 9.43
N THR D 64 -20.42 -4.18 8.51
CA THR D 64 -19.86 -3.96 7.19
C THR D 64 -20.97 -4.16 6.15
N ARG D 65 -20.59 -4.04 4.89
CA ARG D 65 -21.56 -4.21 3.81
C ARG D 65 -21.94 -5.68 3.69
N PHE D 66 -21.19 -6.55 4.38
CA PHE D 66 -21.45 -7.99 4.31
C PHE D 66 -22.42 -8.49 5.38
N ALA D 67 -22.58 -7.73 6.44
CA ALA D 67 -23.47 -8.11 7.53
C ALA D 67 -23.29 -7.21 8.72
N ARG D 68 -24.20 -7.36 9.67
CA ARG D 68 -24.19 -6.62 10.91
C ARG D 68 -24.65 -7.65 11.94
N PHE D 69 -23.85 -7.86 12.98
CA PHE D 69 -24.16 -8.83 14.01
C PHE D 69 -24.32 -8.09 15.34
N PRO D 70 -25.55 -7.65 15.65
CA PRO D 70 -25.76 -6.92 16.90
C PRO D 70 -25.64 -7.79 18.14
N GLY D 71 -25.34 -7.13 19.26
CA GLY D 71 -25.23 -7.82 20.52
C GLY D 71 -26.56 -7.62 21.21
N THR D 72 -26.60 -7.79 22.52
CA THR D 72 -27.85 -7.61 23.27
C THR D 72 -27.92 -6.20 23.87
N GLY D 73 -29.13 -5.71 24.10
CA GLY D 73 -29.28 -4.39 24.66
C GLY D 73 -28.76 -3.28 23.75
N GLU D 74 -28.94 -3.45 22.44
CA GLU D 74 -28.49 -2.44 21.49
C GLU D 74 -29.33 -1.19 21.78
N PRO D 75 -28.72 0.00 21.64
CA PRO D 75 -29.47 1.23 21.90
C PRO D 75 -30.55 1.40 20.82
N ARG D 76 -31.78 1.65 21.24
CA ARG D 76 -32.89 1.83 20.30
C ARG D 76 -32.82 3.16 19.59
N GLY D 77 -32.30 4.18 20.26
CA GLY D 77 -32.21 5.49 19.65
C GLY D 77 -31.12 6.37 20.25
N ILE D 78 -31.12 7.65 19.88
CA ILE D 78 -30.14 8.58 20.40
C ILE D 78 -30.18 8.65 21.93
N PHE D 79 -31.38 8.69 22.48
CA PHE D 79 -31.53 8.76 23.94
C PHE D 79 -30.95 7.55 24.66
N ASP D 80 -31.01 6.37 24.02
CA ASP D 80 -30.43 5.18 24.64
C ASP D 80 -28.91 5.37 24.61
N LYS D 81 -28.41 5.74 23.43
CA LYS D 81 -26.98 5.99 23.21
C LYS D 81 -26.42 6.95 24.25
N LEU D 82 -27.17 8.00 24.59
CA LEU D 82 -26.69 8.93 25.59
C LEU D 82 -26.55 8.25 26.94
N ASP D 83 -27.48 7.36 27.27
CA ASP D 83 -27.40 6.65 28.54
C ASP D 83 -26.10 5.84 28.61
N ASP D 84 -25.80 5.12 27.53
CA ASP D 84 -24.58 4.31 27.48
C ASP D 84 -23.32 5.20 27.48
N CYS D 85 -23.40 6.38 26.85
CA CYS D 85 -22.26 7.29 26.85
C CYS D 85 -22.01 7.75 28.29
N ALA D 86 -23.07 7.77 29.09
CA ALA D 86 -22.97 8.19 30.49
C ALA D 86 -22.15 7.19 31.28
N VAL D 87 -22.24 5.92 30.90
CA VAL D 87 -21.45 4.89 31.57
C VAL D 87 -19.98 5.16 31.27
N ILE D 88 -19.67 5.28 29.99
CA ILE D 88 -18.31 5.53 29.52
C ILE D 88 -17.69 6.73 30.24
N GLN D 89 -18.42 7.82 30.37
CA GLN D 89 -17.88 8.97 31.07
C GLN D 89 -17.73 8.71 32.57
N GLN D 90 -18.75 8.11 33.18
CA GLN D 90 -18.71 7.86 34.63
C GLN D 90 -17.48 7.08 35.03
N LEU D 91 -17.15 6.06 34.25
CA LEU D 91 -16.01 5.20 34.54
C LEU D 91 -14.62 5.69 34.09
N THR D 92 -14.54 6.43 32.99
CA THR D 92 -13.24 6.89 32.52
C THR D 92 -12.97 8.37 32.76
N ARG D 93 -14.03 9.14 32.94
CA ARG D 93 -13.90 10.58 33.17
C ARG D 93 -13.11 11.26 32.05
N ALA D 94 -13.15 10.68 30.84
CA ALA D 94 -12.42 11.24 29.71
C ALA D 94 -13.33 11.54 28.52
N THR D 95 -14.62 11.24 28.66
CA THR D 95 -15.57 11.47 27.58
C THR D 95 -16.79 12.26 28.03
N PRO D 96 -16.58 13.47 28.57
CA PRO D 96 -17.69 14.30 29.03
C PRO D 96 -18.57 14.82 27.89
N ASN D 97 -18.19 14.53 26.63
CA ASN D 97 -18.96 15.01 25.50
C ASN D 97 -19.27 13.96 24.42
N VAL D 98 -20.38 14.18 23.72
CA VAL D 98 -20.87 13.28 22.69
C VAL D 98 -20.95 13.99 21.34
N SER D 99 -20.66 13.25 20.27
CA SER D 99 -20.74 13.77 18.91
C SER D 99 -21.97 13.17 18.25
N LEU D 100 -22.90 14.01 17.83
CA LEU D 100 -24.13 13.53 17.19
C LEU D 100 -24.04 13.62 15.68
N ASN D 101 -24.94 12.87 15.03
CA ASN D 101 -25.02 12.85 13.59
C ASN D 101 -26.48 13.09 13.19
N ILE D 102 -26.70 13.99 12.25
CA ILE D 102 -28.04 14.29 11.75
C ILE D 102 -28.13 13.83 10.30
N PRO D 103 -29.22 13.13 9.94
CA PRO D 103 -30.40 12.77 10.71
C PRO D 103 -30.35 11.54 11.65
N TRP D 104 -29.25 10.79 11.67
CA TRP D 104 -29.20 9.62 12.53
C TRP D 104 -29.69 9.87 13.97
N ASP D 105 -29.12 10.87 14.63
CA ASP D 105 -29.51 11.17 16.01
C ASP D 105 -30.54 12.28 16.14
N LYS D 106 -31.26 12.60 15.07
CA LYS D 106 -32.21 13.68 15.18
C LYS D 106 -33.28 13.41 16.22
N ALA D 107 -33.48 14.41 17.09
CA ALA D 107 -34.45 14.38 18.16
C ALA D 107 -34.66 15.83 18.55
N ASP D 108 -35.60 16.10 19.44
CA ASP D 108 -35.86 17.47 19.87
C ASP D 108 -34.65 18.00 20.62
N PRO D 109 -34.00 19.04 20.07
CA PRO D 109 -32.82 19.63 20.70
C PRO D 109 -33.03 19.84 22.19
N LYS D 110 -34.16 20.44 22.54
CA LYS D 110 -34.49 20.72 23.94
C LYS D 110 -34.34 19.50 24.82
N GLU D 111 -34.79 18.34 24.35
CA GLU D 111 -34.72 17.10 25.12
C GLU D 111 -33.32 16.51 25.16
N LEU D 112 -32.60 16.57 24.03
CA LEU D 112 -31.24 16.06 23.99
C LEU D 112 -30.48 16.79 25.06
N LYS D 113 -30.59 18.12 25.04
CA LYS D 113 -29.94 18.98 26.00
C LYS D 113 -30.29 18.54 27.41
N ALA D 114 -31.58 18.31 27.64
CA ALA D 114 -32.05 17.89 28.95
C ALA D 114 -31.36 16.58 29.36
N ARG D 115 -31.48 15.56 28.51
CA ARG D 115 -30.89 14.26 28.78
C ARG D 115 -29.39 14.39 29.06
N GLY D 116 -28.71 15.17 28.24
CA GLY D 116 -27.28 15.35 28.44
C GLY D 116 -26.97 15.92 29.82
N ASP D 117 -27.62 17.01 30.18
CA ASP D 117 -27.39 17.64 31.47
C ASP D 117 -27.60 16.71 32.65
N ALA D 118 -28.66 15.92 32.59
CA ALA D 118 -28.96 14.98 33.65
C ALA D 118 -27.84 13.94 33.73
N LEU D 119 -27.42 13.46 32.56
CA LEU D 119 -26.37 12.46 32.47
C LEU D 119 -24.95 13.02 32.57
N GLY D 120 -24.82 14.32 32.80
CA GLY D 120 -23.50 14.90 32.91
C GLY D 120 -22.71 14.92 31.62
N LEU D 121 -23.41 14.88 30.49
CA LEU D 121 -22.74 14.87 29.20
C LEU D 121 -22.92 16.19 28.45
N GLY D 122 -21.99 16.47 27.54
CA GLY D 122 -22.03 17.67 26.75
C GLY D 122 -21.97 17.29 25.28
N PHE D 123 -22.03 18.26 24.38
CA PHE D 123 -22.02 17.96 22.96
C PHE D 123 -20.86 18.58 22.22
N ASP D 124 -20.15 17.74 21.44
CA ASP D 124 -19.02 18.21 20.66
C ASP D 124 -19.53 18.57 19.28
N ALA D 125 -18.61 18.79 18.35
CA ALA D 125 -18.98 19.16 16.98
C ALA D 125 -20.15 18.38 16.38
N MET D 126 -20.95 19.07 15.58
CA MET D 126 -22.09 18.46 14.92
C MET D 126 -21.56 17.79 13.65
N ASN D 127 -22.19 16.67 13.26
CA ASN D 127 -21.79 15.92 12.06
C ASN D 127 -22.92 15.83 11.05
N SER D 128 -22.82 16.57 9.96
CA SER D 128 -23.86 16.54 8.94
C SER D 128 -23.78 15.23 8.16
N ASN D 129 -24.92 14.75 7.68
CA ASN D 129 -24.97 13.48 6.96
C ASN D 129 -25.56 13.62 5.57
N THR D 130 -24.73 13.92 4.58
CA THR D 130 -25.24 14.01 3.22
C THR D 130 -24.61 12.90 2.38
N PHE D 131 -24.28 11.78 3.04
CA PHE D 131 -23.68 10.62 2.36
C PHE D 131 -24.71 9.49 2.26
N SER D 132 -25.90 9.76 2.80
CA SER D 132 -27.01 8.81 2.76
C SER D 132 -28.33 9.60 2.66
N ASP D 133 -29.32 8.99 2.02
CA ASP D 133 -30.61 9.65 1.84
C ASP D 133 -31.53 9.50 3.05
N ALA D 134 -32.04 10.64 3.53
CA ALA D 134 -32.97 10.64 4.65
C ALA D 134 -34.37 10.41 4.09
N PRO D 135 -35.30 9.89 4.91
CA PRO D 135 -36.67 9.65 4.43
C PRO D 135 -37.34 10.91 3.92
N GLY D 136 -37.99 10.82 2.76
CA GLY D 136 -38.69 11.96 2.19
C GLY D 136 -37.82 12.92 1.38
N GLN D 137 -36.50 12.81 1.57
CA GLN D 137 -35.55 13.65 0.85
C GLN D 137 -35.97 13.85 -0.61
N ALA D 138 -35.93 15.10 -1.07
CA ALA D 138 -36.32 15.43 -2.44
C ALA D 138 -35.35 14.93 -3.51
N HIS D 139 -34.06 15.13 -3.25
CA HIS D 139 -33.01 14.73 -4.20
C HIS D 139 -32.07 13.71 -3.59
N SER D 140 -31.74 12.68 -4.35
CA SER D 140 -30.84 11.64 -3.88
C SER D 140 -29.37 12.05 -3.95
N TYR D 141 -28.60 11.60 -2.96
CA TYR D 141 -27.18 11.91 -2.91
C TYR D 141 -26.35 10.81 -3.59
N LYS D 142 -27.04 9.92 -4.31
CA LYS D 142 -26.40 8.81 -5.03
C LYS D 142 -25.20 9.25 -5.85
N TYR D 143 -25.32 10.41 -6.49
CA TYR D 143 -24.23 10.90 -7.31
C TYR D 143 -23.52 12.08 -6.66
N GLY D 144 -23.73 12.25 -5.35
CA GLY D 144 -23.07 13.33 -4.64
C GLY D 144 -24.00 14.26 -3.88
N SER D 145 -23.40 15.18 -3.13
CA SER D 145 -24.17 16.16 -2.37
C SER D 145 -23.67 17.57 -2.66
N LEU D 146 -22.86 18.12 -1.78
CA LEU D 146 -22.33 19.47 -1.91
C LEU D 146 -21.65 19.74 -3.26
N SER D 147 -21.17 18.69 -3.92
CA SER D 147 -20.49 18.86 -5.21
C SER D 147 -21.28 18.21 -6.34
N HIS D 148 -22.51 17.81 -6.04
CA HIS D 148 -23.39 17.17 -7.03
C HIS D 148 -23.48 18.11 -8.23
N THR D 149 -23.64 17.55 -9.43
CA THR D 149 -23.74 18.38 -10.62
C THR D 149 -25.02 19.23 -10.62
N ASN D 150 -26.11 18.65 -10.13
CA ASN D 150 -27.41 19.31 -10.05
C ASN D 150 -27.53 20.36 -8.94
N ALA D 151 -27.75 21.60 -9.34
CA ALA D 151 -27.88 22.70 -8.38
C ALA D 151 -28.83 22.40 -7.22
N ALA D 152 -30.04 22.00 -7.55
CA ALA D 152 -31.04 21.71 -6.54
C ALA D 152 -30.54 20.72 -5.47
N THR D 153 -29.79 19.71 -5.89
CA THR D 153 -29.26 18.74 -4.93
C THR D 153 -28.21 19.42 -4.04
N ARG D 154 -27.37 20.27 -4.63
CA ARG D 154 -26.37 20.96 -3.83
C ARG D 154 -27.06 21.91 -2.85
N ALA D 155 -28.10 22.60 -3.32
CA ALA D 155 -28.81 23.53 -2.44
C ALA D 155 -29.39 22.77 -1.25
N GLN D 156 -29.95 21.60 -1.54
CA GLN D 156 -30.52 20.74 -0.49
C GLN D 156 -29.44 20.33 0.50
N ALA D 157 -28.26 20.01 -0.02
CA ALA D 157 -27.16 19.59 0.85
C ALA D 157 -26.77 20.73 1.78
N VAL D 158 -26.58 21.91 1.20
CA VAL D 158 -26.22 23.08 1.97
C VAL D 158 -27.21 23.30 3.09
N GLU D 159 -28.50 23.31 2.74
CA GLU D 159 -29.58 23.51 3.69
C GLU D 159 -29.56 22.51 4.84
N HIS D 160 -29.22 21.26 4.54
CA HIS D 160 -29.13 20.22 5.56
C HIS D 160 -28.08 20.60 6.61
N ASN D 161 -26.92 21.03 6.13
CA ASN D 161 -25.83 21.43 7.02
C ASN D 161 -26.27 22.63 7.85
N LEU D 162 -27.02 23.55 7.23
CA LEU D 162 -27.47 24.74 7.94
C LEU D 162 -28.46 24.34 9.02
N GLU D 163 -29.20 23.26 8.77
CA GLU D 163 -30.14 22.75 9.73
C GLU D 163 -29.32 22.17 10.89
N CYS D 164 -28.28 21.44 10.53
CA CYS D 164 -27.40 20.84 11.52
C CYS D 164 -26.87 21.91 12.47
N ILE D 165 -26.60 23.08 11.93
CA ILE D 165 -26.08 24.17 12.74
C ILE D 165 -27.14 24.65 13.73
N GLU D 166 -28.40 24.69 13.28
CA GLU D 166 -29.48 25.15 14.16
C GLU D 166 -29.68 24.22 15.34
N ILE D 167 -29.63 22.91 15.09
CA ILE D 167 -29.79 21.92 16.14
C ILE D 167 -28.67 22.02 17.17
N GLY D 168 -27.44 22.14 16.68
CA GLY D 168 -26.27 22.22 17.54
C GLY D 168 -26.25 23.48 18.36
N LYS D 169 -26.66 24.59 17.76
CA LYS D 169 -26.71 25.86 18.49
C LYS D 169 -27.57 25.60 19.72
N ALA D 170 -28.64 24.85 19.50
CA ALA D 170 -29.61 24.52 20.54
C ALA D 170 -29.11 23.59 21.66
N ILE D 171 -28.19 22.69 21.35
CA ILE D 171 -27.69 21.79 22.39
C ILE D 171 -26.36 22.16 23.04
N GLY D 172 -25.76 23.27 22.61
CA GLY D 172 -24.50 23.72 23.17
C GLY D 172 -23.28 23.32 22.36
N SER D 173 -23.53 22.94 21.11
CA SER D 173 -22.47 22.53 20.21
C SER D 173 -21.82 23.78 19.64
N LYS D 174 -20.52 23.72 19.35
CA LYS D 174 -19.84 24.89 18.80
C LYS D 174 -19.02 24.57 17.56
N ALA D 175 -19.43 23.55 16.80
CA ALA D 175 -18.70 23.22 15.58
C ALA D 175 -19.46 22.28 14.66
N LEU D 176 -19.19 22.39 13.37
CA LEU D 176 -19.84 21.55 12.39
C LEU D 176 -18.79 20.80 11.59
N THR D 177 -18.77 19.48 11.72
CA THR D 177 -17.82 18.66 10.97
C THR D 177 -18.51 18.14 9.72
N VAL D 178 -17.93 18.43 8.57
CA VAL D 178 -18.50 18.01 7.30
C VAL D 178 -17.69 16.92 6.61
N TRP D 179 -18.26 15.73 6.50
CA TRP D 179 -17.60 14.64 5.79
C TRP D 179 -18.58 14.12 4.75
N ILE D 180 -18.15 14.04 3.51
CA ILE D 180 -19.04 13.53 2.46
C ILE D 180 -18.35 12.41 1.69
N GLY D 181 -19.15 11.60 1.00
CA GLY D 181 -18.61 10.51 0.23
C GLY D 181 -18.50 10.87 -1.23
N ASP D 182 -18.71 12.15 -1.52
CA ASP D 182 -18.64 12.67 -2.88
C ASP D 182 -17.37 12.23 -3.57
N GLY D 183 -17.52 11.59 -4.72
CA GLY D 183 -16.37 11.13 -5.46
C GLY D 183 -16.86 10.42 -6.69
N SER D 184 -16.01 9.59 -7.29
CA SER D 184 -16.40 8.87 -8.47
C SER D 184 -15.81 7.49 -8.41
N ASN D 185 -16.49 6.54 -9.02
CA ASN D 185 -16.04 5.15 -9.03
C ASN D 185 -15.44 4.79 -10.37
N PHE D 186 -15.44 5.75 -11.30
CA PHE D 186 -14.90 5.51 -12.63
C PHE D 186 -14.17 6.71 -13.18
N PRO D 187 -13.17 6.45 -14.04
CA PRO D 187 -12.39 7.55 -14.64
C PRO D 187 -13.29 8.30 -15.65
N GLY D 188 -13.28 9.62 -15.58
CA GLY D 188 -14.11 10.40 -16.51
C GLY D 188 -15.50 10.69 -15.96
N GLN D 189 -15.96 9.83 -15.06
CA GLN D 189 -17.28 10.00 -14.45
C GLN D 189 -17.42 11.39 -13.88
N SER D 190 -16.33 11.93 -13.36
CA SER D 190 -16.38 13.27 -12.80
C SER D 190 -15.26 14.10 -13.35
N ASN D 191 -15.43 15.41 -13.27
CA ASN D 191 -14.40 16.32 -13.70
C ASN D 191 -13.86 16.77 -12.35
N PHE D 192 -12.63 16.36 -12.03
CA PHE D 192 -12.01 16.66 -10.75
C PHE D 192 -12.09 18.12 -10.29
N THR D 193 -11.68 19.04 -11.15
CA THR D 193 -11.70 20.46 -10.79
C THR D 193 -13.12 20.99 -10.68
N ARG D 194 -13.93 20.78 -11.72
CA ARG D 194 -15.31 21.26 -11.67
C ARG D 194 -16.06 20.77 -10.44
N ALA D 195 -15.90 19.49 -10.10
CA ALA D 195 -16.56 18.97 -8.91
C ALA D 195 -16.04 19.71 -7.67
N PHE D 196 -14.73 19.89 -7.61
CA PHE D 196 -14.11 20.57 -6.49
C PHE D 196 -14.63 22.00 -6.42
N GLU D 197 -14.66 22.66 -7.57
CA GLU D 197 -15.15 24.04 -7.64
C GLU D 197 -16.57 24.09 -7.07
N ARG D 198 -17.40 23.13 -7.45
CA ARG D 198 -18.77 23.07 -6.96
C ARG D 198 -18.79 22.93 -5.45
N TYR D 199 -17.96 22.02 -4.95
CA TYR D 199 -17.88 21.77 -3.51
C TYR D 199 -17.48 23.03 -2.76
N LEU D 200 -16.45 23.71 -3.26
CA LEU D 200 -15.96 24.93 -2.61
C LEU D 200 -17.07 25.97 -2.53
N SER D 201 -17.77 26.12 -3.64
CA SER D 201 -18.86 27.08 -3.73
C SER D 201 -19.94 26.70 -2.72
N ALA D 202 -20.22 25.41 -2.61
CA ALA D 202 -21.22 24.91 -1.66
C ALA D 202 -20.77 25.11 -0.20
N MET D 203 -19.49 24.83 0.09
CA MET D 203 -18.99 25.02 1.46
C MET D 203 -18.96 26.50 1.80
N ALA D 204 -18.73 27.33 0.78
CA ALA D 204 -18.70 28.77 0.98
C ALA D 204 -20.03 29.25 1.55
N GLU D 205 -21.13 28.70 1.05
CA GLU D 205 -22.46 29.06 1.53
C GLU D 205 -22.65 28.63 2.98
N ILE D 206 -22.20 27.43 3.31
CA ILE D 206 -22.33 26.93 4.68
C ILE D 206 -21.49 27.83 5.58
N TYR D 207 -20.28 28.16 5.13
CA TYR D 207 -19.41 29.01 5.92
C TYR D 207 -20.12 30.33 6.19
N LYS D 208 -20.89 30.79 5.21
CA LYS D 208 -21.62 32.04 5.30
C LYS D 208 -22.65 32.00 6.44
N GLY D 209 -23.28 30.84 6.61
CA GLY D 209 -24.29 30.68 7.65
C GLY D 209 -23.71 30.13 8.93
N LEU D 210 -22.39 30.08 9.01
CA LEU D 210 -21.72 29.57 10.21
C LEU D 210 -21.72 30.62 11.33
N PRO D 211 -22.09 30.23 12.56
CA PRO D 211 -22.08 31.20 13.66
C PRO D 211 -20.65 31.71 13.86
N ASP D 212 -20.49 32.91 14.42
CA ASP D 212 -19.15 33.43 14.61
C ASP D 212 -18.40 32.95 15.86
N ASP D 213 -19.01 32.02 16.59
CA ASP D 213 -18.37 31.43 17.77
C ASP D 213 -18.25 29.92 17.50
N TRP D 214 -18.34 29.56 16.22
CA TRP D 214 -18.27 28.19 15.73
C TRP D 214 -17.09 27.98 14.79
N LYS D 215 -16.79 26.71 14.51
CA LYS D 215 -15.72 26.37 13.59
C LYS D 215 -16.30 25.43 12.56
N LEU D 216 -15.64 25.33 11.41
CA LEU D 216 -16.12 24.47 10.35
C LEU D 216 -15.03 23.50 9.97
N PHE D 217 -15.23 22.24 10.31
CA PHE D 217 -14.23 21.23 9.98
C PHE D 217 -14.59 20.39 8.76
N SER D 218 -13.65 20.25 7.84
CA SER D 218 -13.86 19.39 6.69
C SER D 218 -12.93 18.20 6.95
N GLU D 219 -13.38 17.00 6.63
CA GLU D 219 -12.62 15.80 6.88
C GLU D 219 -12.28 15.06 5.60
N HIS D 220 -10.99 14.92 5.30
CA HIS D 220 -10.57 14.24 4.08
C HIS D 220 -10.53 12.72 4.26
N LYS D 221 -10.63 12.02 3.15
CA LYS D 221 -10.61 10.57 3.17
C LYS D 221 -10.13 10.15 1.78
N MET D 222 -9.27 9.15 1.72
CA MET D 222 -8.75 8.70 0.43
C MET D 222 -9.78 7.96 -0.43
N TYR D 223 -10.63 7.15 0.18
CA TYR D 223 -11.64 6.41 -0.57
C TYR D 223 -12.68 5.79 0.38
N GLU D 224 -13.80 5.38 -0.21
CA GLU D 224 -14.96 4.78 0.46
C GLU D 224 -15.84 5.91 1.01
N PRO D 225 -17.09 6.03 0.51
CA PRO D 225 -17.75 5.22 -0.50
C PRO D 225 -17.24 5.30 -1.94
N ALA D 226 -16.59 6.41 -2.30
CA ALA D 226 -16.08 6.55 -3.67
C ALA D 226 -14.82 5.69 -3.84
N PHE D 227 -14.75 4.94 -4.96
CA PHE D 227 -13.63 4.04 -5.20
C PHE D 227 -12.66 4.32 -6.34
N TYR D 228 -12.68 5.54 -6.88
CA TYR D 228 -11.73 5.92 -7.92
C TYR D 228 -11.20 7.29 -7.52
N SER D 229 -12.09 8.25 -7.36
CA SER D 229 -11.66 9.56 -6.91
C SER D 229 -12.60 10.04 -5.81
N THR D 230 -12.09 10.90 -4.95
CA THR D 230 -12.88 11.45 -3.87
C THR D 230 -12.57 12.94 -3.88
N VAL D 231 -13.60 13.77 -3.90
CA VAL D 231 -13.37 15.22 -3.95
C VAL D 231 -12.39 15.65 -2.86
N VAL D 232 -12.68 15.33 -1.61
CA VAL D 232 -11.77 15.70 -0.52
C VAL D 232 -10.98 14.44 -0.17
N GLN D 233 -10.00 14.10 -1.02
CA GLN D 233 -9.19 12.89 -0.85
C GLN D 233 -8.03 12.93 0.17
N ASP D 234 -7.21 13.98 0.16
CA ASP D 234 -6.11 14.05 1.12
C ASP D 234 -6.03 15.39 1.84
N TRP D 235 -5.05 15.54 2.74
CA TRP D 235 -4.90 16.78 3.50
C TRP D 235 -4.49 17.95 2.59
N GLY D 236 -4.04 17.64 1.38
CA GLY D 236 -3.65 18.69 0.46
C GLY D 236 -4.89 19.44 0.03
N THR D 237 -5.89 18.68 -0.43
CA THR D 237 -7.16 19.25 -0.86
C THR D 237 -7.82 19.90 0.34
N ASN D 238 -7.70 19.24 1.49
CA ASN D 238 -8.29 19.74 2.72
C ASN D 238 -7.78 21.11 3.12
N TYR D 239 -6.46 21.29 3.03
CA TYR D 239 -5.87 22.57 3.36
C TYR D 239 -6.39 23.66 2.40
N LEU D 240 -6.36 23.38 1.10
CA LEU D 240 -6.85 24.34 0.11
C LEU D 240 -8.25 24.80 0.54
N ILE D 241 -9.07 23.81 0.90
CA ILE D 241 -10.44 24.04 1.31
C ILE D 241 -10.56 25.00 2.51
N ALA D 242 -9.78 24.76 3.55
CA ALA D 242 -9.84 25.60 4.74
C ALA D 242 -9.26 26.98 4.54
N GLN D 243 -8.21 27.07 3.72
CA GLN D 243 -7.56 28.33 3.45
C GLN D 243 -8.53 29.23 2.69
N THR D 244 -9.23 28.64 1.73
CA THR D 244 -10.21 29.36 0.93
C THR D 244 -11.40 29.86 1.75
N LEU D 245 -12.04 28.96 2.48
CA LEU D 245 -13.22 29.30 3.27
C LEU D 245 -13.08 30.42 4.28
N GLY D 246 -11.97 30.44 5.02
CA GLY D 246 -11.77 31.48 6.02
C GLY D 246 -11.18 30.96 7.32
N PRO D 247 -10.94 31.85 8.31
CA PRO D 247 -10.36 31.52 9.62
C PRO D 247 -11.09 30.52 10.48
N LYS D 248 -12.41 30.44 10.36
CA LYS D 248 -13.17 29.51 11.19
C LYS D 248 -13.23 28.10 10.61
N ALA D 249 -12.61 27.91 9.45
CA ALA D 249 -12.60 26.61 8.79
C ALA D 249 -11.23 25.95 8.90
N GLN D 250 -11.20 24.78 9.53
CA GLN D 250 -9.96 24.04 9.69
C GLN D 250 -10.08 22.60 9.21
N CYS D 251 -8.97 21.88 9.26
CA CYS D 251 -8.96 20.51 8.80
C CYS D 251 -9.06 19.48 9.91
N LEU D 252 -9.84 18.43 9.66
CA LEU D 252 -10.01 17.37 10.63
C LEU D 252 -9.34 16.10 10.11
N VAL D 253 -8.41 15.57 10.91
CA VAL D 253 -7.65 14.37 10.55
C VAL D 253 -8.20 13.09 11.16
N ASP D 254 -8.68 12.19 10.31
CA ASP D 254 -9.19 10.90 10.75
C ASP D 254 -8.08 9.92 10.41
N LEU D 255 -7.43 9.39 11.45
CA LEU D 255 -6.30 8.48 11.30
C LEU D 255 -6.36 7.39 10.23
N GLY D 256 -7.51 6.74 10.06
CA GLY D 256 -7.59 5.68 9.07
C GLY D 256 -7.89 6.11 7.64
N HIS D 257 -8.02 7.42 7.41
CA HIS D 257 -8.36 7.93 6.08
C HIS D 257 -7.19 8.23 5.14
N HIS D 258 -6.01 7.73 5.49
CA HIS D 258 -4.82 7.97 4.68
C HIS D 258 -4.32 6.76 3.91
N ALA D 259 -3.58 7.01 2.85
CA ALA D 259 -3.05 5.95 2.02
C ALA D 259 -2.07 5.13 2.84
N PRO D 260 -1.79 3.89 2.40
CA PRO D 260 -0.86 3.00 3.09
C PRO D 260 0.52 3.66 3.34
N ASN D 261 1.12 3.34 4.48
CA ASN D 261 2.45 3.85 4.84
C ASN D 261 2.58 5.36 4.92
N THR D 262 1.47 6.07 4.84
CA THR D 262 1.53 7.52 4.92
C THR D 262 2.07 7.93 6.27
N ASN D 263 2.96 8.91 6.30
CA ASN D 263 3.44 9.37 7.57
C ASN D 263 2.38 10.34 8.07
N ILE D 264 1.51 9.87 8.96
CA ILE D 264 0.44 10.72 9.43
C ILE D 264 0.87 11.80 10.40
N GLU D 265 1.78 11.48 11.32
CA GLU D 265 2.24 12.47 12.30
C GLU D 265 2.83 13.70 11.58
N MET D 266 3.43 13.51 10.41
CA MET D 266 3.96 14.66 9.69
C MET D 266 2.83 15.56 9.21
N ILE D 267 1.77 14.94 8.69
CA ILE D 267 0.62 15.71 8.21
C ILE D 267 0.10 16.54 9.38
N VAL D 268 0.10 15.98 10.59
CA VAL D 268 -0.37 16.67 11.78
C VAL D 268 0.49 17.90 12.13
N ALA D 269 1.81 17.79 11.94
CA ALA D 269 2.70 18.92 12.25
C ALA D 269 2.48 20.02 11.23
N ARG D 270 2.47 19.65 9.95
CA ARG D 270 2.25 20.59 8.87
C ARG D 270 0.99 21.42 9.10
N LEU D 271 -0.11 20.76 9.44
CA LEU D 271 -1.35 21.47 9.67
C LEU D 271 -1.23 22.45 10.82
N ILE D 272 -0.52 22.06 11.88
CA ILE D 272 -0.34 22.94 13.02
C ILE D 272 0.52 24.12 12.60
N GLN D 273 1.53 23.84 11.78
CA GLN D 273 2.43 24.88 11.31
C GLN D 273 1.66 25.97 10.57
N PHE D 274 0.61 25.58 9.87
CA PHE D 274 -0.18 26.55 9.11
C PHE D 274 -1.54 26.80 9.76
N GLY D 275 -1.58 26.58 11.06
CA GLY D 275 -2.78 26.81 11.85
C GLY D 275 -4.10 26.32 11.29
N LYS D 276 -4.08 25.15 10.65
CA LYS D 276 -5.30 24.59 10.07
C LYS D 276 -5.71 23.23 10.61
N LEU D 277 -5.15 22.82 11.75
CA LEU D 277 -5.50 21.55 12.35
C LEU D 277 -6.68 21.78 13.30
N GLY D 278 -7.88 21.49 12.81
CA GLY D 278 -9.08 21.65 13.61
C GLY D 278 -9.27 20.55 14.63
N GLY D 279 -8.94 19.32 14.24
CA GLY D 279 -9.09 18.21 15.17
C GLY D 279 -8.83 16.82 14.60
N PHE D 280 -9.06 15.83 15.45
CA PHE D 280 -8.85 14.42 15.12
C PHE D 280 -10.08 13.56 15.25
N HIS D 281 -10.00 12.42 14.57
CA HIS D 281 -11.01 11.40 14.63
C HIS D 281 -10.10 10.23 14.92
N PHE D 282 -10.02 9.84 16.19
CA PHE D 282 -9.15 8.75 16.57
C PHE D 282 -9.78 7.40 16.34
N ASN D 283 -8.92 6.45 15.97
CA ASN D 283 -9.28 5.06 15.71
C ASN D 283 -7.99 4.44 15.24
N ASP D 284 -7.97 3.12 15.05
CA ASP D 284 -6.76 2.45 14.58
C ASP D 284 -7.13 1.68 13.33
N SER D 285 -6.12 1.20 12.63
CA SER D 285 -6.38 0.42 11.42
C SER D 285 -5.14 -0.33 10.97
N LYS D 286 -5.32 -1.18 9.97
CA LYS D 286 -4.22 -1.95 9.42
C LYS D 286 -4.32 -2.00 7.90
N TYR D 287 -5.53 -1.97 7.36
CA TYR D 287 -5.73 -2.05 5.91
C TYR D 287 -6.37 -0.82 5.24
N GLY D 288 -7.52 -0.38 5.74
CA GLY D 288 -8.19 0.78 5.18
C GLY D 288 -8.75 1.61 6.32
N ASP D 289 -9.97 2.14 6.18
CA ASP D 289 -10.59 2.92 7.25
C ASP D 289 -11.29 1.91 8.17
N ASP D 290 -10.49 1.01 8.73
CA ASP D 290 -10.98 -0.07 9.59
C ASP D 290 -11.75 0.34 10.85
N ASP D 291 -11.59 1.58 11.27
CA ASP D 291 -12.31 2.07 12.44
C ASP D 291 -12.23 1.19 13.68
N LEU D 292 -11.03 0.67 13.96
CA LEU D 292 -10.79 -0.18 15.11
C LEU D 292 -10.48 0.62 16.36
N ASP D 293 -10.49 -0.03 17.52
CA ASP D 293 -10.19 0.65 18.76
C ASP D 293 -8.83 1.35 18.59
N ALA D 294 -8.70 2.56 19.11
CA ALA D 294 -7.45 3.30 18.98
C ALA D 294 -6.32 2.61 19.72
N GLY D 295 -5.15 2.56 19.09
CA GLY D 295 -3.98 1.94 19.70
C GLY D 295 -3.94 0.42 19.65
N ALA D 296 -5.06 -0.20 19.32
CA ALA D 296 -5.12 -1.66 19.27
C ALA D 296 -4.25 -2.30 18.18
N ILE D 297 -3.89 -1.54 17.14
CA ILE D 297 -3.05 -2.09 16.08
C ILE D 297 -1.65 -1.48 16.12
N GLU D 298 -1.57 -0.14 16.17
CA GLU D 298 -0.29 0.54 16.20
C GLU D 298 -0.22 1.63 17.28
N PRO D 299 -0.03 1.20 18.54
CA PRO D 299 0.05 2.12 19.67
C PRO D 299 1.17 3.14 19.51
N TYR D 300 2.29 2.74 18.89
CA TYR D 300 3.38 3.70 18.74
C TYR D 300 2.98 4.84 17.79
N ARG D 301 2.30 4.49 16.70
CA ARG D 301 1.86 5.50 15.77
C ARG D 301 1.00 6.52 16.52
N LEU D 302 0.16 6.05 17.42
CA LEU D 302 -0.70 6.94 18.19
C LEU D 302 0.14 7.86 19.07
N PHE D 303 1.19 7.31 19.67
CA PHE D 303 2.07 8.10 20.53
C PHE D 303 2.77 9.19 19.72
N LEU D 304 3.22 8.85 18.51
CA LEU D 304 3.92 9.83 17.67
C LEU D 304 3.04 11.02 17.28
N VAL D 305 1.74 10.78 17.10
CA VAL D 305 0.81 11.84 16.77
C VAL D 305 0.74 12.79 17.96
N PHE D 306 0.59 12.22 19.16
CA PHE D 306 0.56 13.01 20.37
C PHE D 306 1.92 13.67 20.62
N ASN D 307 2.99 13.06 20.13
CA ASN D 307 4.30 13.67 20.30
C ASN D 307 4.28 15.03 19.61
N GLU D 308 3.63 15.10 18.44
CA GLU D 308 3.53 16.35 17.69
C GLU D 308 2.62 17.34 18.39
N LEU D 309 1.58 16.83 19.05
CA LEU D 309 0.66 17.70 19.76
C LEU D 309 1.37 18.33 20.94
N VAL D 310 2.01 17.50 21.75
CA VAL D 310 2.74 17.99 22.90
C VAL D 310 3.93 18.84 22.47
N ASP D 311 4.50 18.57 21.30
CA ASP D 311 5.63 19.38 20.84
C ASP D 311 5.21 20.77 20.46
N ALA D 312 4.03 20.89 19.84
CA ALA D 312 3.51 22.19 19.43
C ALA D 312 3.39 23.08 20.66
N GLU D 313 2.86 22.52 21.73
CA GLU D 313 2.71 23.27 22.96
C GLU D 313 4.08 23.69 23.49
N ALA D 314 5.07 22.84 23.27
CA ALA D 314 6.44 23.10 23.73
C ALA D 314 7.11 24.21 22.92
N ARG D 315 6.95 24.14 21.60
CA ARG D 315 7.56 25.13 20.72
C ARG D 315 6.96 26.51 20.97
N GLY D 316 5.80 26.53 21.63
CA GLY D 316 5.15 27.81 21.90
C GLY D 316 3.95 28.18 21.04
N VAL D 317 3.56 27.31 20.12
CA VAL D 317 2.41 27.57 19.24
C VAL D 317 1.24 28.10 20.06
N LYS D 318 0.60 29.15 19.57
CA LYS D 318 -0.51 29.76 20.27
C LYS D 318 -1.89 29.49 19.69
N GLY D 319 -2.88 29.52 20.57
CA GLY D 319 -4.26 29.31 20.15
C GLY D 319 -4.51 27.94 19.57
N PHE D 320 -3.71 26.95 19.98
CA PHE D 320 -3.86 25.60 19.48
C PHE D 320 -4.64 24.72 20.45
N HIS D 321 -5.89 24.46 20.11
CA HIS D 321 -6.78 23.63 20.93
C HIS D 321 -7.63 22.77 20.01
N PRO D 322 -7.01 21.79 19.35
CA PRO D 322 -7.74 20.91 18.44
C PRO D 322 -8.80 20.11 19.17
N ALA D 323 -9.90 19.82 18.48
CA ALA D 323 -10.99 19.05 19.05
C ALA D 323 -10.69 17.58 18.90
N HIS D 324 -10.68 16.86 20.02
CA HIS D 324 -10.40 15.42 20.02
C HIS D 324 -11.66 14.57 20.04
N MET D 325 -11.83 13.76 19.01
CA MET D 325 -13.01 12.90 18.95
C MET D 325 -12.61 11.47 18.58
N ILE D 326 -13.47 10.52 18.95
CA ILE D 326 -13.25 9.12 18.64
C ILE D 326 -14.21 8.74 17.52
N ASP D 327 -13.68 8.28 16.41
CA ASP D 327 -14.54 7.83 15.33
C ASP D 327 -14.22 6.35 15.14
N GLN D 328 -15.04 5.51 15.75
CA GLN D 328 -14.83 4.08 15.68
C GLN D 328 -16.12 3.29 15.43
N SER D 329 -15.94 2.10 14.86
CA SER D 329 -17.02 1.17 14.59
C SER D 329 -16.62 -0.09 15.33
N HIS D 330 -17.51 -0.60 16.16
CA HIS D 330 -17.22 -1.80 16.95
C HIS D 330 -18.09 -2.93 16.49
N ASN D 331 -17.53 -3.80 15.64
CA ASN D 331 -18.27 -4.91 15.05
C ASN D 331 -18.27 -6.24 15.80
N VAL D 332 -17.35 -6.43 16.75
CA VAL D 332 -17.28 -7.68 17.51
C VAL D 332 -16.94 -7.52 18.99
N THR D 333 -17.29 -6.39 19.57
CA THR D 333 -17.04 -6.17 20.99
C THR D 333 -18.16 -5.30 21.52
N ASP D 334 -18.32 -5.29 22.84
CA ASP D 334 -19.33 -4.46 23.49
C ASP D 334 -18.89 -3.05 23.13
N PRO D 335 -19.70 -2.34 22.35
CA PRO D 335 -19.32 -0.98 21.96
C PRO D 335 -18.80 -0.16 23.15
N ILE D 336 -19.48 -0.27 24.28
CA ILE D 336 -19.12 0.48 25.48
C ILE D 336 -17.73 0.13 26.03
N GLU D 337 -17.40 -1.17 26.09
CA GLU D 337 -16.08 -1.56 26.60
C GLU D 337 -15.00 -1.09 25.62
N SER D 338 -15.30 -1.15 24.33
CA SER D 338 -14.35 -0.72 23.31
C SER D 338 -14.06 0.75 23.46
N LEU D 339 -15.11 1.55 23.58
CA LEU D 339 -14.94 2.98 23.73
C LEU D 339 -14.18 3.32 25.00
N ILE D 340 -14.44 2.57 26.06
CA ILE D 340 -13.77 2.80 27.34
C ILE D 340 -12.25 2.69 27.20
N ASN D 341 -11.79 1.61 26.58
CA ASN D 341 -10.36 1.42 26.39
C ASN D 341 -9.79 2.33 25.32
N SER D 342 -10.56 2.62 24.28
CA SER D 342 -10.06 3.50 23.24
C SER D 342 -9.73 4.84 23.89
N ALA D 343 -10.67 5.33 24.70
CA ALA D 343 -10.46 6.59 25.40
C ALA D 343 -9.20 6.48 26.28
N ASN D 344 -9.14 5.44 27.10
CA ASN D 344 -7.99 5.24 27.97
C ASN D 344 -6.69 5.21 27.15
N GLU D 345 -6.70 4.44 26.06
CA GLU D 345 -5.54 4.29 25.19
C GLU D 345 -5.08 5.65 24.68
N ILE D 346 -6.05 6.53 24.39
CA ILE D 346 -5.71 7.85 23.91
C ILE D 346 -5.03 8.66 25.02
N ARG D 347 -5.53 8.54 26.24
CA ARG D 347 -4.93 9.25 27.38
C ARG D 347 -3.53 8.67 27.63
N ARG D 348 -3.40 7.38 27.35
CA ARG D 348 -2.13 6.68 27.53
C ARG D 348 -1.07 7.28 26.59
N ALA D 349 -1.42 7.47 25.33
CA ALA D 349 -0.49 8.06 24.37
C ALA D 349 -0.14 9.47 24.81
N TYR D 350 -1.16 10.24 25.18
CA TYR D 350 -0.94 11.61 25.65
C TYR D 350 -0.02 11.60 26.86
N ALA D 351 -0.32 10.75 27.83
CA ALA D 351 0.49 10.64 29.05
C ALA D 351 1.98 10.44 28.75
N GLN D 352 2.29 9.45 27.91
CA GLN D 352 3.67 9.15 27.55
C GLN D 352 4.34 10.30 26.79
N ALA D 353 3.58 10.93 25.90
CA ALA D 353 4.09 12.05 25.13
C ALA D 353 4.48 13.19 26.07
N LEU D 354 3.88 13.24 27.25
CA LEU D 354 4.19 14.28 28.23
C LEU D 354 5.48 13.97 28.98
N LEU D 355 5.91 12.71 28.92
CA LEU D 355 7.14 12.30 29.62
C LEU D 355 8.39 12.56 28.81
N VAL D 356 8.21 12.86 27.52
CA VAL D 356 9.33 13.15 26.63
C VAL D 356 10.13 14.35 27.10
N ASP D 357 11.39 14.12 27.44
CA ASP D 357 12.27 15.21 27.87
C ASP D 357 12.56 16.04 26.60
N ARG D 358 11.80 17.12 26.39
CA ARG D 358 11.98 17.96 25.20
C ARG D 358 13.36 18.64 25.15
N ALA D 359 13.92 18.95 26.31
CA ALA D 359 15.23 19.59 26.34
C ALA D 359 16.27 18.65 25.74
N ALA D 360 16.30 17.42 26.25
CA ALA D 360 17.24 16.41 25.78
C ALA D 360 17.02 16.12 24.31
N LEU D 361 15.76 15.85 23.94
CA LEU D 361 15.39 15.56 22.56
C LEU D 361 15.90 16.65 21.62
N SER D 362 15.51 17.88 21.90
CA SER D 362 15.93 19.02 21.09
C SER D 362 17.45 18.96 20.89
N GLY D 363 18.18 18.68 21.97
CA GLY D 363 19.62 18.61 21.89
C GLY D 363 20.10 17.59 20.88
N TYR D 364 19.57 16.38 20.94
CA TYR D 364 19.99 15.35 20.00
C TYR D 364 19.63 15.69 18.56
N GLN D 365 18.53 16.41 18.37
CA GLN D 365 18.12 16.79 17.02
C GLN D 365 19.15 17.77 16.45
N GLU D 366 19.56 18.75 17.26
CA GLU D 366 20.54 19.73 16.83
C GLU D 366 21.90 19.13 16.50
N ASP D 367 22.24 18.02 17.15
CA ASP D 367 23.52 17.37 16.91
C ASP D 367 23.38 16.25 15.87
N ASN D 368 22.18 16.08 15.35
CA ASN D 368 21.93 15.04 14.37
C ASN D 368 22.29 13.67 14.96
N ASP D 369 22.01 13.50 16.25
CA ASP D 369 22.28 12.25 16.95
C ASP D 369 20.98 11.47 16.84
N ALA D 370 20.72 10.93 15.65
CA ALA D 370 19.50 10.21 15.36
C ALA D 370 19.12 9.17 16.42
N LEU D 371 20.08 8.34 16.79
CA LEU D 371 19.85 7.29 17.75
C LEU D 371 19.39 7.76 19.13
N MET D 372 20.13 8.65 19.76
CA MET D 372 19.71 9.13 21.06
C MET D 372 18.39 9.89 20.91
N ALA D 373 18.18 10.47 19.74
CA ALA D 373 16.94 11.20 19.47
C ALA D 373 15.76 10.26 19.57
N THR D 374 15.78 9.21 18.75
CA THR D 374 14.70 8.23 18.71
C THR D 374 14.57 7.55 20.09
N GLU D 375 15.71 7.27 20.71
CA GLU D 375 15.76 6.63 22.01
C GLU D 375 15.12 7.52 23.08
N THR D 376 15.23 8.84 22.93
CA THR D 376 14.63 9.74 23.92
C THR D 376 13.12 9.62 23.90
N LEU D 377 12.53 9.45 22.72
CA LEU D 377 11.08 9.27 22.64
C LEU D 377 10.70 7.93 23.26
N LYS D 378 11.44 6.88 22.90
CA LYS D 378 11.20 5.52 23.40
C LYS D 378 11.22 5.37 24.93
N ARG D 379 12.00 6.19 25.61
CA ARG D 379 12.06 6.10 27.08
C ARG D 379 10.75 6.57 27.67
N ALA D 380 10.04 7.37 26.90
CA ALA D 380 8.76 7.89 27.34
C ALA D 380 7.69 6.87 26.98
N TYR D 381 7.66 6.49 25.71
CA TYR D 381 6.69 5.53 25.23
C TYR D 381 6.78 4.16 25.92
N ARG D 382 7.98 3.75 26.33
CA ARG D 382 8.15 2.47 27.01
C ARG D 382 7.68 2.47 28.45
N THR D 383 7.48 3.66 28.99
CA THR D 383 7.03 3.81 30.36
C THR D 383 5.57 3.40 30.45
N ASP D 384 5.26 2.47 31.33
CA ASP D 384 3.90 2.02 31.51
C ASP D 384 3.22 3.08 32.38
N VAL D 385 2.36 3.88 31.77
CA VAL D 385 1.67 4.97 32.45
C VAL D 385 0.32 4.57 33.04
N GLU D 386 -0.04 3.31 32.93
CA GLU D 386 -1.32 2.85 33.46
C GLU D 386 -1.59 3.34 34.89
N PRO D 387 -0.59 3.31 35.78
CA PRO D 387 -0.83 3.78 37.15
C PRO D 387 -1.35 5.23 37.18
N ILE D 388 -0.82 6.03 36.27
CA ILE D 388 -1.23 7.42 36.17
C ILE D 388 -2.65 7.53 35.63
N LEU D 389 -2.98 6.67 34.66
CA LEU D 389 -4.32 6.68 34.09
C LEU D 389 -5.36 6.23 35.11
N ALA D 390 -5.00 5.24 35.93
CA ALA D 390 -5.89 4.70 36.94
C ALA D 390 -6.02 5.66 38.12
N GLU D 391 -4.89 6.23 38.57
CA GLU D 391 -4.95 7.16 39.68
C GLU D 391 -5.84 8.35 39.30
N ALA D 392 -5.67 8.82 38.08
CA ALA D 392 -6.45 9.94 37.56
C ALA D 392 -7.94 9.66 37.62
N ARG D 393 -8.35 8.47 37.18
CA ARG D 393 -9.76 8.10 37.22
C ARG D 393 -10.24 7.98 38.65
N ARG D 394 -9.42 7.35 39.49
CA ARG D 394 -9.79 7.16 40.88
C ARG D 394 -10.06 8.50 41.58
N ARG D 395 -9.18 9.47 41.36
CA ARG D 395 -9.31 10.78 41.97
C ARG D 395 -10.51 11.57 41.43
N THR D 396 -10.94 11.25 40.22
CA THR D 396 -12.04 11.98 39.60
C THR D 396 -13.37 11.26 39.51
N GLY D 397 -13.58 10.28 40.38
CA GLY D 397 -14.84 9.54 40.37
C GLY D 397 -14.92 8.37 39.41
N GLY D 398 -13.79 8.04 38.76
CA GLY D 398 -13.78 6.93 37.82
C GLY D 398 -13.41 5.59 38.42
N ALA D 399 -13.22 4.60 37.55
CA ALA D 399 -12.88 3.25 37.96
C ALA D 399 -11.42 2.94 37.70
N VAL D 400 -10.75 2.27 38.65
CA VAL D 400 -9.36 1.88 38.48
C VAL D 400 -9.28 0.95 37.27
N ASP D 401 -10.22 0.00 37.17
CA ASP D 401 -10.28 -0.89 36.01
C ASP D 401 -11.68 -0.73 35.41
N PRO D 402 -11.85 0.27 34.53
CA PRO D 402 -13.09 0.60 33.84
C PRO D 402 -13.91 -0.58 33.32
N VAL D 403 -13.30 -1.37 32.44
CA VAL D 403 -13.99 -2.52 31.89
C VAL D 403 -14.33 -3.51 32.99
N ALA D 404 -13.41 -3.69 33.94
CA ALA D 404 -13.66 -4.64 35.03
C ALA D 404 -14.88 -4.22 35.86
N THR D 405 -14.97 -2.93 36.18
CA THR D 405 -16.09 -2.42 36.96
C THR D 405 -17.35 -2.47 36.13
N TYR D 406 -17.20 -2.27 34.83
CA TYR D 406 -18.34 -2.28 33.93
C TYR D 406 -18.98 -3.66 33.90
N ARG D 407 -18.15 -4.68 33.78
CA ARG D 407 -18.68 -6.04 33.73
C ARG D 407 -19.24 -6.47 35.08
N ALA D 408 -18.71 -5.90 36.16
CA ALA D 408 -19.16 -6.22 37.51
C ALA D 408 -20.52 -5.58 37.79
N SER D 409 -20.88 -4.58 36.99
CA SER D 409 -22.15 -3.90 37.16
C SER D 409 -23.28 -4.66 36.49
N GLY D 410 -22.93 -5.51 35.53
CA GLY D 410 -23.95 -6.26 34.82
C GLY D 410 -24.82 -5.32 34.01
N TYR D 411 -24.28 -4.13 33.75
CA TYR D 411 -24.99 -3.11 32.98
C TYR D 411 -25.55 -3.64 31.67
N ARG D 412 -24.72 -4.34 30.91
CA ARG D 412 -25.15 -4.88 29.63
C ARG D 412 -26.35 -5.81 29.77
N ALA D 413 -26.38 -6.61 30.84
CA ALA D 413 -27.50 -7.52 31.06
C ALA D 413 -28.76 -6.68 31.33
N ARG D 414 -28.57 -5.64 32.15
CA ARG D 414 -29.65 -4.74 32.50
C ARG D 414 -30.27 -4.08 31.26
N VAL D 415 -29.47 -3.37 30.47
CA VAL D 415 -30.00 -2.71 29.28
C VAL D 415 -30.49 -3.68 28.20
N ALA D 416 -30.12 -4.96 28.33
CA ALA D 416 -30.56 -5.95 27.35
C ALA D 416 -31.97 -6.39 27.73
N ALA D 417 -32.31 -6.22 29.01
CA ALA D 417 -33.63 -6.59 29.48
C ALA D 417 -34.59 -5.43 29.23
N GLU D 418 -34.07 -4.20 29.27
CA GLU D 418 -34.91 -3.01 29.05
C GLU D 418 -35.08 -2.75 27.56
N ARG D 419 -34.28 -3.39 26.73
CA ARG D 419 -34.34 -3.19 25.29
C ARG D 419 -34.54 -4.48 24.50
N PRO D 420 -35.78 -4.99 24.45
CA PRO D 420 -36.01 -6.23 23.70
C PRO D 420 -35.27 -6.22 22.37
N ALA D 421 -34.69 -7.35 22.00
CA ALA D 421 -33.93 -7.49 20.76
C ALA D 421 -34.82 -7.65 19.53
#